data_9C9W
#
_entry.id   9C9W
#
_cell.length_a   1.00
_cell.length_b   1.00
_cell.length_c   1.00
_cell.angle_alpha   90.00
_cell.angle_beta   90.00
_cell.angle_gamma   90.00
#
_symmetry.space_group_name_H-M   'P 1'
#
loop_
_entity.id
_entity.type
_entity.pdbx_description
1 polymer 'DNA topoisomerase 3-beta-1'
2 polymer 'Tudor domain-containing protein 3'
3 polymer 'DNA topoisomerase 3-beta-1'
4 polymer "DNA (5'-D(P*CP*AP*GP*AP*TP*CP*AP*GP*AP*AP*TP*GP*AP*AP*TP*AP*TP*AP*CP*TP*AP*AP*A)-3')"
5 polymer "DNA (5'-D(*AP*TP*TP*GP*GP*AP*GP*TP*TP*CP*AP*TP*GP*TP*GP*AP*TP*GP*C)-3')"
6 polymer 'DNA (38-MER)'
7 non-polymer 'MANGANESE (II) ION'
#
loop_
_entity_poly.entity_id
_entity_poly.type
_entity_poly.pdbx_seq_one_letter_code
_entity_poly.pdbx_strand_id
1 'polypeptide(L)'
;VMKTVLMVAEKPSLAQSIAKILSRGSLSSHKGLNGACSVHEYTGTFAGQPVRFKMTSVCGHVMTLDFLGKYNKWDKVDPA
ELFSQAPTEKKEANPKLNMVKFLQVEGRGCDYIVLWLDCDKEGENICFEVLDAVLPVMNKAHGGEKTVFRARFSSITDTD
ICNAMACLGEPDHNEALSVDARQELDLRIGCAFTRFQTKYFQGKYGDLDSSLISFGPCQTPTLGFCVERHDKIQSFKPET
YWVLQAKVNTDKDRSLLLDWDRVRVFDREIAQMFLNMTKLEKEAQVEATSRKEKAKQRPLALNTVEMLRVASSSLGMGPQ
HAMQTAERLYTQGYISYPRTETTHYPENFDLKGSLRQQANHPYWADTVKRLLAEGINRPRKGHDAGDHPPITPMKSATEA
ELGGDAWRLYEYITRHFIATVSHDCKYLQSTISFRIGPELFTCSGKTVLSPGFTEVMPWQSVPLEESLPTCQRGDAFPVG
EVKMLEKQTNPPDYLTEAELITLMEKHGIGTDASIPVHINNICQRNYVTVESGRRLKPTNLGIVLVHGYYKIDAELVLPT
IRSAVEKQLNLIAQGKADYRQVLGHTLDVFKRKFHYFVDSIAGMDELMEVSF
;
A
2 'polypeptide(L)'
;MAQVAGAALSQAGWYLSDEGIEACTSSPDKVNVNDIILIALNTDLRTIGKKFLPSDINSGKVEKLEGPCVLQIQKIRNVA
APKDNEESQAAPRMLRLQMTDGHISCTAVEFSYMSKISLNTPPGTKVKLSGIVDIKNGFLLLNDSNTTVLGGEVEHLIEK
W
;
B,D
3 'polypeptide(L)'
;VMKTVLMVAEKPSLAQSIAKILSRGSLSSHKGLNGACSVHEYTGTFAGQPVRFKMTSVCGHVMTLDFLGKYNKWDKVDPA
ELFSQAPTEKKEANPKLNMVKFLQVEGRGCDYIVLWLDCDKEGENICFEVLDAVLPVMNKAHGGEKTVFRARFSSITDTD
ICNAMACLGEPDHNEALSVDARQELDLRIGCAFTRFQTKYFQGKYGDLDSSLISFGPCQTPTLGFCVERHDKIQSFKPET
YWVLQAKVNTDKDRSLLLDWDRVRVFDREIAQMFLNMTKLEKEAQVEATSRKEKAKQRPLALNTVEMLRVASSSLGMGPQ
HAMQTAERLYTQGYIS(PTR)PRTETTHYPENFDLKGSLRQQANHPYWADTVKRLLAEGINRPRKGHDAGDHPPITPMKS
ATEAELGGDAWRLYEYITRHFIATVSHDCKYLQSTISFRIGPELFTCSGKTVLSPGFTEVMPWQSVPLEESLPTCQRGDA
FPVGEVKMLEKQTNPPDYLTEAELITLMEKHGIGTDASIPVHINNICQRNYVTVESGRRLKPTNLGIVLVHGYYKIDAEL
VLPTIRSAVEKQLNLIAQGKADYRQVLGHTLDVFKRKFHYFVDSIAGMDELMEVSF
;
C
4 'polydeoxyribonucleotide'
;(DC)(DA)(DG)(DA)(DT)(DC)(DA)(DG)(DA)(DA)(DT)(DG)(DA)(DA)(DT)(DA)(DT)(DA)(DC)(DT)
(DA)(DA)(DA)
;
E
5 'polydeoxyribonucleotide' (DA)(DT)(DT)(DG)(DG)(DA)(DG)(DT)(DT)(DC)(DA)(DT)(DG)(DT)(DG)(DA)(DT)(DG)(DC) F
6 'polydeoxyribonucleotide'
;(DG)(DC)(DA)(DT)(DC)(DA)(DC)(DA)(DT)(DG)(DA)(DA)(DC)(DT)(DC)(DC)(N)(N)(N)(N)(DG)
(DT)(DG)(DT)(DT)(DC)(DA)(DA)(DT)(DT)(DC)(DA)(DT)(DT)(DC)(DT)(DG)(DA)(DT)(DC)(DT)
(DG)
;
L
#
# COMPACT_ATOMS: atom_id res chain seq x y z
N VAL A 1 6.17 -35.59 43.58
CA VAL A 1 6.46 -36.19 42.29
C VAL A 1 6.41 -35.10 41.22
N MET A 2 7.11 -35.32 40.11
CA MET A 2 7.20 -34.33 39.04
C MET A 2 5.84 -34.18 38.38
N LYS A 3 5.13 -33.11 38.69
CA LYS A 3 3.81 -32.87 38.13
C LYS A 3 3.89 -31.73 37.12
N THR A 4 2.72 -31.28 36.65
CA THR A 4 2.66 -30.24 35.62
C THR A 4 1.61 -29.19 35.98
N VAL A 5 1.95 -27.92 35.77
CA VAL A 5 1.08 -26.79 36.07
C VAL A 5 1.06 -25.87 34.86
N LEU A 6 -0.14 -25.47 34.44
CA LEU A 6 -0.32 -24.62 33.27
C LEU A 6 -0.81 -23.24 33.69
N MET A 7 -0.35 -22.22 32.97
CA MET A 7 -0.70 -20.83 33.24
C MET A 7 -1.32 -20.25 31.98
N VAL A 8 -2.36 -19.42 32.16
CA VAL A 8 -3.11 -18.83 31.06
C VAL A 8 -3.07 -17.31 31.18
N ALA A 9 -2.80 -16.66 30.05
CA ALA A 9 -2.83 -15.19 29.98
C ALA A 9 -3.34 -14.80 28.59
N GLU A 10 -3.37 -13.49 28.31
CA GLU A 10 -3.63 -13.07 26.93
C GLU A 10 -2.77 -11.83 26.61
N LYS A 11 -1.51 -12.08 26.24
CA LYS A 11 -0.68 -11.16 25.47
C LYS A 11 0.63 -11.91 25.21
N PRO A 12 1.16 -11.93 23.99
CA PRO A 12 2.47 -12.58 23.79
C PRO A 12 3.62 -11.86 24.48
N SER A 13 3.68 -10.53 24.40
CA SER A 13 4.78 -9.82 25.06
C SER A 13 4.70 -9.96 26.57
N LEU A 14 3.47 -9.89 27.12
CA LEU A 14 3.32 -10.11 28.55
C LEU A 14 3.70 -11.54 28.92
N ALA A 15 3.39 -12.50 28.05
CA ALA A 15 3.81 -13.88 28.30
C ALA A 15 5.33 -13.98 28.36
N GLN A 16 6.02 -13.32 27.42
CA GLN A 16 7.48 -13.34 27.44
C GLN A 16 8.02 -12.69 28.71
N SER A 17 7.42 -11.57 29.11
CA SER A 17 7.91 -10.87 30.31
C SER A 17 7.70 -11.72 31.56
N ILE A 18 6.53 -12.36 31.69
CA ILE A 18 6.29 -13.16 32.89
C ILE A 18 7.14 -14.41 32.88
N ALA A 19 7.43 -14.97 31.70
CA ALA A 19 8.41 -16.06 31.64
C ALA A 19 9.78 -15.59 32.11
N LYS A 20 10.18 -14.40 31.67
CA LYS A 20 11.48 -13.85 32.07
C LYS A 20 11.56 -13.67 33.58
N ILE A 21 10.50 -13.14 34.19
CA ILE A 21 10.53 -12.97 35.64
C ILE A 21 10.46 -14.32 36.34
N LEU A 22 9.77 -15.30 35.73
CA LEU A 22 9.55 -16.58 36.40
C LEU A 22 10.83 -17.40 36.46
N SER A 23 11.61 -17.40 35.38
CA SER A 23 12.82 -18.22 35.36
C SER A 23 14.11 -17.41 35.26
N ARG A 24 14.11 -16.29 34.54
CA ARG A 24 15.30 -15.55 34.14
C ARG A 24 16.17 -16.36 33.18
N GLY A 25 15.69 -17.50 32.70
CA GLY A 25 16.41 -18.31 31.75
C GLY A 25 15.64 -18.49 30.46
N SER A 26 14.64 -17.65 30.26
CA SER A 26 13.82 -17.57 29.04
C SER A 26 13.00 -18.84 28.79
N LEU A 27 12.97 -19.77 29.74
CA LEU A 27 12.22 -21.03 29.61
C LEU A 27 12.69 -21.74 28.34
N SER A 28 11.84 -22.58 27.77
CA SER A 28 12.02 -23.13 26.43
C SER A 28 10.69 -23.01 25.71
N SER A 29 10.75 -22.95 24.38
CA SER A 29 9.58 -22.59 23.58
C SER A 29 9.09 -23.79 22.78
N HIS A 30 7.79 -24.07 22.89
CA HIS A 30 7.08 -24.97 21.98
C HIS A 30 6.26 -24.16 21.00
N LYS A 31 6.30 -24.57 19.73
CA LYS A 31 5.49 -23.91 18.71
C LYS A 31 4.02 -24.00 19.08
N GLY A 32 3.32 -22.88 18.88
CA GLY A 32 1.92 -22.80 19.28
C GLY A 32 1.03 -23.83 18.63
N LEU A 33 0.58 -24.81 19.42
CA LEU A 33 -0.39 -25.77 18.93
C LEU A 33 -1.71 -25.10 18.58
N ASN A 34 -1.99 -23.95 19.20
CA ASN A 34 -3.18 -23.16 18.87
C ASN A 34 -3.06 -22.47 17.53
N GLY A 35 -1.89 -22.50 16.90
CA GLY A 35 -1.67 -21.82 15.64
C GLY A 35 -1.04 -20.45 15.77
N ALA A 36 -1.00 -19.89 16.98
CA ALA A 36 -0.38 -18.59 17.21
C ALA A 36 -0.01 -18.49 18.68
N CYS A 37 0.90 -17.56 18.98
CA CYS A 37 1.35 -17.29 20.34
C CYS A 37 1.96 -18.54 20.98
N SER A 38 3.11 -18.93 20.42
CA SER A 38 3.84 -20.11 20.88
C SER A 38 3.98 -20.10 22.40
N VAL A 39 4.00 -21.30 22.98
CA VAL A 39 3.92 -21.47 24.41
C VAL A 39 5.33 -21.71 24.96
N HIS A 40 5.46 -21.61 26.28
CA HIS A 40 6.77 -21.82 26.91
C HIS A 40 6.63 -22.82 28.05
N GLU A 41 7.78 -23.34 28.48
CA GLU A 41 7.80 -24.34 29.55
C GLU A 41 9.10 -24.25 30.34
N TYR A 42 9.03 -24.71 31.58
CA TYR A 42 10.15 -24.70 32.51
C TYR A 42 9.96 -25.84 33.50
N THR A 43 11.01 -26.12 34.25
CA THR A 43 11.04 -27.22 35.23
C THR A 43 10.91 -26.69 36.66
N GLY A 44 10.01 -25.73 36.89
CA GLY A 44 10.07 -24.91 38.06
C GLY A 44 9.52 -25.57 39.31
N THR A 45 9.36 -24.75 40.34
CA THR A 45 8.83 -25.19 41.64
C THR A 45 7.82 -24.14 42.10
N PHE A 46 6.53 -24.39 41.83
CA PHE A 46 5.50 -23.42 42.16
C PHE A 46 5.41 -23.20 43.67
N ALA A 47 4.93 -24.19 44.40
CA ALA A 47 5.04 -24.20 45.86
C ALA A 47 6.21 -25.05 46.31
N GLY A 48 7.38 -24.82 45.73
CA GLY A 48 8.54 -25.63 46.05
C GLY A 48 8.48 -27.06 45.57
N GLN A 49 7.52 -27.42 44.71
CA GLN A 49 7.44 -28.80 44.22
C GLN A 49 7.81 -28.86 42.74
N PRO A 50 8.43 -29.95 42.30
CA PRO A 50 8.88 -30.03 40.91
C PRO A 50 7.73 -30.12 39.91
N VAL A 51 7.48 -29.03 39.20
CA VAL A 51 6.34 -28.92 38.30
C VAL A 51 6.80 -28.32 36.98
N ARG A 52 6.36 -28.95 35.89
CA ARG A 52 6.51 -28.42 34.54
C ARG A 52 5.60 -27.20 34.42
N PHE A 53 6.20 -26.02 34.47
CA PHE A 53 5.50 -24.78 34.17
C PHE A 53 5.27 -24.70 32.68
N LYS A 54 4.07 -25.04 32.23
CA LYS A 54 3.67 -24.83 30.85
C LYS A 54 2.76 -23.61 30.80
N MET A 55 3.22 -22.56 30.11
CA MET A 55 2.56 -21.28 30.15
C MET A 55 2.17 -20.88 28.73
N THR A 56 0.97 -20.30 28.62
CA THR A 56 0.40 -19.92 27.33
C THR A 56 -0.37 -18.62 27.48
N SER A 57 -0.47 -17.88 26.40
CA SER A 57 -1.30 -16.68 26.31
C SER A 57 -2.25 -16.84 25.14
N VAL A 58 -3.55 -16.80 25.42
CA VAL A 58 -4.54 -16.99 24.36
C VAL A 58 -4.49 -15.80 23.40
N CYS A 59 -4.81 -16.06 22.13
CA CYS A 59 -4.74 -15.04 21.11
C CYS A 59 -5.94 -14.09 21.12
N GLY A 60 -6.99 -14.40 21.87
CA GLY A 60 -8.17 -13.55 21.89
C GLY A 60 -9.08 -13.79 23.07
N HIS A 61 -10.40 -13.74 22.83
CA HIS A 61 -11.37 -13.91 23.90
C HIS A 61 -12.67 -14.41 23.28
N VAL A 62 -12.99 -15.69 23.53
CA VAL A 62 -14.25 -16.24 23.02
C VAL A 62 -15.41 -15.51 23.66
N MET A 63 -16.41 -15.19 22.84
CA MET A 63 -17.46 -14.24 23.20
C MET A 63 -18.71 -14.66 22.42
N THR A 64 -19.66 -13.75 22.25
CA THR A 64 -20.84 -13.99 21.40
C THR A 64 -21.71 -15.12 21.95
N LEU A 65 -22.40 -14.78 23.03
CA LEU A 65 -23.54 -15.59 23.42
C LEU A 65 -24.54 -15.68 22.27
N ASP A 66 -24.94 -14.53 21.73
CA ASP A 66 -25.84 -14.45 20.57
C ASP A 66 -27.15 -15.16 20.92
N PHE A 67 -27.55 -16.22 20.23
CA PHE A 67 -28.81 -16.89 20.51
C PHE A 67 -28.63 -18.34 20.93
N LEU A 68 -27.93 -19.14 20.13
CA LEU A 68 -27.90 -20.59 20.27
C LEU A 68 -29.30 -21.19 20.22
N GLY A 69 -30.17 -20.54 19.45
CA GLY A 69 -31.51 -21.06 19.21
C GLY A 69 -32.03 -20.60 17.86
N LYS A 70 -32.43 -21.55 17.01
CA LYS A 70 -32.93 -21.19 15.69
C LYS A 70 -34.15 -20.30 15.79
N TYR A 71 -34.79 -20.26 16.95
CA TYR A 71 -35.90 -19.37 17.25
C TYR A 71 -35.55 -17.91 16.99
N ASN A 72 -34.27 -17.62 16.73
CA ASN A 72 -33.90 -16.28 16.27
C ASN A 72 -34.64 -15.93 14.98
N LYS A 73 -34.57 -16.82 13.99
CA LYS A 73 -35.29 -16.67 12.72
C LYS A 73 -35.20 -15.28 12.13
N TRP A 74 -36.28 -14.85 11.49
CA TRP A 74 -36.44 -13.53 10.90
C TRP A 74 -37.91 -13.16 10.99
N ASP A 75 -38.35 -12.21 10.18
CA ASP A 75 -39.68 -11.59 10.25
C ASP A 75 -40.80 -12.55 10.62
N LYS A 76 -40.73 -13.79 10.13
CA LYS A 76 -41.74 -14.78 10.46
C LYS A 76 -41.47 -15.45 11.81
N VAL A 77 -41.23 -14.63 12.85
CA VAL A 77 -40.98 -15.14 14.19
C VAL A 77 -41.93 -14.44 15.15
N ASP A 78 -42.19 -15.10 16.27
CA ASP A 78 -43.05 -14.53 17.29
C ASP A 78 -42.41 -13.27 17.88
N PRO A 79 -43.12 -12.13 17.89
CA PRO A 79 -42.55 -10.94 18.52
C PRO A 79 -42.16 -11.14 19.97
N ALA A 80 -42.87 -11.99 20.71
CA ALA A 80 -42.50 -12.24 22.09
C ALA A 80 -41.07 -12.74 22.21
N GLU A 81 -40.55 -13.35 21.14
CA GLU A 81 -39.16 -13.77 21.11
C GLU A 81 -38.23 -12.64 21.50
N LEU A 82 -38.42 -11.46 20.90
CA LEU A 82 -37.52 -10.36 21.21
C LEU A 82 -37.74 -9.77 22.60
N PHE A 83 -38.86 -10.08 23.25
CA PHE A 83 -39.06 -9.57 24.61
C PHE A 83 -38.35 -10.46 25.63
N SER A 84 -38.79 -11.71 25.76
CA SER A 84 -38.17 -12.65 26.69
C SER A 84 -38.00 -14.07 26.14
N GLN A 85 -38.65 -14.43 25.04
CA GLN A 85 -38.67 -15.81 24.57
C GLN A 85 -37.41 -16.08 23.75
N ALA A 86 -36.32 -16.35 24.47
CA ALA A 86 -35.06 -16.65 23.81
C ALA A 86 -34.20 -17.56 24.68
N PRO A 87 -34.03 -18.83 24.32
CA PRO A 87 -33.09 -19.67 25.06
C PRO A 87 -31.66 -19.24 24.80
N THR A 88 -31.01 -18.68 25.82
CA THR A 88 -29.73 -17.99 25.64
C THR A 88 -28.59 -18.86 26.12
N GLU A 89 -27.60 -19.07 25.25
CA GLU A 89 -26.35 -19.73 25.59
C GLU A 89 -25.27 -19.18 24.70
N LYS A 90 -24.01 -19.33 25.12
CA LYS A 90 -22.88 -18.75 24.42
C LYS A 90 -22.33 -19.71 23.38
N LYS A 91 -21.79 -19.17 22.29
CA LYS A 91 -21.19 -20.04 21.27
C LYS A 91 -19.69 -19.83 21.23
N GLU A 92 -18.99 -20.88 20.80
CA GLU A 92 -17.56 -20.83 20.54
C GLU A 92 -17.36 -20.06 19.23
N ALA A 93 -17.49 -18.74 19.33
CA ALA A 93 -17.50 -17.86 18.16
C ALA A 93 -16.11 -17.77 17.56
N ASN A 94 -15.99 -16.93 16.52
CA ASN A 94 -14.81 -16.62 15.71
C ASN A 94 -13.84 -17.79 15.59
N PRO A 95 -14.30 -18.98 15.18
CA PRO A 95 -13.38 -20.11 15.01
C PRO A 95 -12.34 -19.85 13.95
N LYS A 96 -12.47 -18.74 13.21
CA LYS A 96 -11.42 -18.33 12.28
C LYS A 96 -10.08 -18.21 13.00
N LEU A 97 -10.09 -17.89 14.29
CA LEU A 97 -8.84 -17.99 15.05
C LEU A 97 -8.52 -19.45 15.33
N ASN A 98 -9.39 -20.12 16.11
CA ASN A 98 -9.37 -21.56 16.42
C ASN A 98 -10.18 -21.85 17.69
N MET A 99 -9.50 -21.73 18.83
CA MET A 99 -9.92 -21.95 20.23
C MET A 99 -10.27 -23.41 20.47
N VAL A 100 -10.38 -24.20 19.40
CA VAL A 100 -10.49 -25.64 19.57
C VAL A 100 -9.17 -26.21 20.05
N LYS A 101 -8.07 -25.77 19.43
CA LYS A 101 -6.76 -26.14 19.93
C LYS A 101 -6.50 -25.55 21.31
N PHE A 102 -7.08 -24.39 21.61
CA PHE A 102 -6.98 -23.85 22.96
C PHE A 102 -7.61 -24.79 23.97
N LEU A 103 -8.82 -25.27 23.68
CA LEU A 103 -9.47 -26.23 24.57
C LEU A 103 -8.66 -27.53 24.65
N GLN A 104 -8.11 -27.98 23.54
CA GLN A 104 -7.30 -29.20 23.57
C GLN A 104 -6.07 -29.03 24.46
N VAL A 105 -5.38 -27.89 24.35
CA VAL A 105 -4.23 -27.64 25.20
C VAL A 105 -4.63 -27.56 26.66
N GLU A 106 -5.73 -26.87 26.95
CA GLU A 106 -6.23 -26.82 28.32
C GLU A 106 -6.65 -28.19 28.84
N GLY A 107 -6.93 -29.13 27.94
CA GLY A 107 -7.25 -30.49 28.34
C GLY A 107 -6.05 -31.28 28.81
N ARG A 108 -6.06 -32.59 28.54
CA ARG A 108 -4.99 -33.50 28.93
C ARG A 108 -4.90 -33.61 30.45
N GLY A 109 -4.37 -32.58 31.10
CA GLY A 109 -4.29 -32.60 32.56
C GLY A 109 -3.22 -31.69 33.12
N CYS A 110 -3.54 -31.00 34.23
CA CYS A 110 -2.62 -30.13 34.92
C CYS A 110 -2.82 -30.28 36.42
N ASP A 111 -1.72 -30.30 37.17
CA ASP A 111 -1.83 -30.38 38.63
C ASP A 111 -2.52 -29.14 39.19
N TYR A 112 -2.06 -27.95 38.78
CA TYR A 112 -2.61 -26.69 39.25
C TYR A 112 -2.89 -25.80 38.05
N ILE A 113 -3.83 -24.88 38.23
CA ILE A 113 -4.21 -23.91 37.20
C ILE A 113 -3.94 -22.52 37.74
N VAL A 114 -3.21 -21.71 36.97
CA VAL A 114 -2.89 -20.34 37.32
C VAL A 114 -3.43 -19.42 36.23
N LEU A 115 -4.19 -18.41 36.64
CA LEU A 115 -4.84 -17.49 35.72
C LEU A 115 -4.29 -16.08 35.95
N TRP A 116 -3.80 -15.47 34.86
CA TRP A 116 -3.08 -14.20 34.91
C TRP A 116 -3.57 -13.25 33.82
N LEU A 117 -4.86 -13.29 33.51
CA LEU A 117 -5.39 -12.52 32.40
C LEU A 117 -5.61 -11.06 32.81
N ASP A 118 -6.33 -10.31 31.99
CA ASP A 118 -6.51 -8.88 32.22
C ASP A 118 -7.16 -8.59 33.56
N CYS A 119 -6.63 -7.61 34.27
CA CYS A 119 -7.09 -7.26 35.62
C CYS A 119 -8.20 -6.20 35.53
N ASP A 120 -9.35 -6.66 35.06
CA ASP A 120 -10.54 -5.82 34.97
C ASP A 120 -11.75 -6.74 34.96
N LYS A 121 -12.93 -6.13 34.83
CA LYS A 121 -14.17 -6.91 34.79
C LYS A 121 -14.22 -7.80 33.54
N GLU A 122 -13.83 -7.26 32.39
CA GLU A 122 -13.79 -8.07 31.17
C GLU A 122 -12.76 -9.19 31.30
N GLY A 123 -11.60 -8.88 31.88
CA GLY A 123 -10.60 -9.91 32.08
C GLY A 123 -11.09 -11.01 33.01
N GLU A 124 -11.83 -10.64 34.05
CA GLU A 124 -12.43 -11.64 34.93
C GLU A 124 -13.47 -12.47 34.18
N ASN A 125 -14.19 -11.85 33.25
CA ASN A 125 -15.14 -12.60 32.42
C ASN A 125 -14.40 -13.66 31.59
N ILE A 126 -13.31 -13.25 30.95
CA ILE A 126 -12.51 -14.22 30.18
C ILE A 126 -11.95 -15.30 31.10
N CYS A 127 -11.53 -14.90 32.30
CA CYS A 127 -10.95 -15.85 33.25
C CYS A 127 -11.97 -16.92 33.65
N PHE A 128 -13.19 -16.50 33.98
CA PHE A 128 -14.21 -17.46 34.40
C PHE A 128 -14.66 -18.32 33.24
N GLU A 129 -14.75 -17.75 32.03
CA GLU A 129 -15.13 -18.55 30.88
C GLU A 129 -14.06 -19.58 30.55
N VAL A 130 -12.79 -19.24 30.75
CA VAL A 130 -11.72 -20.23 30.59
C VAL A 130 -11.80 -21.27 31.71
N LEU A 131 -12.13 -20.83 32.92
CA LEU A 131 -12.17 -21.73 34.07
C LEU A 131 -13.23 -22.81 33.88
N ASP A 132 -14.43 -22.41 33.47
CA ASP A 132 -15.52 -23.38 33.32
C ASP A 132 -15.27 -24.35 32.18
N ALA A 133 -14.27 -24.11 31.35
CA ALA A 133 -13.86 -25.06 30.32
C ALA A 133 -12.65 -25.89 30.72
N VAL A 134 -11.77 -25.35 31.56
CA VAL A 134 -10.57 -26.10 31.93
C VAL A 134 -10.86 -27.08 33.06
N LEU A 135 -11.74 -26.72 34.00
CA LEU A 135 -12.09 -27.67 35.05
C LEU A 135 -12.69 -28.98 34.54
N PRO A 136 -13.60 -28.99 33.55
CA PRO A 136 -14.13 -30.29 33.07
C PRO A 136 -13.08 -31.19 32.46
N VAL A 137 -11.94 -30.65 32.01
CA VAL A 137 -10.95 -31.44 31.28
C VAL A 137 -9.68 -31.69 32.09
N MET A 138 -9.53 -31.07 33.26
CA MET A 138 -8.33 -31.30 34.06
C MET A 138 -8.38 -32.68 34.71
N ASN A 139 -7.24 -33.10 35.27
CA ASN A 139 -7.09 -34.47 35.74
C ASN A 139 -8.07 -34.79 36.86
N LYS A 140 -7.91 -34.14 38.01
CA LYS A 140 -8.75 -34.41 39.17
C LYS A 140 -8.47 -33.36 40.23
N ALA A 141 -9.46 -33.14 41.09
CA ALA A 141 -9.38 -32.19 42.20
C ALA A 141 -9.14 -32.88 43.53
N HIS A 142 -8.31 -33.93 43.52
CA HIS A 142 -8.04 -34.69 44.74
C HIS A 142 -7.44 -33.80 45.82
N GLY A 143 -7.92 -33.98 47.05
CA GLY A 143 -7.45 -33.22 48.18
C GLY A 143 -8.25 -31.94 48.38
N GLY A 144 -8.18 -31.43 49.62
CA GLY A 144 -8.86 -30.19 49.94
C GLY A 144 -8.19 -28.94 49.42
N GLU A 145 -6.96 -29.07 48.92
CA GLU A 145 -6.26 -27.92 48.38
C GLU A 145 -6.91 -27.47 47.08
N LYS A 146 -7.04 -26.15 46.92
CA LYS A 146 -7.59 -25.60 45.68
C LYS A 146 -6.55 -25.64 44.57
N THR A 147 -7.02 -25.50 43.33
CA THR A 147 -6.18 -25.61 42.16
C THR A 147 -6.20 -24.36 41.29
N VAL A 148 -6.84 -23.28 41.73
CA VAL A 148 -6.91 -22.02 40.99
C VAL A 148 -6.12 -20.97 41.76
N PHE A 149 -5.25 -20.25 41.04
CA PHE A 149 -4.38 -19.26 41.65
C PHE A 149 -4.34 -18.03 40.76
N ARG A 150 -4.76 -16.89 41.32
CA ARG A 150 -4.85 -15.63 40.59
C ARG A 150 -3.90 -14.62 41.20
N ALA A 151 -3.11 -13.97 40.35
CA ALA A 151 -2.22 -12.91 40.79
C ALA A 151 -2.98 -11.59 40.92
N ARG A 152 -2.28 -10.58 41.41
CA ARG A 152 -2.88 -9.26 41.62
C ARG A 152 -2.03 -8.15 41.02
N PHE A 153 -1.34 -8.44 39.91
CA PHE A 153 -0.56 -7.41 39.25
C PHE A 153 -1.47 -6.38 38.58
N SER A 154 -1.05 -5.12 38.61
CA SER A 154 -1.84 -4.04 38.04
C SER A 154 -1.50 -3.78 36.58
N SER A 155 -0.21 -3.72 36.25
CA SER A 155 0.25 -3.50 34.90
C SER A 155 1.68 -4.02 34.79
N ILE A 156 2.37 -3.64 33.72
CA ILE A 156 3.77 -4.03 33.55
C ILE A 156 4.64 -3.25 34.54
N THR A 157 4.98 -3.90 35.65
CA THR A 157 5.79 -3.29 36.70
C THR A 157 6.53 -4.40 37.42
N ASP A 158 7.86 -4.32 37.43
CA ASP A 158 8.67 -5.43 37.92
C ASP A 158 8.42 -5.70 39.40
N THR A 159 8.49 -4.66 40.23
CA THR A 159 8.27 -4.85 41.66
C THR A 159 6.84 -5.28 41.94
N ASP A 160 5.87 -4.70 41.20
CA ASP A 160 4.47 -5.04 41.41
C ASP A 160 4.22 -6.50 41.11
N ILE A 161 4.73 -7.01 40.00
CA ILE A 161 4.54 -8.41 39.67
C ILE A 161 5.34 -9.30 40.61
N CYS A 162 6.51 -8.85 41.07
CA CYS A 162 7.30 -9.63 42.02
C CYS A 162 6.53 -9.84 43.32
N ASN A 163 5.90 -8.79 43.84
CA ASN A 163 5.12 -8.97 45.06
C ASN A 163 3.77 -9.64 44.79
N ALA A 164 3.22 -9.48 43.58
CA ALA A 164 1.98 -10.15 43.25
C ALA A 164 2.17 -11.66 43.13
N MET A 165 3.38 -12.10 42.80
CA MET A 165 3.67 -13.53 42.79
C MET A 165 3.37 -14.14 44.15
N ALA A 166 3.78 -13.46 45.23
CA ALA A 166 3.38 -13.90 46.56
C ALA A 166 1.92 -13.57 46.84
N CYS A 167 1.41 -12.49 46.25
CA CYS A 167 0.02 -12.08 46.46
C CYS A 167 -0.89 -12.92 45.57
N LEU A 168 -1.10 -14.16 46.00
CA LEU A 168 -1.92 -15.11 45.27
C LEU A 168 -3.34 -15.12 45.83
N GLY A 169 -4.21 -15.90 45.19
CA GLY A 169 -5.58 -16.01 45.65
C GLY A 169 -6.48 -16.50 44.53
N GLU A 170 -7.76 -16.54 44.86
CA GLU A 170 -8.86 -16.95 43.98
C GLU A 170 -9.55 -15.72 43.39
N PRO A 171 -9.84 -15.72 42.10
CA PRO A 171 -10.49 -14.56 41.48
C PRO A 171 -11.86 -14.30 42.10
N ASP A 172 -12.19 -13.02 42.24
CA ASP A 172 -13.48 -12.64 42.81
C ASP A 172 -14.61 -13.00 41.85
N HIS A 173 -15.73 -13.43 42.42
CA HIS A 173 -16.87 -13.86 41.63
C HIS A 173 -17.86 -12.72 41.45
N ASN A 174 -18.78 -12.93 40.51
CA ASN A 174 -19.98 -12.18 40.11
C ASN A 174 -19.67 -10.93 39.27
N GLU A 175 -18.42 -10.51 39.15
CA GLU A 175 -18.12 -9.42 38.22
C GLU A 175 -18.30 -9.89 36.77
N ALA A 176 -17.85 -11.11 36.48
CA ALA A 176 -18.07 -11.69 35.16
C ALA A 176 -19.55 -11.83 34.88
N LEU A 177 -20.33 -12.18 35.90
CA LEU A 177 -21.76 -12.33 35.70
C LEU A 177 -22.44 -10.98 35.51
N SER A 178 -21.95 -9.94 36.20
CA SER A 178 -22.43 -8.59 35.94
C SER A 178 -22.18 -8.20 34.49
N VAL A 179 -20.95 -8.38 34.02
CA VAL A 179 -20.61 -7.91 32.68
C VAL A 179 -21.34 -8.73 31.62
N ASP A 180 -21.43 -10.05 31.78
CA ASP A 180 -22.09 -10.81 30.73
C ASP A 180 -23.58 -10.55 30.75
N ALA A 181 -24.16 -10.31 31.93
CA ALA A 181 -25.54 -9.87 32.01
C ALA A 181 -25.75 -8.57 31.23
N ARG A 182 -24.80 -7.64 31.34
CA ARG A 182 -24.87 -6.44 30.53
C ARG A 182 -24.87 -6.79 29.04
N GLN A 183 -24.02 -7.74 28.65
CA GLN A 183 -24.03 -8.14 27.25
C GLN A 183 -25.39 -8.72 26.82
N GLU A 184 -25.99 -9.61 27.61
CA GLU A 184 -27.27 -10.16 27.14
C GLU A 184 -28.34 -9.08 27.10
N LEU A 185 -28.27 -8.11 28.02
CA LEU A 185 -29.20 -6.98 27.94
C LEU A 185 -29.04 -6.24 26.62
N ASP A 186 -27.79 -6.00 26.22
CA ASP A 186 -27.55 -5.37 24.92
C ASP A 186 -28.09 -6.22 23.78
N LEU A 187 -27.82 -7.52 23.81
CA LEU A 187 -28.41 -8.45 22.84
C LEU A 187 -29.90 -8.24 22.71
N ARG A 188 -30.63 -8.41 23.82
CA ARG A 188 -32.08 -8.42 23.76
C ARG A 188 -32.62 -7.08 23.25
N ILE A 189 -32.11 -5.98 23.78
CA ILE A 189 -32.66 -4.68 23.40
C ILE A 189 -32.37 -4.39 21.92
N GLY A 190 -31.12 -4.60 21.50
CA GLY A 190 -30.79 -4.33 20.11
C GLY A 190 -31.57 -5.21 19.15
N CYS A 191 -31.69 -6.49 19.46
CA CYS A 191 -32.44 -7.40 18.59
C CYS A 191 -33.91 -6.99 18.53
N ALA A 192 -34.49 -6.61 19.67
CA ALA A 192 -35.88 -6.19 19.68
C ALA A 192 -36.10 -5.01 18.76
N PHE A 193 -35.29 -3.95 18.92
CA PHE A 193 -35.55 -2.76 18.14
C PHE A 193 -35.22 -2.98 16.67
N THR A 194 -34.20 -3.78 16.36
CA THR A 194 -33.92 -4.08 14.95
C THR A 194 -35.08 -4.83 14.32
N ARG A 195 -35.63 -5.82 15.03
CA ARG A 195 -36.74 -6.58 14.47
C ARG A 195 -37.92 -5.67 14.18
N PHE A 196 -38.31 -4.83 15.14
CA PHE A 196 -39.49 -4.02 14.85
C PHE A 196 -39.21 -2.79 13.98
N GLN A 197 -37.95 -2.34 13.84
CA GLN A 197 -37.70 -1.35 12.80
C GLN A 197 -37.81 -1.99 11.43
N THR A 198 -37.32 -3.23 11.29
CA THR A 198 -37.51 -3.97 10.04
C THR A 198 -38.98 -4.26 9.79
N LYS A 199 -39.79 -4.34 10.86
CA LYS A 199 -41.22 -4.60 10.70
C LYS A 199 -41.98 -3.34 10.30
N TYR A 200 -41.74 -2.22 10.98
CA TYR A 200 -42.56 -1.02 10.83
C TYR A 200 -41.87 0.14 10.13
N PHE A 201 -40.59 0.41 10.47
CA PHE A 201 -39.93 1.61 9.97
C PHE A 201 -39.86 1.61 8.45
N GLN A 202 -39.54 0.46 7.84
CA GLN A 202 -39.49 0.39 6.39
C GLN A 202 -40.86 0.65 5.77
N GLY A 203 -41.93 0.17 6.42
CA GLY A 203 -43.29 0.48 6.02
C GLY A 203 -43.61 0.21 4.56
N LYS A 204 -42.87 -0.71 3.95
CA LYS A 204 -43.02 -1.03 2.52
C LYS A 204 -42.88 0.22 1.66
N TYR A 205 -41.95 1.11 2.06
CA TYR A 205 -41.74 2.35 1.34
C TYR A 205 -41.05 2.14 0.01
N GLY A 206 -40.42 0.98 -0.21
CA GLY A 206 -39.73 0.73 -1.46
C GLY A 206 -38.33 1.32 -1.50
N ASP A 207 -38.25 2.64 -1.42
CA ASP A 207 -36.95 3.30 -1.40
C ASP A 207 -36.25 3.15 -0.05
N LEU A 208 -37.02 3.25 1.04
CA LEU A 208 -36.44 3.18 2.37
C LEU A 208 -36.30 1.75 2.90
N ASP A 209 -36.77 0.76 2.15
CA ASP A 209 -36.61 -0.62 2.59
C ASP A 209 -35.15 -1.05 2.59
N SER A 210 -34.35 -0.48 1.67
CA SER A 210 -32.93 -0.81 1.63
C SER A 210 -32.22 -0.37 2.90
N SER A 211 -32.57 0.81 3.41
CA SER A 211 -31.92 1.33 4.61
C SER A 211 -32.27 0.48 5.82
N LEU A 212 -31.35 0.44 6.79
CA LEU A 212 -31.49 -0.33 8.01
C LEU A 212 -31.32 0.58 9.22
N ILE A 213 -32.17 0.38 10.22
CA ILE A 213 -32.07 1.09 11.49
C ILE A 213 -31.38 0.15 12.47
N SER A 214 -30.17 0.50 12.89
CA SER A 214 -29.37 -0.32 13.79
C SER A 214 -29.38 0.35 15.16
N PHE A 215 -30.39 0.00 15.96
CA PHE A 215 -30.53 0.57 17.29
C PHE A 215 -29.59 -0.11 18.27
N GLY A 216 -29.18 0.64 19.29
CA GLY A 216 -28.40 0.10 20.36
C GLY A 216 -28.64 0.84 21.66
N PRO A 217 -28.12 0.31 22.76
CA PRO A 217 -28.26 1.01 24.04
C PRO A 217 -27.57 2.36 24.07
N CYS A 218 -26.59 2.59 23.20
CA CYS A 218 -25.91 3.87 23.12
C CYS A 218 -25.99 4.54 21.76
N GLN A 219 -26.40 3.81 20.72
CA GLN A 219 -26.46 4.41 19.38
C GLN A 219 -27.44 5.57 19.34
N THR A 220 -28.62 5.39 19.92
CA THR A 220 -29.61 6.49 19.93
C THR A 220 -29.14 7.68 20.75
N PRO A 221 -28.59 7.54 21.96
CA PRO A 221 -28.04 8.72 22.63
C PRO A 221 -26.91 9.38 21.86
N THR A 222 -26.08 8.60 21.16
CA THR A 222 -25.04 9.22 20.34
C THR A 222 -25.66 10.04 19.21
N LEU A 223 -26.70 9.52 18.57
CA LEU A 223 -27.38 10.28 17.54
C LEU A 223 -28.03 11.53 18.13
N GLY A 224 -28.57 11.41 19.35
CA GLY A 224 -29.15 12.58 20.00
C GLY A 224 -28.12 13.66 20.28
N PHE A 225 -26.91 13.25 20.69
CA PHE A 225 -25.79 14.16 20.85
C PHE A 225 -25.21 14.63 19.53
N CYS A 226 -25.55 13.98 18.43
CA CYS A 226 -25.22 14.55 17.13
C CYS A 226 -26.27 15.55 16.65
N VAL A 227 -27.51 15.42 17.13
CA VAL A 227 -28.61 16.21 16.57
C VAL A 227 -29.06 17.38 17.45
N GLU A 228 -28.78 17.35 18.75
CA GLU A 228 -29.28 18.43 19.59
C GLU A 228 -28.58 19.74 19.25
N ARG A 229 -27.35 19.67 18.75
CA ARG A 229 -26.66 20.87 18.31
C ARG A 229 -27.37 21.48 17.11
N HIS A 230 -27.83 20.64 16.18
CA HIS A 230 -28.67 21.12 15.10
C HIS A 230 -29.97 21.71 15.64
N ASP A 231 -30.52 21.11 16.69
CA ASP A 231 -31.73 21.65 17.29
C ASP A 231 -31.51 23.06 17.83
N LYS A 232 -30.42 23.26 18.58
CA LYS A 232 -30.10 24.60 19.06
C LYS A 232 -29.75 25.55 17.92
N ILE A 233 -29.21 25.03 16.82
CA ILE A 233 -29.00 25.87 15.64
C ILE A 233 -30.34 26.35 15.10
N GLN A 234 -31.31 25.44 15.00
CA GLN A 234 -32.66 25.84 14.61
C GLN A 234 -33.28 26.81 15.61
N SER A 235 -32.84 26.74 16.87
CA SER A 235 -33.28 27.74 17.85
C SER A 235 -32.84 29.13 17.42
N PHE A 236 -31.60 29.25 16.94
CA PHE A 236 -31.13 30.46 16.25
C PHE A 236 -31.26 31.70 17.13
N LYS A 237 -30.93 31.57 18.41
CA LYS A 237 -31.02 32.69 19.33
C LYS A 237 -29.78 33.55 19.20
N PRO A 238 -29.89 34.81 18.76
CA PRO A 238 -28.69 35.64 18.58
C PRO A 238 -28.12 36.16 19.90
N GLU A 239 -27.09 36.98 19.82
CA GLU A 239 -26.43 37.52 20.99
C GLU A 239 -26.01 38.96 20.70
N THR A 240 -25.53 39.65 21.73
CA THR A 240 -25.11 41.04 21.63
C THR A 240 -23.82 41.24 22.41
N TYR A 241 -22.89 42.00 21.84
CA TYR A 241 -21.68 42.39 22.56
C TYR A 241 -21.00 43.57 21.88
N TRP A 242 -19.73 43.78 22.22
CA TRP A 242 -19.02 45.00 21.90
C TRP A 242 -17.62 44.65 21.38
N VAL A 243 -17.04 45.57 20.61
CA VAL A 243 -15.70 45.40 20.06
C VAL A 243 -14.98 46.73 20.17
N LEU A 244 -13.74 46.70 20.67
CA LEU A 244 -12.91 47.89 20.77
C LEU A 244 -12.10 48.07 19.49
N GLN A 245 -12.14 49.27 18.93
CA GLN A 245 -11.46 49.56 17.67
C GLN A 245 -10.50 50.73 17.85
N ALA A 246 -9.34 50.64 17.22
CA ALA A 246 -8.34 51.70 17.32
C ALA A 246 -7.42 51.64 16.11
N LYS A 247 -6.68 52.72 15.91
CA LYS A 247 -5.85 52.95 14.73
C LYS A 247 -4.50 53.47 15.19
N VAL A 248 -3.43 52.86 14.70
CA VAL A 248 -2.07 53.34 14.93
C VAL A 248 -1.57 54.01 13.65
N ASN A 249 -1.14 55.26 13.75
CA ASN A 249 -0.97 56.06 12.56
C ASN A 249 0.14 55.52 11.67
N THR A 250 -0.09 55.53 10.36
CA THR A 250 0.85 55.07 9.37
C THR A 250 1.68 56.27 8.93
N ASP A 251 2.34 56.18 7.77
CA ASP A 251 3.16 57.25 7.24
C ASP A 251 2.34 58.31 6.51
N LYS A 252 1.03 58.35 6.81
CA LYS A 252 -0.02 59.21 6.25
C LYS A 252 -0.52 58.67 4.91
N ASP A 253 0.05 57.58 4.40
CA ASP A 253 -0.40 56.97 3.16
C ASP A 253 -1.32 55.78 3.37
N ARG A 254 -0.92 54.83 4.22
CA ARG A 254 -1.68 53.61 4.46
C ARG A 254 -2.44 53.71 5.78
N SER A 255 -3.04 52.60 6.19
CA SER A 255 -3.80 52.51 7.43
C SER A 255 -3.40 51.28 8.21
N LEU A 256 -3.46 51.38 9.54
CA LEU A 256 -3.04 50.28 10.42
C LEU A 256 -4.03 50.19 11.59
N LEU A 257 -5.06 49.37 11.41
CA LEU A 257 -6.01 49.10 12.47
C LEU A 257 -5.45 48.03 13.41
N LEU A 258 -6.15 47.81 14.52
CA LEU A 258 -5.77 46.81 15.49
C LEU A 258 -6.99 45.99 15.88
N ASP A 259 -6.78 45.02 16.79
CA ASP A 259 -7.77 43.99 17.02
C ASP A 259 -8.21 43.81 18.47
N TRP A 260 -7.70 44.60 19.41
CA TRP A 260 -8.13 44.50 20.81
C TRP A 260 -7.91 43.10 21.38
N ASP A 261 -6.63 42.78 21.56
CA ASP A 261 -6.15 41.48 22.02
C ASP A 261 -7.06 40.80 23.04
N ARG A 262 -7.62 41.57 23.97
CA ARG A 262 -8.69 41.06 24.82
C ARG A 262 -9.96 40.98 24.00
N VAL A 263 -10.01 40.04 23.05
CA VAL A 263 -11.07 40.03 22.06
C VAL A 263 -12.40 39.68 22.71
N ARG A 264 -13.42 40.49 22.43
CA ARG A 264 -14.81 40.26 22.82
C ARG A 264 -15.01 40.44 24.32
N VAL A 265 -16.15 41.03 24.70
CA VAL A 265 -16.56 41.17 26.08
C VAL A 265 -18.07 41.33 26.09
N PHE A 266 -18.72 40.79 27.12
CA PHE A 266 -20.18 40.81 27.21
C PHE A 266 -20.55 41.71 28.38
N ASP A 267 -20.77 42.99 28.09
CA ASP A 267 -21.00 43.97 29.15
C ASP A 267 -21.71 45.18 28.54
N ARG A 268 -21.93 46.20 29.39
CA ARG A 268 -22.43 47.48 28.93
C ARG A 268 -21.58 48.60 29.52
N GLU A 269 -20.97 48.35 30.68
CA GLU A 269 -20.25 49.37 31.42
C GLU A 269 -18.76 49.13 31.53
N ILE A 270 -18.31 47.87 31.61
CA ILE A 270 -16.87 47.61 31.71
C ILE A 270 -16.19 48.00 30.40
N ALA A 271 -16.84 47.74 29.27
CA ALA A 271 -16.30 48.21 27.99
C ALA A 271 -16.23 49.73 27.95
N GLN A 272 -17.25 50.40 28.48
CA GLN A 272 -17.22 51.85 28.56
C GLN A 272 -16.07 52.33 29.44
N MET A 273 -15.80 51.62 30.53
CA MET A 273 -14.68 51.98 31.40
C MET A 273 -13.35 51.82 30.68
N PHE A 274 -13.20 50.72 29.95
CA PHE A 274 -11.98 50.52 29.17
C PHE A 274 -11.82 51.61 28.12
N LEU A 275 -12.93 52.02 27.50
CA LEU A 275 -12.89 53.15 26.58
C LEU A 275 -12.44 54.41 27.31
N ASN A 276 -12.93 54.62 28.53
CA ASN A 276 -12.49 55.76 29.33
C ASN A 276 -10.98 55.71 29.54
N MET A 277 -10.45 54.51 29.80
CA MET A 277 -9.01 54.35 29.91
C MET A 277 -8.33 54.40 28.54
N THR A 278 -9.08 54.16 27.47
CA THR A 278 -8.54 54.18 26.11
C THR A 278 -9.24 55.25 25.26
N LYS A 279 -9.41 56.43 25.82
CA LYS A 279 -9.86 57.60 25.07
C LYS A 279 -8.91 58.77 25.20
N LEU A 280 -7.82 58.62 25.95
CA LEU A 280 -6.82 59.67 26.07
C LEU A 280 -5.46 59.17 25.62
N GLU A 281 -5.43 58.46 24.49
CA GLU A 281 -4.14 58.02 23.94
C GLU A 281 -3.30 59.22 23.55
N LYS A 282 -2.02 59.16 23.92
CA LYS A 282 -1.03 60.14 23.49
C LYS A 282 0.14 59.50 22.76
N GLU A 283 0.59 58.34 23.22
CA GLU A 283 1.71 57.64 22.61
C GLU A 283 1.47 56.14 22.72
N ALA A 284 2.01 55.40 21.75
CA ALA A 284 1.96 53.95 21.74
C ALA A 284 3.37 53.40 21.86
N GLN A 285 3.46 52.08 22.05
CA GLN A 285 4.76 51.42 22.09
C GLN A 285 4.74 50.18 21.21
N VAL A 286 5.88 49.87 20.62
CA VAL A 286 6.03 48.65 19.82
C VAL A 286 6.66 47.61 20.74
N GLU A 287 5.81 46.88 21.46
CA GLU A 287 6.32 45.95 22.46
C GLU A 287 6.83 44.66 21.83
N ALA A 288 6.20 44.20 20.75
CA ALA A 288 6.58 42.94 20.15
C ALA A 288 5.97 42.83 18.76
N THR A 289 6.77 42.32 17.82
CA THR A 289 6.31 41.95 16.49
C THR A 289 6.77 40.54 16.19
N SER A 290 5.96 39.77 15.46
CA SER A 290 6.32 38.37 15.14
C SER A 290 6.17 38.11 13.64
N ARG A 291 7.00 37.23 13.10
CA ARG A 291 6.97 36.92 11.64
C ARG A 291 7.34 35.45 11.44
N LYS A 292 6.36 34.59 11.20
CA LYS A 292 6.65 33.15 11.10
C LYS A 292 6.57 32.70 9.65
N GLU A 293 6.75 31.41 9.41
CA GLU A 293 6.60 30.88 8.05
C GLU A 293 5.92 29.53 8.07
N LYS A 294 4.70 29.46 7.59
CA LYS A 294 3.95 28.22 7.45
C LYS A 294 3.43 28.12 6.03
N ALA A 295 3.38 26.90 5.52
CA ALA A 295 3.08 26.64 4.11
C ALA A 295 1.73 25.94 3.98
N LYS A 296 0.86 26.52 3.16
CA LYS A 296 -0.38 25.83 2.82
C LYS A 296 -0.07 24.59 2.00
N GLN A 297 -0.81 23.51 2.28
CA GLN A 297 -0.53 22.22 1.69
C GLN A 297 -1.28 22.04 0.37
N ARG A 298 -0.67 21.24 -0.52
CA ARG A 298 -1.24 21.00 -1.83
C ARG A 298 -2.54 20.19 -1.71
N PRO A 299 -3.45 20.34 -2.65
CA PRO A 299 -4.74 19.64 -2.56
C PRO A 299 -4.57 18.14 -2.82
N LEU A 300 -5.63 17.40 -2.50
CA LEU A 300 -5.67 15.97 -2.68
C LEU A 300 -6.38 15.62 -3.99
N ALA A 301 -6.31 14.34 -4.35
CA ALA A 301 -7.08 13.85 -5.47
C ALA A 301 -8.57 13.99 -5.19
N LEU A 302 -9.33 14.38 -6.20
CA LEU A 302 -10.74 14.69 -5.99
C LEU A 302 -11.56 13.42 -5.86
N ASN A 303 -12.40 13.37 -4.83
CA ASN A 303 -13.39 12.33 -4.64
C ASN A 303 -14.71 12.75 -5.28
N THR A 304 -15.62 11.79 -5.40
CA THR A 304 -16.97 12.12 -5.80
C THR A 304 -17.64 13.02 -4.77
N VAL A 305 -17.43 12.73 -3.49
CA VAL A 305 -18.03 13.54 -2.43
C VAL A 305 -17.48 14.97 -2.47
N GLU A 306 -16.17 15.12 -2.64
CA GLU A 306 -15.59 16.45 -2.67
C GLU A 306 -16.04 17.20 -3.93
N MET A 307 -16.09 16.50 -5.06
CA MET A 307 -16.58 17.14 -6.29
C MET A 307 -18.00 17.64 -6.11
N LEU A 308 -18.87 16.80 -5.53
CA LEU A 308 -20.26 17.20 -5.31
C LEU A 308 -20.34 18.37 -4.34
N ARG A 309 -19.53 18.35 -3.29
CA ARG A 309 -19.57 19.42 -2.30
C ARG A 309 -19.16 20.75 -2.91
N VAL A 310 -18.05 20.77 -3.64
CA VAL A 310 -17.59 22.02 -4.23
C VAL A 310 -18.52 22.47 -5.35
N ALA A 311 -19.14 21.53 -6.06
CA ALA A 311 -20.06 21.88 -7.14
C ALA A 311 -21.38 22.42 -6.61
N SER A 312 -21.83 21.93 -5.45
CA SER A 312 -22.93 22.61 -4.76
C SER A 312 -22.49 23.98 -4.27
N SER A 313 -21.26 24.07 -3.76
CA SER A 313 -20.52 25.32 -3.62
C SER A 313 -19.85 25.66 -4.94
N SER A 314 -18.85 26.55 -4.89
CA SER A 314 -18.13 27.04 -6.06
C SER A 314 -19.06 27.59 -7.11
N LEU A 315 -19.13 26.94 -8.28
CA LEU A 315 -20.13 27.32 -9.27
C LEU A 315 -21.54 27.21 -8.69
N GLY A 316 -21.84 26.11 -8.03
CA GLY A 316 -23.01 26.07 -7.17
C GLY A 316 -24.28 25.60 -7.85
N MET A 317 -24.66 24.33 -7.66
CA MET A 317 -25.89 23.80 -8.23
C MET A 317 -26.05 22.36 -7.74
N GLY A 318 -27.30 21.88 -7.71
CA GLY A 318 -27.69 20.72 -6.93
C GLY A 318 -27.06 19.38 -7.31
N PRO A 319 -27.05 18.46 -6.35
CA PRO A 319 -26.46 17.13 -6.61
C PRO A 319 -27.09 16.37 -7.76
N GLN A 320 -28.41 16.49 -7.96
CA GLN A 320 -29.05 15.73 -9.01
C GLN A 320 -28.53 16.13 -10.38
N HIS A 321 -28.51 17.44 -10.66
CA HIS A 321 -28.00 17.88 -11.95
C HIS A 321 -26.49 17.68 -12.03
N ALA A 322 -25.81 17.74 -10.89
CA ALA A 322 -24.38 17.42 -10.89
C ALA A 322 -24.13 16.00 -11.37
N MET A 323 -24.90 15.05 -10.85
CA MET A 323 -24.77 13.67 -11.31
C MET A 323 -25.23 13.53 -12.75
N GLN A 324 -26.20 14.34 -13.18
CA GLN A 324 -26.61 14.30 -14.59
C GLN A 324 -25.46 14.73 -15.51
N THR A 325 -24.77 15.81 -15.16
CA THR A 325 -23.61 16.23 -15.94
C THR A 325 -22.50 15.19 -15.91
N ALA A 326 -22.19 14.72 -14.70
CA ALA A 326 -21.16 13.68 -14.59
C ALA A 326 -21.37 12.65 -15.71
N GLU A 327 -22.59 12.14 -15.82
CA GLU A 327 -22.86 11.06 -16.81
C GLU A 327 -22.68 11.60 -18.23
N ARG A 328 -23.23 12.77 -18.53
CA ARG A 328 -23.13 13.23 -19.95
C ARG A 328 -21.64 13.39 -20.28
N LEU A 329 -20.83 13.77 -19.29
CA LEU A 329 -19.38 13.98 -19.54
C LEU A 329 -18.75 12.64 -19.83
N TYR A 330 -19.00 11.65 -18.95
CA TYR A 330 -18.47 10.29 -19.17
C TYR A 330 -18.89 9.85 -20.57
N THR A 331 -20.00 10.41 -21.06
CA THR A 331 -20.52 9.97 -22.37
C THR A 331 -19.78 10.66 -23.52
N GLN A 332 -19.80 12.01 -23.61
CA GLN A 332 -19.14 12.58 -24.84
C GLN A 332 -17.74 12.16 -24.54
N GLY A 333 -17.65 11.65 -23.34
CA GLY A 333 -16.42 11.19 -22.73
C GLY A 333 -15.25 12.14 -22.67
N TYR A 334 -15.12 12.81 -21.52
CA TYR A 334 -13.96 13.62 -21.17
C TYR A 334 -13.39 13.29 -19.80
N ILE A 335 -14.12 12.55 -18.95
CA ILE A 335 -13.71 12.22 -17.59
C ILE A 335 -13.95 10.73 -17.37
N SER A 336 -13.23 10.16 -16.42
CA SER A 336 -13.41 8.76 -16.03
C SER A 336 -14.69 8.61 -15.22
N TYR A 337 -14.89 7.42 -14.66
CA TYR A 337 -16.19 7.15 -14.01
C TYR A 337 -16.37 8.07 -12.82
N PRO A 338 -17.52 8.72 -12.69
CA PRO A 338 -17.77 9.70 -11.63
C PRO A 338 -18.44 9.10 -10.40
N ARG A 339 -17.84 8.05 -9.84
CA ARG A 339 -18.27 7.48 -8.57
C ARG A 339 -17.06 7.11 -7.72
N THR A 340 -16.01 7.90 -7.82
CA THR A 340 -14.74 7.56 -7.20
C THR A 340 -14.84 7.61 -5.67
N GLU A 341 -13.99 6.81 -5.02
CA GLU A 341 -13.85 6.85 -3.58
C GLU A 341 -12.39 6.68 -3.16
N THR A 342 -11.44 6.97 -4.04
CA THR A 342 -10.03 6.74 -3.79
C THR A 342 -9.25 8.02 -4.06
N THR A 343 -8.05 8.07 -3.48
CA THR A 343 -7.12 9.19 -3.66
C THR A 343 -5.70 8.66 -3.84
N HIS A 344 -5.53 7.61 -4.62
CA HIS A 344 -4.23 6.95 -4.71
C HIS A 344 -3.43 7.31 -5.95
N TYR A 345 -4.08 7.51 -7.10
CA TYR A 345 -3.37 7.69 -8.36
C TYR A 345 -2.39 6.55 -8.57
N PRO A 346 -2.86 5.37 -8.93
CA PRO A 346 -1.96 4.21 -9.03
C PRO A 346 -0.84 4.46 -10.03
N GLU A 347 0.32 3.84 -9.75
CA GLU A 347 1.53 4.16 -10.48
C GLU A 347 1.40 3.90 -11.98
N ASN A 348 0.48 3.03 -12.36
CA ASN A 348 0.28 2.69 -13.80
C ASN A 348 -0.09 3.95 -14.57
N PHE A 349 -0.72 4.90 -13.90
CA PHE A 349 -1.20 6.09 -14.59
C PHE A 349 -0.05 6.87 -15.19
N ASP A 350 -0.24 7.34 -16.43
CA ASP A 350 0.80 8.08 -17.14
C ASP A 350 0.63 9.56 -16.82
N LEU A 351 1.29 9.99 -15.74
CA LEU A 351 1.19 11.38 -15.33
C LEU A 351 1.71 12.32 -16.42
N LYS A 352 2.86 11.97 -17.01
CA LYS A 352 3.46 12.85 -18.00
C LYS A 352 2.56 13.00 -19.22
N GLY A 353 2.07 11.89 -19.77
CA GLY A 353 1.19 11.97 -20.92
C GLY A 353 -0.10 12.69 -20.61
N SER A 354 -0.69 12.39 -19.44
CA SER A 354 -1.93 13.05 -19.06
C SER A 354 -1.75 14.56 -19.00
N LEU A 355 -0.69 15.01 -18.34
CA LEU A 355 -0.38 16.43 -18.33
C LEU A 355 -0.02 16.94 -19.71
N ARG A 356 0.42 16.05 -20.60
CA ARG A 356 0.82 16.45 -21.95
C ARG A 356 -0.38 16.74 -22.84
N GLN A 357 -1.51 16.04 -22.66
CA GLN A 357 -2.59 16.28 -23.62
C GLN A 357 -3.16 17.69 -23.56
N GLN A 358 -2.84 18.47 -22.52
CA GLN A 358 -3.34 19.84 -22.42
C GLN A 358 -2.24 20.78 -22.92
N ALA A 359 -2.37 21.21 -24.18
CA ALA A 359 -1.47 22.16 -24.79
C ALA A 359 -2.26 23.23 -25.54
N ASN A 360 -3.38 23.64 -24.97
CA ASN A 360 -4.29 24.59 -25.60
C ASN A 360 -5.12 25.23 -24.49
N HIS A 361 -6.22 25.90 -24.89
CA HIS A 361 -7.13 26.54 -23.96
C HIS A 361 -6.39 27.51 -23.07
N PRO A 362 -6.02 28.70 -23.59
CA PRO A 362 -5.08 29.57 -22.88
C PRO A 362 -5.41 29.90 -21.43
N TYR A 363 -6.60 29.51 -20.96
CA TYR A 363 -6.89 29.61 -19.53
C TYR A 363 -5.81 28.91 -18.72
N TRP A 364 -5.49 27.68 -19.09
CA TRP A 364 -4.24 27.05 -18.71
C TRP A 364 -3.26 27.19 -19.87
N ALA A 365 -2.05 27.60 -19.55
CA ALA A 365 -1.20 28.27 -20.54
C ALA A 365 0.27 27.96 -20.30
N ASP A 366 1.14 28.88 -20.75
CA ASP A 366 2.57 28.80 -20.50
C ASP A 366 2.88 28.37 -19.07
N THR A 367 1.98 28.67 -18.13
CA THR A 367 2.13 28.17 -16.76
C THR A 367 2.18 26.65 -16.73
N VAL A 368 1.13 25.99 -17.20
CA VAL A 368 1.16 24.53 -17.24
C VAL A 368 2.23 24.03 -18.19
N LYS A 369 2.62 24.86 -19.17
CA LYS A 369 3.71 24.47 -20.06
C LYS A 369 5.03 24.34 -19.30
N ARG A 370 5.37 25.34 -18.49
CA ARG A 370 6.59 25.22 -17.68
C ARG A 370 6.42 24.15 -16.61
N LEU A 371 5.18 23.92 -16.15
CA LEU A 371 4.97 22.81 -15.22
C LEU A 371 5.29 21.48 -15.88
N LEU A 372 4.90 21.32 -17.16
CA LEU A 372 5.39 20.21 -17.97
C LEU A 372 6.91 20.21 -18.01
N ALA A 373 7.49 21.38 -18.21
CA ALA A 373 8.94 21.53 -18.19
C ALA A 373 9.47 21.22 -16.78
N GLU A 374 10.80 21.27 -16.67
CA GLU A 374 11.54 20.85 -15.47
C GLU A 374 10.94 19.60 -14.84
N GLY A 375 10.85 19.56 -13.51
CA GLY A 375 10.41 18.38 -12.80
C GLY A 375 9.05 18.59 -12.16
N ILE A 376 8.24 17.54 -12.15
CA ILE A 376 6.95 17.52 -11.47
C ILE A 376 7.09 16.72 -10.19
N ASN A 377 6.46 17.20 -9.13
CA ASN A 377 6.57 16.56 -7.82
C ASN A 377 5.47 15.52 -7.65
N ARG A 378 5.76 14.53 -6.80
CA ARG A 378 4.82 13.46 -6.54
C ARG A 378 3.59 14.02 -5.83
N PRO A 379 2.41 13.45 -6.08
CA PRO A 379 1.20 13.91 -5.38
C PRO A 379 1.10 13.29 -3.99
N ARG A 380 0.16 13.81 -3.22
CA ARG A 380 -0.05 13.32 -1.86
C ARG A 380 -0.53 11.89 -1.85
N LYS A 381 0.02 11.08 -0.96
CA LYS A 381 -0.46 9.72 -0.80
C LYS A 381 -1.83 9.72 -0.14
N GLY A 382 -2.73 8.91 -0.68
CA GLY A 382 -4.08 8.83 -0.15
C GLY A 382 -4.43 7.47 0.40
N HIS A 383 -5.66 7.03 0.15
CA HIS A 383 -6.14 5.74 0.63
C HIS A 383 -6.62 4.90 -0.54
N ASP A 384 -6.42 3.59 -0.44
CA ASP A 384 -6.83 2.64 -1.46
C ASP A 384 -8.14 2.00 -1.04
N ALA A 385 -9.18 2.19 -1.85
CA ALA A 385 -10.47 1.59 -1.58
C ALA A 385 -10.85 0.49 -2.57
N GLY A 386 -10.14 0.39 -3.70
CA GLY A 386 -10.43 -0.66 -4.66
C GLY A 386 -11.64 -0.42 -5.52
N ASP A 387 -12.17 0.80 -5.55
CA ASP A 387 -13.34 1.07 -6.38
C ASP A 387 -12.95 1.26 -7.83
N HIS A 388 -12.25 2.35 -8.10
CA HIS A 388 -11.75 2.67 -9.47
C HIS A 388 -10.78 3.86 -9.36
N PRO A 389 -9.87 4.14 -10.30
CA PRO A 389 -8.94 5.27 -10.16
C PRO A 389 -9.70 6.59 -10.09
N PRO A 390 -9.10 7.60 -9.48
CA PRO A 390 -9.82 8.86 -9.25
C PRO A 390 -10.15 9.58 -10.54
N ILE A 391 -10.87 10.69 -10.37
CA ILE A 391 -11.32 11.50 -11.50
C ILE A 391 -10.12 12.16 -12.16
N THR A 392 -10.08 12.12 -13.51
CA THR A 392 -9.00 12.71 -14.28
C THR A 392 -9.50 12.94 -15.69
N PRO A 393 -9.24 14.10 -16.29
CA PRO A 393 -9.70 14.36 -17.66
C PRO A 393 -8.88 13.59 -18.70
N MET A 394 -9.50 13.41 -19.86
CA MET A 394 -8.83 12.81 -21.02
C MET A 394 -9.17 13.61 -22.26
N LYS A 395 -8.17 13.79 -23.12
CA LYS A 395 -8.33 14.43 -24.44
C LYS A 395 -9.14 15.73 -24.33
N SER A 396 -8.48 16.70 -23.68
CA SER A 396 -9.10 17.96 -23.30
C SER A 396 -9.82 18.64 -24.46
N ALA A 397 -10.81 19.45 -24.11
CA ALA A 397 -11.68 20.15 -25.06
C ALA A 397 -11.51 21.66 -24.89
N THR A 398 -12.40 22.41 -25.54
CA THR A 398 -12.31 23.87 -25.59
C THR A 398 -13.70 24.43 -25.29
N GLU A 399 -13.88 25.74 -25.54
CA GLU A 399 -15.12 26.41 -25.18
C GLU A 399 -16.31 25.85 -25.95
N ALA A 400 -16.13 25.58 -27.25
CA ALA A 400 -17.24 25.24 -28.12
C ALA A 400 -17.64 23.77 -28.08
N GLU A 401 -16.96 22.95 -27.28
CA GLU A 401 -17.24 21.52 -27.27
C GLU A 401 -18.42 21.19 -26.37
N LEU A 402 -18.32 21.50 -25.07
CA LEU A 402 -19.35 21.12 -24.12
C LEU A 402 -20.38 22.22 -23.93
N GLY A 403 -19.95 23.38 -23.47
CA GLY A 403 -20.85 24.49 -23.20
C GLY A 403 -21.55 24.37 -21.85
N GLY A 404 -22.03 25.51 -21.38
CA GLY A 404 -22.91 25.61 -20.22
C GLY A 404 -22.33 25.00 -18.96
N ASP A 405 -23.22 24.41 -18.17
CA ASP A 405 -22.84 23.84 -16.88
C ASP A 405 -21.94 22.64 -17.04
N ALA A 406 -22.11 21.86 -18.10
CA ALA A 406 -21.20 20.75 -18.36
C ALA A 406 -19.79 21.25 -18.59
N TRP A 407 -19.65 22.32 -19.37
CA TRP A 407 -18.34 22.93 -19.56
C TRP A 407 -17.79 23.47 -18.24
N ARG A 408 -18.64 24.06 -17.42
CA ARG A 408 -18.18 24.55 -16.13
C ARG A 408 -17.64 23.41 -15.28
N LEU A 409 -18.34 22.29 -15.26
CA LEU A 409 -17.88 21.13 -14.51
C LEU A 409 -16.55 20.64 -15.05
N TYR A 410 -16.44 20.51 -16.38
CA TYR A 410 -15.18 20.05 -16.96
C TYR A 410 -14.04 21.00 -16.64
N GLU A 411 -14.32 22.30 -16.61
CA GLU A 411 -13.32 23.27 -16.20
C GLU A 411 -12.88 23.01 -14.77
N TYR A 412 -13.83 22.67 -13.90
CA TYR A 412 -13.46 22.33 -12.52
C TYR A 412 -12.51 21.15 -12.47
N ILE A 413 -12.88 20.03 -13.12
CA ILE A 413 -12.00 18.86 -13.07
C ILE A 413 -10.65 19.17 -13.70
N THR A 414 -10.63 19.91 -14.81
CA THR A 414 -9.35 20.21 -15.45
C THR A 414 -8.46 21.02 -14.52
N ARG A 415 -9.00 22.06 -13.90
CA ARG A 415 -8.21 22.87 -12.99
C ARG A 415 -7.72 22.04 -11.81
N HIS A 416 -8.58 21.18 -11.27
CA HIS A 416 -8.18 20.41 -10.10
C HIS A 416 -7.10 19.41 -10.45
N PHE A 417 -7.18 18.79 -11.62
CA PHE A 417 -6.12 17.86 -12.01
C PHE A 417 -4.82 18.58 -12.30
N ILE A 418 -4.89 19.80 -12.84
CA ILE A 418 -3.68 20.59 -12.96
C ILE A 418 -3.08 20.87 -11.58
N ALA A 419 -3.95 21.20 -10.62
CA ALA A 419 -3.49 21.50 -9.28
C ALA A 419 -2.92 20.28 -8.58
N THR A 420 -3.35 19.07 -8.98
CA THR A 420 -2.90 17.86 -8.29
C THR A 420 -1.39 17.73 -8.29
N VAL A 421 -0.70 18.33 -9.26
CA VAL A 421 0.76 18.38 -9.26
C VAL A 421 1.19 19.84 -9.27
N SER A 422 1.90 20.24 -8.22
CA SER A 422 2.38 21.61 -8.07
C SER A 422 3.24 21.73 -6.82
N HIS A 423 3.76 22.93 -6.56
CA HIS A 423 4.49 23.21 -5.33
C HIS A 423 3.58 23.92 -4.33
N ASP A 424 3.86 23.73 -3.05
CA ASP A 424 3.05 24.33 -2.01
C ASP A 424 3.21 25.85 -2.00
N CYS A 425 2.16 26.52 -1.53
CA CYS A 425 2.12 27.97 -1.48
C CYS A 425 2.72 28.44 -0.15
N LYS A 426 3.91 29.03 -0.22
CA LYS A 426 4.59 29.52 0.97
C LYS A 426 4.26 30.99 1.21
N TYR A 427 4.16 31.35 2.49
CA TYR A 427 3.83 32.72 2.85
C TYR A 427 4.42 33.03 4.22
N LEU A 428 4.57 34.32 4.48
CA LEU A 428 5.03 34.82 5.76
C LEU A 428 3.84 35.44 6.48
N GLN A 429 3.50 34.90 7.64
CA GLN A 429 2.43 35.42 8.48
C GLN A 429 3.07 36.32 9.54
N SER A 430 2.94 37.62 9.34
CA SER A 430 3.52 38.60 10.25
C SER A 430 2.45 39.15 11.18
N THR A 431 2.88 39.55 12.38
CA THR A 431 1.99 40.21 13.31
C THR A 431 2.80 41.14 14.19
N ILE A 432 2.26 42.32 14.44
CA ILE A 432 2.91 43.35 15.23
C ILE A 432 1.95 43.80 16.32
N SER A 433 2.46 43.92 17.54
CA SER A 433 1.63 44.28 18.69
C SER A 433 1.95 45.71 19.13
N PHE A 434 0.89 46.45 19.44
CA PHE A 434 0.99 47.83 19.91
C PHE A 434 0.48 47.93 21.34
N ARG A 435 1.32 48.49 22.20
CA ARG A 435 1.08 48.59 23.65
C ARG A 435 0.59 49.99 23.98
N ILE A 436 -0.63 50.07 24.49
CA ILE A 436 -1.26 51.32 24.90
C ILE A 436 -2.04 51.07 26.19
N GLY A 437 -1.81 51.90 27.20
CA GLY A 437 -2.51 51.80 28.45
C GLY A 437 -2.36 50.42 29.06
N PRO A 438 -3.35 49.96 29.82
CA PRO A 438 -3.33 48.57 30.27
C PRO A 438 -3.78 47.62 29.17
N GLU A 439 -3.29 47.82 27.95
CA GLU A 439 -3.65 46.97 26.82
C GLU A 439 -2.45 46.77 25.92
N LEU A 440 -2.42 45.62 25.25
CA LEU A 440 -1.31 45.19 24.41
C LEU A 440 -1.85 44.65 23.08
N PHE A 441 -2.62 45.49 22.38
CA PHE A 441 -3.32 45.11 21.15
C PHE A 441 -2.36 44.49 20.13
N THR A 442 -2.89 43.79 19.14
CA THR A 442 -2.02 43.19 18.13
C THR A 442 -2.76 43.13 16.80
N CYS A 443 -2.04 43.39 15.72
CA CYS A 443 -2.56 43.26 14.36
C CYS A 443 -1.75 42.22 13.60
N SER A 444 -2.39 41.58 12.63
CA SER A 444 -1.77 40.48 11.90
C SER A 444 -2.08 40.60 10.42
N GLY A 445 -1.22 39.98 9.62
CA GLY A 445 -1.38 39.96 8.17
C GLY A 445 -0.54 38.86 7.57
N LYS A 446 -0.80 38.58 6.30
CA LYS A 446 -0.13 37.53 5.55
C LYS A 446 0.44 38.09 4.25
N THR A 447 1.60 37.58 3.84
CA THR A 447 2.24 37.98 2.60
C THR A 447 2.72 36.73 1.88
N VAL A 448 2.11 36.43 0.73
CA VAL A 448 2.52 35.26 -0.04
C VAL A 448 3.89 35.51 -0.67
N LEU A 449 4.68 34.45 -0.81
CA LEU A 449 5.99 34.59 -1.42
C LEU A 449 6.13 33.64 -2.61
N SER A 450 5.42 32.51 -2.57
CA SER A 450 5.43 31.55 -3.68
C SER A 450 3.98 31.20 -4.00
N PRO A 451 3.50 31.50 -5.20
CA PRO A 451 2.11 31.18 -5.55
C PRO A 451 1.84 29.68 -5.57
N GLY A 452 2.63 28.95 -6.34
CA GLY A 452 2.42 27.51 -6.45
C GLY A 452 1.05 27.20 -7.03
N PHE A 453 0.32 26.29 -6.36
CA PHE A 453 -1.02 25.96 -6.80
C PHE A 453 -1.96 27.15 -6.72
N THR A 454 -1.56 28.22 -6.01
CA THR A 454 -2.33 29.46 -6.03
C THR A 454 -2.52 29.95 -7.46
N GLU A 455 -1.57 29.65 -8.34
CA GLU A 455 -1.66 30.09 -9.73
C GLU A 455 -2.81 29.43 -10.50
N VAL A 456 -3.38 28.34 -9.99
CA VAL A 456 -4.36 27.59 -10.78
C VAL A 456 -5.77 27.65 -10.20
N MET A 457 -5.95 27.83 -8.89
CA MET A 457 -7.29 27.90 -8.29
C MET A 457 -7.40 29.18 -7.47
N PRO A 458 -7.76 30.30 -8.12
CA PRO A 458 -7.90 31.55 -7.36
C PRO A 458 -8.88 31.43 -6.20
N TRP A 459 -9.98 30.70 -6.40
CA TRP A 459 -10.98 30.56 -5.35
C TRP A 459 -10.40 29.95 -4.09
N GLN A 460 -9.28 29.24 -4.19
CA GLN A 460 -8.46 28.89 -3.03
C GLN A 460 -7.14 29.62 -3.21
N SER A 461 -7.12 30.89 -2.80
CA SER A 461 -5.90 31.68 -2.85
C SER A 461 -5.85 32.59 -1.62
N VAL A 462 -4.64 32.81 -1.11
CA VAL A 462 -4.48 33.70 0.04
C VAL A 462 -4.85 35.12 -0.37
N PRO A 463 -5.60 35.87 0.46
CA PRO A 463 -5.96 37.24 0.08
C PRO A 463 -4.74 38.16 0.10
N LEU A 464 -4.85 39.24 -0.66
CA LEU A 464 -3.78 40.20 -0.82
C LEU A 464 -3.97 41.35 0.15
N GLU A 465 -2.90 41.69 0.88
CA GLU A 465 -2.93 42.81 1.81
C GLU A 465 -1.54 43.43 1.87
N GLU A 466 -1.49 44.68 2.30
CA GLU A 466 -0.23 45.40 2.39
C GLU A 466 0.60 44.87 3.55
N SER A 467 1.90 44.71 3.32
CA SER A 467 2.80 44.20 4.35
C SER A 467 2.96 45.22 5.47
N LEU A 468 2.85 44.76 6.70
CA LEU A 468 2.94 45.66 7.84
C LEU A 468 4.36 46.19 7.98
N PRO A 469 4.53 47.46 8.35
CA PRO A 469 5.87 48.03 8.43
C PRO A 469 6.66 47.52 9.62
N THR A 470 7.33 46.38 9.45
CA THR A 470 8.13 45.79 10.51
C THR A 470 9.18 46.79 10.99
N CYS A 471 9.31 46.90 12.31
CA CYS A 471 10.25 47.83 12.91
C CYS A 471 10.79 47.23 14.20
N GLN A 472 11.75 47.94 14.79
CA GLN A 472 12.37 47.49 16.03
C GLN A 472 11.42 47.64 17.20
N ARG A 473 11.61 46.80 18.21
CA ARG A 473 10.80 46.87 19.42
C ARG A 473 11.04 48.18 20.15
N GLY A 474 9.95 48.82 20.58
CA GLY A 474 10.04 50.04 21.35
C GLY A 474 9.93 51.33 20.57
N ASP A 475 9.59 51.26 19.28
CA ASP A 475 9.43 52.48 18.51
C ASP A 475 8.16 53.21 18.95
N ALA A 476 8.08 54.49 18.56
CA ALA A 476 6.97 55.33 18.98
C ALA A 476 5.66 54.90 18.35
N PHE A 477 5.57 55.01 17.01
CA PHE A 477 4.38 54.65 16.26
C PHE A 477 3.12 55.18 16.93
N PRO A 478 2.87 56.49 16.90
CA PRO A 478 1.76 57.06 17.68
C PRO A 478 0.38 56.62 17.22
N VAL A 479 -0.64 57.13 17.89
CA VAL A 479 -2.01 56.71 17.67
C VAL A 479 -2.71 57.68 16.72
N GLY A 480 -3.81 57.20 16.14
CA GLY A 480 -4.69 58.02 15.33
C GLY A 480 -6.05 58.15 15.99
N GLU A 481 -7.00 57.33 15.54
CA GLU A 481 -8.36 57.35 16.06
C GLU A 481 -8.71 56.02 16.71
N VAL A 482 -9.60 56.07 17.69
CA VAL A 482 -10.09 54.88 18.38
C VAL A 482 -11.61 54.92 18.37
N LYS A 483 -12.22 53.74 18.45
CA LYS A 483 -13.68 53.64 18.32
C LYS A 483 -14.20 52.46 19.13
N MET A 484 -15.47 52.56 19.52
CA MET A 484 -16.21 51.48 20.14
C MET A 484 -17.19 50.92 19.12
N LEU A 485 -17.11 49.62 18.85
CA LEU A 485 -17.95 48.99 17.85
C LEU A 485 -18.78 47.86 18.46
N GLU A 486 -19.69 47.35 17.65
CA GLU A 486 -20.56 46.24 17.99
C GLU A 486 -20.57 45.25 16.83
N LYS A 487 -20.60 43.96 17.16
CA LYS A 487 -20.78 42.95 16.12
C LYS A 487 -21.39 41.73 16.80
N GLN A 488 -22.22 41.01 16.04
CA GLN A 488 -22.95 39.87 16.58
C GLN A 488 -23.27 38.91 15.44
N THR A 489 -23.73 37.72 15.80
CA THR A 489 -23.99 36.68 14.80
C THR A 489 -25.08 35.75 15.34
N ASN A 490 -25.21 34.60 14.67
CA ASN A 490 -26.09 33.49 15.06
C ASN A 490 -25.48 32.77 16.25
N PRO A 491 -26.06 31.67 16.72
CA PRO A 491 -25.26 30.68 17.46
C PRO A 491 -24.35 29.93 16.51
N PRO A 492 -23.04 30.19 16.55
CA PRO A 492 -22.18 29.79 15.43
C PRO A 492 -21.77 28.33 15.49
N ASP A 493 -20.95 27.94 14.52
CA ASP A 493 -19.94 26.90 14.70
C ASP A 493 -20.56 25.59 15.19
N TYR A 494 -21.32 24.97 14.29
CA TYR A 494 -21.70 23.58 14.54
C TYR A 494 -20.43 22.80 14.80
N LEU A 495 -20.25 22.33 16.03
CA LEU A 495 -18.97 21.81 16.45
C LEU A 495 -18.68 20.48 15.75
N THR A 496 -17.49 19.94 15.98
CA THR A 496 -16.99 18.86 15.15
C THR A 496 -16.68 17.61 15.99
N GLU A 497 -16.07 16.64 15.33
CA GLU A 497 -15.89 15.31 15.89
C GLU A 497 -15.07 15.33 17.18
N ALA A 498 -14.17 16.30 17.33
CA ALA A 498 -13.44 16.45 18.58
C ALA A 498 -14.39 16.82 19.71
N GLU A 499 -15.31 17.76 19.47
CA GLU A 499 -16.30 18.11 20.48
C GLU A 499 -17.24 16.95 20.74
N LEU A 500 -17.54 16.16 19.70
CA LEU A 500 -18.29 14.93 19.93
C LEU A 500 -17.58 14.03 20.92
N ILE A 501 -16.27 13.84 20.74
CA ILE A 501 -15.49 13.04 21.68
C ILE A 501 -15.61 13.60 23.09
N THR A 502 -15.38 14.92 23.22
CA THR A 502 -15.35 15.54 24.54
C THR A 502 -16.68 15.37 25.26
N LEU A 503 -17.78 15.74 24.58
CA LEU A 503 -19.09 15.55 25.20
C LEU A 503 -19.37 14.08 25.46
N MET A 504 -18.79 13.18 24.66
CA MET A 504 -19.08 11.76 24.84
C MET A 504 -18.49 11.24 26.13
N GLU A 505 -17.26 11.64 26.47
CA GLU A 505 -16.82 11.25 27.81
C GLU A 505 -17.52 12.09 28.87
N LYS A 506 -17.98 13.29 28.52
CA LYS A 506 -18.65 14.14 29.49
C LYS A 506 -19.91 13.48 30.04
N HIS A 507 -20.75 12.93 29.16
CA HIS A 507 -21.97 12.30 29.65
C HIS A 507 -21.68 10.94 30.27
N GLY A 508 -20.69 10.22 29.73
CA GLY A 508 -20.22 9.00 30.35
C GLY A 508 -20.84 7.70 29.89
N ILE A 509 -21.06 7.55 28.59
CA ILE A 509 -21.48 6.28 28.00
C ILE A 509 -20.56 5.92 26.83
N GLY A 510 -20.03 4.71 26.87
CA GLY A 510 -19.02 4.24 25.94
C GLY A 510 -17.98 3.42 26.67
N THR A 511 -16.96 2.93 25.95
CA THR A 511 -15.92 2.15 26.61
C THR A 511 -14.53 2.69 26.28
N ASP A 512 -13.49 1.94 26.63
CA ASP A 512 -12.14 2.50 26.65
C ASP A 512 -11.69 3.01 25.28
N ALA A 513 -11.96 2.25 24.22
CA ALA A 513 -11.48 2.66 22.89
C ALA A 513 -12.49 2.40 21.78
N SER A 514 -13.77 2.24 22.11
CA SER A 514 -14.77 1.94 21.10
C SER A 514 -15.54 3.18 20.64
N ILE A 515 -15.15 4.38 21.06
CA ILE A 515 -15.80 5.58 20.57
C ILE A 515 -15.68 5.70 19.04
N PRO A 516 -14.49 5.57 18.43
CA PRO A 516 -14.43 5.67 16.97
C PRO A 516 -15.29 4.64 16.25
N VAL A 517 -15.38 3.42 16.77
CA VAL A 517 -16.17 2.42 16.06
C VAL A 517 -17.66 2.70 16.19
N HIS A 518 -18.12 3.20 17.35
CA HIS A 518 -19.51 3.67 17.39
C HIS A 518 -19.75 4.83 16.44
N ILE A 519 -18.81 5.76 16.34
CA ILE A 519 -18.99 6.88 15.40
C ILE A 519 -19.09 6.35 13.97
N ASN A 520 -18.22 5.40 13.61
CA ASN A 520 -18.27 4.84 12.27
C ASN A 520 -19.57 4.09 12.04
N ASN A 521 -20.04 3.36 13.05
CA ASN A 521 -21.32 2.67 12.91
C ASN A 521 -22.45 3.66 12.66
N ILE A 522 -22.54 4.70 13.49
CA ILE A 522 -23.65 5.64 13.36
C ILE A 522 -23.54 6.48 12.09
N CYS A 523 -22.35 6.56 11.49
CA CYS A 523 -22.28 7.30 10.23
C CYS A 523 -22.61 6.40 9.03
N GLN A 524 -22.05 5.18 8.98
CA GLN A 524 -22.47 4.26 7.91
C GLN A 524 -23.94 3.89 8.00
N ARG A 525 -24.55 4.01 9.17
CA ARG A 525 -26.01 3.77 9.19
C ARG A 525 -26.80 4.91 8.55
N ASN A 526 -26.12 5.89 7.95
CA ASN A 526 -26.76 7.01 7.27
C ASN A 526 -27.67 7.79 8.23
N TYR A 527 -27.09 8.18 9.38
CA TYR A 527 -27.73 9.10 10.30
C TYR A 527 -27.11 10.48 10.26
N VAL A 528 -25.78 10.56 10.17
CA VAL A 528 -25.04 11.80 10.02
C VAL A 528 -24.16 11.68 8.78
N THR A 529 -23.51 12.78 8.42
CA THR A 529 -22.61 12.81 7.27
C THR A 529 -21.34 13.55 7.65
N VAL A 530 -20.28 13.25 6.91
CA VAL A 530 -18.99 13.92 7.09
C VAL A 530 -18.91 15.07 6.11
N GLU A 531 -18.68 16.27 6.63
CA GLU A 531 -18.58 17.47 5.80
C GLU A 531 -17.21 18.11 6.00
N SER A 532 -16.85 18.97 5.05
CA SER A 532 -15.56 19.64 5.08
C SER A 532 -15.38 20.43 6.36
N GLY A 533 -14.16 20.42 6.88
CA GLY A 533 -13.93 20.93 8.22
C GLY A 533 -14.27 19.93 9.31
N ARG A 534 -14.36 18.65 8.96
CA ARG A 534 -14.65 17.58 9.92
C ARG A 534 -16.01 17.81 10.57
N ARG A 535 -16.94 18.40 9.83
CA ARG A 535 -18.29 18.65 10.35
C ARG A 535 -19.11 17.36 10.35
N LEU A 536 -20.04 17.28 11.30
CA LEU A 536 -20.86 16.09 11.51
C LEU A 536 -22.35 16.43 11.49
N LYS A 537 -22.77 17.17 10.47
CA LYS A 537 -24.18 17.47 10.30
C LYS A 537 -24.98 16.18 10.10
N PRO A 538 -26.09 16.00 10.80
CA PRO A 538 -26.91 14.79 10.60
C PRO A 538 -27.66 14.82 9.29
N THR A 539 -28.30 13.71 8.93
CA THR A 539 -29.08 13.60 7.71
C THR A 539 -30.56 13.43 8.04
N ASN A 540 -31.37 13.30 6.98
CA ASN A 540 -32.81 13.25 7.15
C ASN A 540 -33.25 12.05 7.98
N LEU A 541 -32.66 10.88 7.71
CA LEU A 541 -33.04 9.69 8.46
C LEU A 541 -32.74 9.85 9.95
N GLY A 542 -31.55 10.37 10.27
CA GLY A 542 -31.21 10.57 11.66
C GLY A 542 -32.10 11.58 12.34
N ILE A 543 -32.39 12.70 11.66
CA ILE A 543 -33.18 13.74 12.31
C ILE A 543 -34.62 13.27 12.52
N VAL A 544 -35.18 12.54 11.55
CA VAL A 544 -36.53 12.04 11.74
C VAL A 544 -36.56 10.99 12.83
N LEU A 545 -35.51 10.17 12.93
CA LEU A 545 -35.47 9.16 13.99
C LEU A 545 -35.45 9.82 15.36
N VAL A 546 -34.59 10.81 15.54
CA VAL A 546 -34.49 11.46 16.85
C VAL A 546 -35.76 12.25 17.16
N HIS A 547 -36.37 12.87 16.14
CA HIS A 547 -37.61 13.59 16.37
C HIS A 547 -38.73 12.64 16.77
N GLY A 548 -38.82 11.48 16.12
CA GLY A 548 -39.81 10.49 16.51
C GLY A 548 -39.58 9.98 17.91
N TYR A 549 -38.31 9.80 18.29
CA TYR A 549 -38.01 9.46 19.67
C TYR A 549 -38.51 10.52 20.63
N TYR A 550 -38.15 11.78 20.36
CA TYR A 550 -38.44 12.86 21.30
C TYR A 550 -39.94 13.10 21.44
N LYS A 551 -40.68 12.97 20.33
CA LYS A 551 -42.09 13.35 20.35
C LYS A 551 -42.91 12.51 21.31
N ILE A 552 -42.60 11.23 21.44
CA ILE A 552 -43.41 10.35 22.27
C ILE A 552 -42.59 9.66 23.35
N ASP A 553 -41.47 9.03 22.98
CA ASP A 553 -40.70 8.21 23.91
C ASP A 553 -39.29 8.78 24.02
N ALA A 554 -39.12 9.77 24.91
CA ALA A 554 -37.79 10.27 25.24
C ALA A 554 -37.05 9.38 26.22
N GLU A 555 -37.74 8.44 26.86
CA GLU A 555 -37.09 7.56 27.82
C GLU A 555 -36.00 6.73 27.15
N LEU A 556 -36.27 6.25 25.94
CA LEU A 556 -35.25 5.51 25.20
C LEU A 556 -34.08 6.38 24.78
N VAL A 557 -34.23 7.71 24.84
CA VAL A 557 -33.08 8.57 24.57
C VAL A 557 -32.40 8.87 25.89
N LEU A 558 -33.07 9.65 26.77
CA LEU A 558 -32.72 9.90 28.17
C LEU A 558 -31.22 9.79 28.40
N PRO A 559 -30.42 10.68 27.84
CA PRO A 559 -28.98 10.41 27.70
C PRO A 559 -28.29 9.98 29.00
N THR A 560 -28.95 10.16 30.12
CA THR A 560 -28.45 9.66 31.38
C THR A 560 -28.94 8.25 31.70
N ILE A 561 -29.89 7.71 30.93
CA ILE A 561 -30.47 6.43 31.27
C ILE A 561 -29.46 5.31 31.11
N ARG A 562 -28.57 5.41 30.12
CA ARG A 562 -27.56 4.38 29.96
C ARG A 562 -26.58 4.40 31.11
N SER A 563 -26.16 5.59 31.56
CA SER A 563 -25.34 5.67 32.75
C SER A 563 -26.09 5.15 33.98
N ALA A 564 -27.41 5.35 34.02
CA ALA A 564 -28.19 4.88 35.16
C ALA A 564 -28.25 3.36 35.20
N VAL A 565 -28.50 2.74 34.05
CA VAL A 565 -28.52 1.28 34.02
C VAL A 565 -27.13 0.73 34.30
N GLU A 566 -26.09 1.43 33.81
CA GLU A 566 -24.73 1.00 34.11
C GLU A 566 -24.43 1.07 35.60
N LYS A 567 -24.88 2.14 36.27
CA LYS A 567 -24.59 2.26 37.70
C LYS A 567 -25.42 1.28 38.51
N GLN A 568 -26.64 0.96 38.07
CA GLN A 568 -27.41 -0.03 38.81
C GLN A 568 -27.00 -1.46 38.49
N LEU A 569 -26.28 -1.70 37.40
CA LEU A 569 -25.63 -2.99 37.21
C LEU A 569 -24.19 -3.00 37.69
N ASN A 570 -23.71 -1.86 38.19
CA ASN A 570 -22.45 -1.85 38.94
C ASN A 570 -22.69 -1.97 40.43
N LEU A 571 -23.82 -1.47 40.92
CA LEU A 571 -24.21 -1.65 42.31
C LEU A 571 -24.54 -3.10 42.64
N ILE A 572 -24.66 -3.97 41.63
CA ILE A 572 -24.96 -5.38 41.87
C ILE A 572 -23.75 -6.15 42.36
N ALA A 573 -22.62 -5.48 42.59
CA ALA A 573 -21.53 -6.11 43.31
C ALA A 573 -21.94 -6.33 44.77
N GLN A 574 -21.17 -7.18 45.45
CA GLN A 574 -21.44 -7.55 46.84
C GLN A 574 -22.82 -8.17 46.99
N GLY A 575 -23.30 -8.28 48.22
CA GLY A 575 -24.60 -8.86 48.50
C GLY A 575 -25.73 -8.09 47.86
N LYS A 576 -26.58 -8.79 47.10
CA LYS A 576 -27.67 -8.16 46.36
C LYS A 576 -28.57 -9.28 45.84
N ALA A 577 -29.56 -8.92 45.01
CA ALA A 577 -30.57 -9.84 44.49
C ALA A 577 -30.05 -10.69 43.33
N ASP A 578 -30.97 -11.30 42.58
CA ASP A 578 -30.60 -12.05 41.39
C ASP A 578 -30.65 -11.18 40.14
N TYR A 579 -29.86 -11.57 39.14
CA TYR A 579 -29.90 -10.90 37.84
C TYR A 579 -31.27 -11.00 37.19
N ARG A 580 -32.02 -12.05 37.52
CA ARG A 580 -33.29 -12.30 36.85
C ARG A 580 -34.27 -11.14 37.05
N GLN A 581 -34.48 -10.73 38.30
CA GLN A 581 -35.39 -9.62 38.57
C GLN A 581 -34.85 -8.32 37.99
N VAL A 582 -33.54 -8.09 38.12
CA VAL A 582 -32.94 -6.85 37.65
C VAL A 582 -33.19 -6.67 36.16
N LEU A 583 -32.94 -7.72 35.38
CA LEU A 583 -33.21 -7.63 33.95
C LEU A 583 -34.71 -7.62 33.67
N GLY A 584 -35.48 -8.44 34.38
CA GLY A 584 -36.87 -8.65 34.00
C GLY A 584 -37.73 -7.43 34.23
N HIS A 585 -37.62 -6.81 35.41
CA HIS A 585 -38.47 -5.65 35.68
C HIS A 585 -38.14 -4.49 34.76
N THR A 586 -36.85 -4.25 34.55
CA THR A 586 -36.44 -3.19 33.63
C THR A 586 -36.97 -3.47 32.23
N LEU A 587 -36.69 -4.67 31.70
CA LEU A 587 -37.12 -4.97 30.34
C LEU A 587 -38.63 -4.97 30.22
N ASP A 588 -39.36 -5.33 31.27
CA ASP A 588 -40.81 -5.36 31.15
C ASP A 588 -41.41 -3.96 31.18
N VAL A 589 -40.85 -3.05 31.97
CA VAL A 589 -41.34 -1.68 31.90
C VAL A 589 -40.98 -1.06 30.54
N PHE A 590 -39.76 -1.32 30.05
CA PHE A 590 -39.45 -0.83 28.70
C PHE A 590 -40.37 -1.44 27.67
N LYS A 591 -40.71 -2.72 27.81
CA LYS A 591 -41.53 -3.37 26.80
C LYS A 591 -42.99 -2.96 26.89
N ARG A 592 -43.48 -2.54 28.07
CA ARG A 592 -44.81 -1.95 28.13
C ARG A 592 -44.84 -0.58 27.46
N LYS A 593 -43.86 0.26 27.80
CA LYS A 593 -43.71 1.53 27.09
C LYS A 593 -43.55 1.30 25.60
N PHE A 594 -42.91 0.20 25.22
CA PHE A 594 -42.63 -0.12 23.84
C PHE A 594 -43.85 -0.71 23.14
N HIS A 595 -44.70 -1.43 23.88
CA HIS A 595 -45.97 -1.87 23.34
C HIS A 595 -46.85 -0.68 22.98
N TYR A 596 -46.95 0.29 23.88
CA TYR A 596 -47.75 1.43 23.45
C TYR A 596 -46.98 2.37 22.53
N PHE A 597 -45.66 2.23 22.44
CA PHE A 597 -44.90 2.85 21.36
C PHE A 597 -45.31 2.29 20.01
N VAL A 598 -45.44 0.96 19.91
CA VAL A 598 -45.94 0.34 18.69
C VAL A 598 -47.38 0.74 18.46
N ASP A 599 -48.16 0.88 19.54
CA ASP A 599 -49.50 1.42 19.41
C ASP A 599 -49.50 2.87 18.99
N SER A 600 -48.37 3.57 19.09
CA SER A 600 -48.24 4.98 18.73
C SER A 600 -47.12 5.17 17.71
N ILE A 601 -47.08 4.31 16.69
CA ILE A 601 -46.21 4.53 15.54
C ILE A 601 -46.62 5.78 14.77
N ALA A 602 -47.78 6.36 15.12
CA ALA A 602 -48.29 7.57 14.50
C ALA A 602 -47.20 8.62 14.35
N GLY A 603 -46.64 9.11 15.46
CA GLY A 603 -45.63 10.14 15.41
C GLY A 603 -44.63 9.97 14.28
N MET A 604 -44.03 8.78 14.19
CA MET A 604 -43.11 8.52 13.10
C MET A 604 -43.81 8.50 11.75
N ASP A 605 -45.08 8.05 11.69
CA ASP A 605 -45.72 8.02 10.37
C ASP A 605 -46.05 9.42 9.87
N GLU A 606 -46.45 10.33 10.75
CA GLU A 606 -46.60 11.73 10.34
C GLU A 606 -45.25 12.35 9.99
N LEU A 607 -44.19 12.01 10.72
CA LEU A 607 -42.87 12.48 10.32
C LEU A 607 -42.51 11.99 8.92
N MET A 608 -42.87 10.75 8.60
CA MET A 608 -42.65 10.24 7.24
C MET A 608 -43.49 11.02 6.23
N GLU A 609 -44.78 11.19 6.52
CA GLU A 609 -45.64 11.95 5.61
C GLU A 609 -45.14 13.37 5.42
N VAL A 610 -44.36 13.89 6.36
CA VAL A 610 -43.81 15.24 6.23
C VAL A 610 -42.55 15.23 5.38
N SER A 611 -41.61 14.33 5.68
CA SER A 611 -40.26 14.44 5.13
C SER A 611 -39.76 13.22 4.35
N PHE A 612 -40.23 12.01 4.64
CA PHE A 612 -39.69 10.79 4.04
C PHE A 612 -38.19 10.67 4.29
N MET B 1 -12.51 42.30 74.76
CA MET B 1 -12.75 43.57 75.42
C MET B 1 -11.71 44.61 75.04
N ALA B 2 -12.12 45.88 75.03
CA ALA B 2 -11.26 47.04 74.86
C ALA B 2 -10.09 46.83 73.90
N GLN B 3 -8.87 46.89 74.44
CA GLN B 3 -7.68 46.92 73.60
C GLN B 3 -7.48 45.61 72.86
N VAL B 4 -7.64 44.47 73.54
CA VAL B 4 -7.40 43.19 72.88
C VAL B 4 -8.48 42.93 71.83
N ALA B 5 -9.72 43.32 72.11
CA ALA B 5 -10.78 43.19 71.12
C ALA B 5 -10.49 44.06 69.89
N GLY B 6 -10.04 45.29 70.11
CA GLY B 6 -9.71 46.15 68.99
C GLY B 6 -8.55 45.61 68.16
N ALA B 7 -7.52 45.09 68.84
CA ALA B 7 -6.39 44.52 68.12
C ALA B 7 -6.81 43.30 67.33
N ALA B 8 -7.63 42.43 67.91
CA ALA B 8 -8.11 41.25 67.20
C ALA B 8 -8.95 41.63 65.99
N LEU B 9 -9.80 42.65 66.13
CA LEU B 9 -10.60 43.11 65.00
C LEU B 9 -9.72 43.67 63.90
N SER B 10 -8.78 44.55 64.26
CA SER B 10 -7.98 45.26 63.26
C SER B 10 -6.94 44.36 62.62
N GLN B 11 -6.57 43.25 63.27
CA GLN B 11 -5.57 42.35 62.69
C GLN B 11 -6.06 41.77 61.37
N ALA B 12 -7.33 41.39 61.29
CA ALA B 12 -7.87 40.75 60.11
C ALA B 12 -8.86 41.62 59.35
N GLY B 13 -9.32 42.72 59.93
CA GLY B 13 -10.32 43.53 59.25
C GLY B 13 -11.69 42.94 59.23
N TRP B 14 -11.91 41.83 59.93
CA TRP B 14 -13.22 41.17 59.99
C TRP B 14 -14.08 41.95 60.98
N TYR B 15 -14.61 43.08 60.52
CA TYR B 15 -15.33 43.98 61.40
C TYR B 15 -16.69 43.40 61.77
N LEU B 16 -16.68 42.37 62.61
CA LEU B 16 -17.92 41.74 63.06
C LEU B 16 -18.69 42.69 63.97
N SER B 17 -20.00 42.73 63.79
CA SER B 17 -20.85 43.58 64.62
C SER B 17 -21.02 42.96 66.01
N ASP B 18 -21.49 43.78 66.95
CA ASP B 18 -21.74 43.30 68.30
C ASP B 18 -22.85 42.25 68.32
N GLU B 19 -23.90 42.48 67.54
CA GLU B 19 -24.99 41.50 67.45
C GLU B 19 -24.50 40.18 66.88
N GLY B 20 -23.70 40.23 65.82
CA GLY B 20 -23.13 39.01 65.27
C GLY B 20 -22.21 38.31 66.24
N ILE B 21 -21.43 39.08 67.00
CA ILE B 21 -20.53 38.51 67.98
C ILE B 21 -21.31 37.78 69.07
N GLU B 22 -22.38 38.40 69.56
CA GLU B 22 -23.16 37.78 70.63
C GLU B 22 -24.00 36.62 70.11
N ALA B 23 -24.39 36.65 68.83
CA ALA B 23 -25.15 35.54 68.27
C ALA B 23 -24.27 34.34 67.96
N CYS B 24 -23.04 34.58 67.51
CA CYS B 24 -22.13 33.50 67.17
C CYS B 24 -21.45 32.97 68.42
N THR B 25 -20.51 32.04 68.23
CA THR B 25 -19.79 31.42 69.34
C THR B 25 -18.54 32.25 69.65
N SER B 26 -18.66 33.08 70.69
CA SER B 26 -17.53 33.86 71.21
C SER B 26 -17.52 33.64 72.72
N SER B 27 -16.87 32.55 73.14
CA SER B 27 -16.88 32.18 74.55
C SER B 27 -15.89 33.05 75.32
N PRO B 28 -16.33 33.79 76.34
CA PRO B 28 -15.39 34.59 77.14
C PRO B 28 -14.42 33.70 77.89
N ASP B 29 -13.20 34.22 78.09
CA ASP B 29 -12.12 33.53 78.80
C ASP B 29 -11.71 32.23 78.12
N LYS B 30 -12.05 32.06 76.85
CA LYS B 30 -11.67 30.88 76.07
C LYS B 30 -10.63 31.18 75.01
N VAL B 31 -10.81 32.27 74.25
CA VAL B 31 -9.85 32.67 73.23
C VAL B 31 -10.05 34.15 72.97
N ASN B 32 -9.03 34.80 72.44
CA ASN B 32 -9.10 36.24 72.20
C ASN B 32 -8.88 36.62 70.74
N VAL B 33 -7.90 36.03 70.05
CA VAL B 33 -7.54 36.50 68.72
C VAL B 33 -7.56 35.38 67.69
N ASN B 34 -7.28 34.14 68.13
CA ASN B 34 -6.99 33.07 67.20
C ASN B 34 -8.21 32.23 66.84
N ASP B 35 -8.83 31.57 67.82
CA ASP B 35 -9.93 30.67 67.50
C ASP B 35 -11.15 31.42 66.99
N ILE B 36 -11.30 32.69 67.35
CA ILE B 36 -12.43 33.47 66.84
C ILE B 36 -12.39 33.52 65.32
N ILE B 37 -11.24 33.87 64.74
CA ILE B 37 -11.14 33.88 63.29
C ILE B 37 -11.09 32.45 62.75
N LEU B 38 -10.47 31.53 63.50
CA LEU B 38 -10.37 30.16 63.03
C LEU B 38 -11.75 29.57 62.78
N ILE B 39 -12.73 29.92 63.61
CA ILE B 39 -14.09 29.48 63.37
C ILE B 39 -14.89 30.46 62.51
N ALA B 40 -14.45 31.71 62.42
CA ALA B 40 -15.15 32.69 61.59
C ALA B 40 -14.90 32.46 60.10
N LEU B 41 -13.83 31.76 59.73
CA LEU B 41 -13.62 31.39 58.33
C LEU B 41 -14.75 30.56 57.74
N ASN B 42 -15.72 30.16 58.56
CA ASN B 42 -16.92 29.47 58.08
C ASN B 42 -18.16 30.07 58.72
N THR B 43 -18.28 31.39 58.67
CA THR B 43 -19.40 32.10 59.28
C THR B 43 -19.94 33.14 58.30
N ASP B 44 -21.23 33.46 58.44
CA ASP B 44 -21.94 34.35 57.52
C ASP B 44 -21.54 35.79 57.78
N LEU B 45 -20.52 36.25 57.04
CA LEU B 45 -20.09 37.64 57.16
C LEU B 45 -21.18 38.61 56.73
N ARG B 46 -22.02 38.21 55.77
CA ARG B 46 -23.10 39.08 55.30
C ARG B 46 -24.00 39.51 56.45
N THR B 47 -24.24 38.63 57.41
CA THR B 47 -25.09 38.94 58.55
C THR B 47 -24.31 39.40 59.78
N ILE B 48 -23.07 38.94 59.95
CA ILE B 48 -22.32 39.28 61.16
C ILE B 48 -21.46 40.53 61.01
N GLY B 49 -21.35 41.11 59.81
CA GLY B 49 -20.45 42.22 59.61
C GLY B 49 -21.11 43.54 59.32
N LYS B 50 -20.36 44.62 59.48
CA LYS B 50 -20.83 45.97 59.21
C LYS B 50 -20.32 46.44 57.86
N LYS B 51 -20.95 47.50 57.34
CA LYS B 51 -20.61 48.04 56.02
C LYS B 51 -19.46 49.02 56.17
N PHE B 52 -18.24 48.50 56.24
CA PHE B 52 -17.07 49.36 56.25
C PHE B 52 -16.77 49.96 54.88
N LEU B 53 -17.45 49.48 53.84
CA LEU B 53 -17.36 50.13 52.54
C LEU B 53 -18.07 51.48 52.59
N PRO B 54 -17.72 52.41 51.70
CA PRO B 54 -18.38 53.73 51.68
C PRO B 54 -19.86 53.65 51.37
N SER B 55 -20.53 54.80 51.32
CA SER B 55 -21.97 54.82 51.07
C SER B 55 -22.30 54.75 49.58
N ASP B 56 -21.41 55.24 48.73
CA ASP B 56 -21.71 55.49 47.32
C ASP B 56 -20.60 54.96 46.41
N ILE B 57 -20.20 53.71 46.61
CA ILE B 57 -19.17 53.11 45.75
C ILE B 57 -19.63 53.14 44.30
N ASN B 58 -20.85 52.65 44.04
CA ASN B 58 -21.33 52.57 42.67
C ASN B 58 -21.60 53.94 42.06
N SER B 59 -21.74 54.97 42.88
CA SER B 59 -21.93 56.32 42.33
C SER B 59 -20.70 56.77 41.57
N GLY B 60 -19.51 56.46 42.08
CA GLY B 60 -18.28 56.88 41.46
C GLY B 60 -17.59 58.05 42.11
N LYS B 61 -18.17 58.63 43.16
CA LYS B 61 -17.51 59.72 43.87
C LYS B 61 -16.23 59.25 44.55
N VAL B 62 -16.28 58.08 45.19
CA VAL B 62 -15.09 57.52 45.82
C VAL B 62 -14.13 57.04 44.73
N GLU B 63 -12.86 57.37 44.87
CA GLU B 63 -11.86 57.05 43.85
C GLU B 63 -11.02 55.84 44.24
N LYS B 64 -10.34 55.90 45.38
CA LYS B 64 -9.35 54.90 45.76
C LYS B 64 -9.70 54.25 47.08
N LEU B 65 -9.43 52.96 47.20
CA LEU B 65 -9.63 52.19 48.41
C LEU B 65 -8.29 51.67 48.91
N GLU B 66 -8.05 51.83 50.21
CA GLU B 66 -6.80 51.42 50.82
C GLU B 66 -7.09 50.66 52.12
N GLY B 67 -6.12 49.86 52.54
CA GLY B 67 -6.24 49.08 53.75
C GLY B 67 -6.67 47.66 53.48
N PRO B 68 -6.19 46.73 54.31
CA PRO B 68 -6.57 45.32 54.12
C PRO B 68 -8.00 45.07 54.55
N CYS B 69 -8.79 44.49 53.64
CA CYS B 69 -10.17 44.16 53.91
C CYS B 69 -10.47 42.76 53.39
N VAL B 70 -11.45 42.10 54.00
CA VAL B 70 -11.84 40.75 53.61
C VAL B 70 -13.35 40.74 53.35
N LEU B 71 -13.75 40.12 52.25
CA LEU B 71 -15.16 40.13 51.86
C LEU B 71 -15.52 38.76 51.31
N GLN B 72 -16.80 38.57 51.03
CA GLN B 72 -17.30 37.32 50.47
C GLN B 72 -17.66 37.50 49.00
N ILE B 73 -17.98 36.39 48.35
CA ILE B 73 -18.36 36.38 46.93
C ILE B 73 -19.79 35.89 46.81
N GLN B 74 -20.58 36.55 45.97
CA GLN B 74 -21.97 36.13 45.77
C GLN B 74 -22.24 35.68 44.33
N LYS B 75 -21.96 36.53 43.33
CA LYS B 75 -22.16 36.17 41.92
C LYS B 75 -20.88 36.49 41.16
N ILE B 76 -20.10 35.44 40.87
CA ILE B 76 -18.87 35.57 40.09
C ILE B 76 -19.13 34.98 38.70
N ARG B 77 -19.00 35.80 37.67
CA ARG B 77 -19.19 35.36 36.31
C ARG B 77 -18.05 35.84 35.43
N ASN B 78 -17.79 35.10 34.36
CA ASN B 78 -16.86 35.53 33.33
C ASN B 78 -17.60 36.50 32.42
N VAL B 79 -17.18 37.77 32.45
CA VAL B 79 -17.87 38.80 31.68
C VAL B 79 -17.70 38.61 30.17
N ALA B 80 -16.85 37.68 29.75
CA ALA B 80 -16.58 37.44 28.34
C ALA B 80 -17.06 36.05 27.90
N ALA B 81 -18.16 35.58 28.48
CA ALA B 81 -18.73 34.29 28.12
C ALA B 81 -20.23 34.44 27.97
N PRO B 82 -20.83 33.72 27.01
CA PRO B 82 -22.26 33.86 26.78
C PRO B 82 -23.07 33.28 27.93
N LYS B 83 -24.38 33.54 27.88
CA LYS B 83 -25.25 33.06 28.95
C LYS B 83 -25.35 31.54 28.96
N ASP B 84 -25.43 30.92 27.78
CA ASP B 84 -25.61 29.48 27.72
C ASP B 84 -24.36 28.73 28.17
N ASN B 85 -23.18 29.19 27.73
CA ASN B 85 -21.93 28.51 28.01
C ASN B 85 -21.01 29.48 28.72
N GLU B 86 -20.40 29.02 29.82
CA GLU B 86 -19.55 29.87 30.62
C GLU B 86 -18.07 29.56 30.50
N GLU B 87 -17.69 28.34 30.12
CA GLU B 87 -16.29 27.93 30.05
C GLU B 87 -15.90 27.70 28.60
N SER B 88 -14.87 28.40 28.16
CA SER B 88 -14.35 28.26 26.80
C SER B 88 -13.02 29.00 26.71
N GLN B 89 -12.25 28.66 25.67
CA GLN B 89 -11.02 29.36 25.36
C GLN B 89 -11.20 30.34 24.21
N ALA B 90 -12.44 30.58 23.78
CA ALA B 90 -12.70 31.46 22.64
C ALA B 90 -12.34 32.91 22.91
N ALA B 91 -12.09 33.28 24.15
CA ALA B 91 -11.70 34.64 24.50
C ALA B 91 -10.95 34.60 25.82
N PRO B 92 -10.08 35.58 26.09
CA PRO B 92 -9.45 35.63 27.41
C PRO B 92 -10.50 35.78 28.50
N ARG B 93 -10.28 35.09 29.61
CA ARG B 93 -11.27 35.02 30.68
C ARG B 93 -11.16 36.28 31.54
N MET B 94 -12.20 37.11 31.50
CA MET B 94 -12.30 38.30 32.33
C MET B 94 -13.41 38.08 33.34
N LEU B 95 -13.04 37.96 34.61
CA LEU B 95 -13.97 37.57 35.66
C LEU B 95 -14.69 38.80 36.21
N ARG B 96 -16.01 38.74 36.23
CA ARG B 96 -16.85 39.71 36.91
C ARG B 96 -17.34 39.10 38.20
N LEU B 97 -17.06 39.77 39.32
CA LEU B 97 -17.32 39.23 40.65
C LEU B 97 -18.25 40.15 41.41
N GLN B 98 -19.41 39.64 41.80
CA GLN B 98 -20.27 40.36 42.74
C GLN B 98 -19.71 40.14 44.15
N MET B 99 -19.24 41.21 44.77
CA MET B 99 -18.34 41.11 45.91
C MET B 99 -19.05 41.75 47.09
N THR B 100 -19.24 40.98 48.17
CA THR B 100 -20.16 41.36 49.23
C THR B 100 -19.43 41.66 50.53
N ASP B 101 -19.88 42.73 51.20
CA ASP B 101 -19.36 43.14 52.50
C ASP B 101 -20.34 42.90 53.63
N GLY B 102 -21.65 42.87 53.35
CA GLY B 102 -22.64 42.68 54.38
C GLY B 102 -23.83 43.60 54.23
N HIS B 103 -23.60 44.82 53.77
CA HIS B 103 -24.71 45.75 53.53
C HIS B 103 -24.68 46.38 52.15
N ILE B 104 -23.50 46.69 51.62
CA ILE B 104 -23.37 47.41 50.35
C ILE B 104 -22.48 46.56 49.46
N SER B 105 -23.11 45.78 48.57
CA SER B 105 -22.35 44.96 47.63
C SER B 105 -21.74 45.83 46.54
N CYS B 106 -20.75 45.27 45.85
CA CYS B 106 -20.09 45.94 44.75
C CYS B 106 -19.73 44.90 43.70
N THR B 107 -18.93 45.29 42.72
CA THR B 107 -18.52 44.34 41.69
C THR B 107 -17.13 44.69 41.18
N ALA B 108 -16.32 43.67 40.98
CA ALA B 108 -14.93 43.83 40.57
C ALA B 108 -14.64 43.01 39.33
N VAL B 109 -13.87 43.60 38.43
CA VAL B 109 -13.44 42.95 37.19
C VAL B 109 -11.97 42.59 37.32
N GLU B 110 -11.63 41.37 36.91
CA GLU B 110 -10.28 40.85 37.07
C GLU B 110 -9.45 41.17 35.83
N PHE B 111 -8.30 41.81 36.04
CA PHE B 111 -7.39 42.09 34.94
C PHE B 111 -6.50 40.88 34.62
N SER B 112 -5.69 40.46 35.57
CA SER B 112 -4.71 39.41 35.33
C SER B 112 -5.34 38.05 35.56
N TYR B 113 -5.16 37.15 34.59
CA TYR B 113 -5.66 35.79 34.70
C TYR B 113 -5.07 35.12 35.93
N MET B 114 -5.90 34.82 36.92
CA MET B 114 -5.46 34.23 38.17
C MET B 114 -6.07 32.84 38.33
N SER B 115 -5.21 31.87 38.61
CA SER B 115 -5.64 30.47 38.77
C SER B 115 -5.82 30.13 40.25
N LYS B 116 -6.67 30.91 40.91
CA LYS B 116 -6.97 30.65 42.32
C LYS B 116 -8.49 30.59 42.50
N ILE B 117 -9.22 31.32 41.68
CA ILE B 117 -10.68 31.29 41.65
C ILE B 117 -11.13 30.77 40.29
N SER B 118 -11.94 29.72 40.30
CA SER B 118 -12.53 29.17 39.10
C SER B 118 -13.98 29.62 38.98
N LEU B 119 -14.57 29.33 37.81
CA LEU B 119 -15.97 29.66 37.59
C LEU B 119 -16.92 28.78 38.39
N ASN B 120 -16.41 27.70 39.00
CA ASN B 120 -17.22 26.79 39.77
C ASN B 120 -17.07 26.96 41.28
N THR B 121 -16.37 28.00 41.73
CA THR B 121 -16.12 28.16 43.15
C THR B 121 -17.44 28.36 43.89
N PRO B 122 -17.59 27.79 45.08
CA PRO B 122 -18.81 28.00 45.85
C PRO B 122 -18.92 29.44 46.32
N PRO B 123 -20.13 29.99 46.35
CA PRO B 123 -20.29 31.36 46.83
C PRO B 123 -19.93 31.49 48.30
N GLY B 124 -19.51 32.70 48.68
CA GLY B 124 -19.10 32.96 50.04
C GLY B 124 -17.63 32.75 50.32
N THR B 125 -16.85 32.32 49.33
CA THR B 125 -15.41 32.16 49.53
C THR B 125 -14.77 33.50 49.89
N LYS B 126 -13.92 33.47 50.91
CA LYS B 126 -13.30 34.70 51.39
C LYS B 126 -12.26 35.21 50.41
N VAL B 127 -12.36 36.48 50.03
CA VAL B 127 -11.35 37.15 49.22
C VAL B 127 -10.93 38.41 49.94
N LYS B 128 -9.62 38.58 50.13
CA LYS B 128 -9.06 39.69 50.87
C LYS B 128 -8.40 40.64 49.88
N LEU B 129 -8.91 41.86 49.82
CA LEU B 129 -8.25 42.94 49.09
C LEU B 129 -7.17 43.54 49.97
N SER B 130 -5.97 43.66 49.42
CA SER B 130 -4.81 44.15 50.17
C SER B 130 -4.02 45.09 49.28
N GLY B 131 -4.16 46.39 49.51
CA GLY B 131 -3.45 47.39 48.73
C GLY B 131 -4.35 48.48 48.21
N ILE B 132 -3.90 49.16 47.15
CA ILE B 132 -4.69 50.24 46.55
C ILE B 132 -5.60 49.64 45.48
N VAL B 133 -6.89 49.94 45.58
CA VAL B 133 -7.89 49.47 44.63
C VAL B 133 -8.53 50.68 43.98
N ASP B 134 -8.71 50.62 42.67
CA ASP B 134 -9.28 51.73 41.91
C ASP B 134 -10.59 51.29 41.26
N ILE B 135 -11.62 52.11 41.45
CA ILE B 135 -12.91 51.94 40.79
C ILE B 135 -12.99 52.95 39.65
N LYS B 136 -13.46 52.49 38.49
CA LYS B 136 -13.52 53.39 37.35
C LYS B 136 -14.75 54.29 37.40
N ASN B 137 -15.93 53.71 37.18
CA ASN B 137 -17.17 54.46 37.36
C ASN B 137 -18.03 53.82 38.44
N GLY B 138 -18.21 52.50 38.34
CA GLY B 138 -18.99 51.76 39.31
C GLY B 138 -18.48 50.35 39.48
N PHE B 139 -17.32 50.06 38.88
CA PHE B 139 -16.71 48.74 38.94
C PHE B 139 -15.26 48.88 39.38
N LEU B 140 -14.83 47.98 40.26
CA LEU B 140 -13.49 48.03 40.82
C LEU B 140 -12.56 47.07 40.09
N LEU B 141 -11.34 47.51 39.82
CA LEU B 141 -10.36 46.66 39.15
C LEU B 141 -9.68 45.73 40.16
N LEU B 142 -9.23 44.58 39.66
CA LEU B 142 -8.55 43.60 40.49
C LEU B 142 -7.15 43.33 39.97
N ASN B 143 -6.31 42.80 40.85
CA ASN B 143 -4.98 42.33 40.50
C ASN B 143 -4.51 41.34 41.54
N ASP B 144 -3.53 40.52 41.16
CA ASP B 144 -3.01 39.51 42.07
C ASP B 144 -2.35 40.13 43.29
N SER B 145 -1.78 41.32 43.15
CA SER B 145 -1.20 42.02 44.29
C SER B 145 -2.25 42.50 45.28
N ASN B 146 -3.53 42.45 44.91
CA ASN B 146 -4.61 42.91 45.78
C ASN B 146 -5.40 41.77 46.40
N THR B 147 -5.72 40.73 45.62
CA THR B 147 -6.65 39.69 46.04
C THR B 147 -5.90 38.48 46.57
N THR B 148 -6.32 38.01 47.75
CA THR B 148 -5.82 36.77 48.34
C THR B 148 -7.00 35.93 48.77
N VAL B 149 -7.04 34.68 48.33
CA VAL B 149 -8.17 33.80 48.62
C VAL B 149 -7.94 33.12 49.97
N LEU B 150 -9.03 32.88 50.70
CA LEU B 150 -8.94 32.20 52.00
C LEU B 150 -9.87 31.00 52.07
N GLY B 151 -11.06 31.12 51.48
CA GLY B 151 -11.99 29.99 51.44
C GLY B 151 -12.96 30.00 52.61
N GLY B 152 -14.16 29.51 52.33
CA GLY B 152 -15.20 29.45 53.34
C GLY B 152 -16.53 29.10 52.72
N GLU B 153 -17.53 28.95 53.60
CA GLU B 153 -18.89 28.62 53.19
C GLU B 153 -19.86 29.59 53.83
N VAL B 154 -20.86 30.02 53.05
CA VAL B 154 -21.79 31.05 53.47
C VAL B 154 -23.06 30.43 54.09
N GLU B 155 -23.03 29.14 54.40
CA GLU B 155 -24.15 28.44 55.01
C GLU B 155 -25.42 28.57 54.17
N HIS B 156 -25.28 28.31 52.88
CA HIS B 156 -26.39 28.37 51.94
C HIS B 156 -26.50 27.04 51.20
N LEU B 157 -27.43 26.99 50.24
CA LEU B 157 -27.62 25.82 49.41
C LEU B 157 -26.58 25.82 48.29
N ILE B 158 -26.77 24.96 47.29
CA ILE B 158 -25.88 24.98 46.14
C ILE B 158 -26.25 26.07 45.15
N GLU B 159 -27.49 26.58 45.21
CA GLU B 159 -28.04 27.56 44.27
C GLU B 159 -27.55 27.31 42.85
N LYS B 160 -27.67 26.06 42.42
CA LYS B 160 -27.29 25.65 41.08
C LYS B 160 -28.22 24.53 40.63
N TRP B 161 -28.54 24.54 39.34
CA TRP B 161 -29.42 23.55 38.72
C TRP B 161 -30.82 23.55 39.34
N VAL C 1 -35.31 -50.15 -25.70
CA VAL C 1 -35.50 -49.74 -27.09
C VAL C 1 -34.21 -49.13 -27.63
N MET C 2 -33.97 -47.86 -27.29
CA MET C 2 -32.78 -47.17 -27.74
C MET C 2 -31.62 -47.41 -26.77
N LYS C 3 -30.41 -47.21 -27.27
CA LYS C 3 -29.20 -47.34 -26.46
C LYS C 3 -28.80 -45.98 -25.90
N THR C 4 -27.83 -46.01 -25.00
CA THR C 4 -27.37 -44.84 -24.29
C THR C 4 -25.87 -44.66 -24.50
N VAL C 5 -25.44 -43.42 -24.73
CA VAL C 5 -24.03 -43.10 -24.94
C VAL C 5 -23.62 -42.03 -23.93
N LEU C 6 -22.56 -42.31 -23.19
CA LEU C 6 -22.05 -41.42 -22.15
C LEU C 6 -20.82 -40.71 -22.68
N MET C 7 -20.77 -39.39 -22.51
CA MET C 7 -19.61 -38.60 -22.86
C MET C 7 -19.29 -37.59 -21.77
N VAL C 8 -18.01 -37.44 -21.45
CA VAL C 8 -17.55 -36.53 -20.42
C VAL C 8 -16.50 -35.60 -21.01
N ALA C 9 -16.59 -34.32 -20.69
CA ALA C 9 -15.62 -33.33 -21.11
C ALA C 9 -14.68 -32.96 -19.96
N GLU C 10 -13.52 -32.41 -20.33
CA GLU C 10 -12.54 -32.04 -19.31
C GLU C 10 -12.95 -30.79 -18.55
N LYS C 11 -13.58 -29.84 -19.22
CA LYS C 11 -13.97 -28.61 -18.56
C LYS C 11 -15.47 -28.37 -18.73
N PRO C 12 -16.13 -27.86 -17.69
CA PRO C 12 -17.59 -27.67 -17.80
C PRO C 12 -18.01 -26.75 -18.92
N SER C 13 -17.30 -25.64 -19.14
CA SER C 13 -17.72 -24.68 -20.15
C SER C 13 -17.62 -25.27 -21.55
N LEU C 14 -16.48 -25.91 -21.85
CA LEU C 14 -16.39 -26.61 -23.12
C LEU C 14 -17.44 -27.70 -23.21
N ALA C 15 -17.85 -28.26 -22.08
CA ALA C 15 -18.92 -29.24 -22.11
C ALA C 15 -20.23 -28.61 -22.61
N GLN C 16 -20.65 -27.49 -22.01
CA GLN C 16 -21.88 -26.87 -22.52
C GLN C 16 -21.72 -26.45 -23.97
N SER C 17 -20.53 -26.00 -24.37
CA SER C 17 -20.34 -25.59 -25.77
C SER C 17 -20.54 -26.78 -26.70
N ILE C 18 -19.92 -27.92 -26.38
CA ILE C 18 -20.09 -29.12 -27.18
C ILE C 18 -21.57 -29.48 -27.25
N ALA C 19 -22.28 -29.35 -26.13
CA ALA C 19 -23.72 -29.63 -26.15
C ALA C 19 -24.45 -28.68 -27.10
N LYS C 20 -24.09 -27.38 -27.06
CA LYS C 20 -24.72 -26.39 -27.92
C LYS C 20 -24.61 -26.81 -29.38
N ILE C 21 -23.40 -27.10 -29.84
CA ILE C 21 -23.24 -27.48 -31.25
C ILE C 21 -23.90 -28.81 -31.55
N LEU C 22 -23.69 -29.82 -30.69
CA LEU C 22 -24.20 -31.16 -30.98
C LEU C 22 -25.72 -31.17 -31.10
N SER C 23 -26.41 -30.66 -30.09
CA SER C 23 -27.87 -30.80 -30.05
C SER C 23 -28.61 -29.73 -30.83
N ARG C 24 -27.88 -28.77 -31.42
CA ARG C 24 -28.43 -27.69 -32.25
C ARG C 24 -29.68 -27.05 -31.64
N GLY C 25 -29.73 -26.99 -30.30
CA GLY C 25 -30.85 -26.41 -29.61
C GLY C 25 -31.79 -27.38 -28.92
N SER C 26 -31.42 -28.65 -28.83
CA SER C 26 -32.25 -29.68 -28.21
C SER C 26 -31.76 -30.03 -26.82
N LEU C 27 -31.32 -29.03 -26.06
CA LEU C 27 -30.73 -29.25 -24.75
C LEU C 27 -31.75 -29.82 -23.78
N SER C 28 -31.32 -30.79 -22.97
CA SER C 28 -32.07 -31.20 -21.78
C SER C 28 -31.07 -31.15 -20.63
N SER C 29 -30.99 -29.99 -19.97
CA SER C 29 -29.95 -29.72 -19.00
C SER C 29 -30.50 -29.79 -17.58
N HIS C 30 -29.72 -30.38 -16.67
CA HIS C 30 -30.06 -30.29 -15.26
C HIS C 30 -28.80 -30.54 -14.44
N LYS C 31 -28.69 -29.85 -13.31
CA LYS C 31 -27.51 -30.02 -12.47
C LYS C 31 -27.46 -31.43 -11.92
N GLY C 32 -26.25 -31.98 -11.87
CA GLY C 32 -26.05 -33.32 -11.35
C GLY C 32 -26.06 -33.36 -9.84
N LEU C 33 -25.93 -34.56 -9.29
CA LEU C 33 -25.92 -34.73 -7.85
C LEU C 33 -24.55 -34.46 -7.24
N ASN C 34 -23.97 -33.31 -7.57
CA ASN C 34 -22.74 -32.87 -6.93
C ASN C 34 -22.66 -31.37 -6.71
N GLY C 35 -23.52 -30.57 -7.35
CA GLY C 35 -23.43 -29.14 -7.25
C GLY C 35 -22.28 -28.51 -7.99
N ALA C 36 -21.46 -29.30 -8.67
CA ALA C 36 -20.30 -28.80 -9.40
C ALA C 36 -20.53 -28.77 -10.90
N CYS C 37 -20.88 -29.91 -11.48
CA CYS C 37 -21.03 -30.05 -12.92
C CYS C 37 -22.44 -30.53 -13.23
N SER C 38 -23.08 -29.88 -14.21
CA SER C 38 -24.41 -30.30 -14.65
C SER C 38 -24.30 -31.46 -15.63
N VAL C 39 -25.45 -31.99 -16.04
CA VAL C 39 -25.53 -33.07 -17.00
C VAL C 39 -26.48 -32.61 -18.11
N HIS C 40 -26.06 -32.82 -19.36
CA HIS C 40 -26.87 -32.47 -20.52
C HIS C 40 -27.21 -33.74 -21.28
N GLU C 41 -28.49 -33.96 -21.51
CA GLU C 41 -28.95 -35.10 -22.29
C GLU C 41 -29.75 -34.63 -23.49
N TYR C 42 -29.68 -35.42 -24.55
CA TYR C 42 -30.41 -35.16 -25.78
C TYR C 42 -30.51 -36.46 -26.56
N THR C 43 -31.05 -36.37 -27.78
CA THR C 43 -31.24 -37.53 -28.63
C THR C 43 -30.48 -37.34 -29.94
N GLY C 44 -30.02 -38.45 -30.50
CA GLY C 44 -29.29 -38.36 -31.75
C GLY C 44 -29.09 -39.73 -32.37
N THR C 45 -28.07 -39.82 -33.21
CA THR C 45 -27.72 -41.06 -33.88
C THR C 45 -26.25 -41.37 -33.64
N PHE C 46 -25.93 -42.66 -33.67
CA PHE C 46 -24.55 -43.10 -33.46
C PHE C 46 -24.40 -44.45 -34.15
N ALA C 47 -23.62 -44.47 -35.23
CA ALA C 47 -23.40 -45.66 -36.05
C ALA C 47 -24.69 -46.25 -36.60
N GLY C 48 -25.73 -45.43 -36.76
CA GLY C 48 -26.95 -45.87 -37.40
C GLY C 48 -28.05 -46.38 -36.50
N GLN C 49 -28.05 -46.03 -35.21
CA GLN C 49 -29.16 -46.34 -34.32
C GLN C 49 -29.64 -45.06 -33.65
N PRO C 50 -30.95 -44.81 -33.60
CA PRO C 50 -31.46 -43.65 -32.86
C PRO C 50 -31.33 -43.86 -31.36
N VAL C 51 -30.44 -43.12 -30.71
CA VAL C 51 -30.05 -43.36 -29.34
C VAL C 51 -30.09 -42.07 -28.54
N ARG C 52 -29.83 -42.18 -27.24
CA ARG C 52 -29.85 -41.05 -26.33
C ARG C 52 -28.44 -40.80 -25.80
N PHE C 53 -28.07 -39.52 -25.76
CA PHE C 53 -26.74 -39.09 -25.36
C PHE C 53 -26.84 -38.35 -24.02
N LYS C 54 -26.05 -38.80 -23.04
CA LYS C 54 -25.86 -38.07 -21.80
C LYS C 54 -24.41 -37.65 -21.69
N MET C 55 -24.17 -36.40 -21.31
CA MET C 55 -22.82 -35.87 -21.21
C MET C 55 -22.65 -35.07 -19.94
N THR C 56 -21.49 -35.24 -19.31
CA THR C 56 -21.11 -34.55 -18.09
C THR C 56 -19.72 -33.94 -18.24
N SER C 57 -19.18 -33.41 -17.16
CA SER C 57 -17.85 -32.80 -17.21
C SER C 57 -17.16 -33.02 -15.87
N VAL C 58 -16.14 -33.88 -15.85
CA VAL C 58 -15.30 -33.99 -14.67
C VAL C 58 -14.62 -32.65 -14.42
N CYS C 59 -14.52 -32.27 -13.15
CA CYS C 59 -14.09 -30.92 -12.77
C CYS C 59 -12.58 -30.81 -12.65
N GLY C 60 -11.82 -31.65 -13.33
CA GLY C 60 -10.37 -31.62 -13.25
C GLY C 60 -9.77 -33.00 -13.07
N HIS C 61 -8.69 -33.08 -12.28
CA HIS C 61 -8.08 -34.37 -12.01
C HIS C 61 -9.07 -35.28 -11.28
N VAL C 62 -9.32 -36.45 -11.87
CA VAL C 62 -10.17 -37.43 -11.22
C VAL C 62 -9.46 -38.02 -10.01
N MET C 63 -8.19 -38.38 -10.16
CA MET C 63 -7.42 -38.97 -9.08
C MET C 63 -5.98 -38.46 -9.14
N THR C 64 -5.35 -38.44 -7.97
CA THR C 64 -3.94 -38.13 -7.81
C THR C 64 -3.23 -39.32 -7.17
N LEU C 65 -1.93 -39.20 -6.97
CA LEU C 65 -1.08 -40.30 -6.54
C LEU C 65 -0.48 -39.97 -5.18
N ASP C 66 -0.52 -40.94 -4.26
CA ASP C 66 0.10 -40.75 -2.96
C ASP C 66 0.47 -42.12 -2.38
N PHE C 67 1.44 -42.10 -1.47
CA PHE C 67 1.94 -43.33 -0.87
C PHE C 67 0.96 -43.86 0.17
N LEU C 68 1.36 -44.93 0.84
CA LEU C 68 0.54 -45.49 1.91
C LEU C 68 0.47 -44.53 3.09
N GLY C 69 -0.68 -44.53 3.78
CA GLY C 69 -0.87 -43.64 4.90
C GLY C 69 0.13 -43.87 6.02
N LYS C 70 0.52 -45.13 6.24
CA LYS C 70 1.50 -45.43 7.27
C LYS C 70 2.79 -44.66 7.05
N TYR C 71 3.34 -44.73 5.83
CA TYR C 71 4.55 -43.98 5.52
C TYR C 71 4.33 -42.47 5.54
N ASN C 72 3.06 -42.03 5.53
CA ASN C 72 2.75 -40.62 5.68
C ASN C 72 2.76 -40.16 7.12
N LYS C 73 3.06 -41.07 8.07
CA LYS C 73 3.13 -40.70 9.47
C LYS C 73 4.35 -39.83 9.79
N TRP C 74 5.26 -39.65 8.84
CA TRP C 74 6.45 -38.80 8.92
C TRP C 74 7.51 -39.34 9.87
N ASP C 75 7.27 -40.46 10.54
CA ASP C 75 8.26 -41.03 11.43
C ASP C 75 8.38 -42.55 11.35
N LYS C 76 7.58 -43.22 10.53
CA LYS C 76 7.59 -44.68 10.51
C LYS C 76 8.90 -45.22 9.98
N VAL C 77 9.34 -44.74 8.81
CA VAL C 77 10.54 -45.26 8.17
C VAL C 77 11.39 -44.11 7.66
N ASP C 78 12.65 -44.40 7.39
CA ASP C 78 13.53 -43.43 6.79
C ASP C 78 13.14 -43.21 5.33
N PRO C 79 13.25 -41.98 4.82
CA PRO C 79 12.76 -41.71 3.47
C PRO C 79 13.48 -42.49 2.40
N ALA C 80 14.67 -43.03 2.69
CA ALA C 80 15.34 -43.90 1.73
C ALA C 80 14.46 -45.08 1.34
N GLU C 81 13.79 -45.68 2.33
CA GLU C 81 12.90 -46.80 2.03
C GLU C 81 11.75 -46.39 1.13
N LEU C 82 11.49 -45.09 0.99
CA LEU C 82 10.49 -44.62 0.05
C LEU C 82 10.84 -44.94 -1.39
N PHE C 83 12.12 -45.18 -1.70
CA PHE C 83 12.52 -45.38 -3.08
C PHE C 83 11.94 -46.67 -3.65
N SER C 84 12.10 -47.79 -2.93
CA SER C 84 11.68 -49.08 -3.48
C SER C 84 10.97 -49.96 -2.46
N GLN C 85 10.55 -49.42 -1.32
CA GLN C 85 9.84 -50.21 -0.31
C GLN C 85 8.56 -49.50 0.12
N ALA C 86 8.03 -48.63 -0.73
CA ALA C 86 6.85 -47.83 -0.41
C ALA C 86 5.80 -48.00 -1.49
N PRO C 87 4.89 -48.95 -1.32
CA PRO C 87 3.78 -49.08 -2.27
C PRO C 87 2.96 -47.80 -2.33
N THR C 88 2.52 -47.45 -3.53
CA THR C 88 1.87 -46.18 -3.79
C THR C 88 0.54 -46.42 -4.49
N GLU C 89 -0.49 -45.68 -4.08
CA GLU C 89 -1.84 -45.88 -4.59
C GLU C 89 -2.38 -44.55 -5.11
N LYS C 90 -3.60 -44.59 -5.65
CA LYS C 90 -4.25 -43.42 -6.23
C LYS C 90 -5.52 -43.12 -5.45
N LYS C 91 -5.74 -41.83 -5.19
CA LYS C 91 -6.88 -41.38 -4.41
C LYS C 91 -7.59 -40.23 -5.13
N GLU C 92 -8.90 -40.14 -4.92
CA GLU C 92 -9.70 -39.11 -5.59
C GLU C 92 -9.35 -37.75 -5.01
N ALA C 93 -8.79 -36.89 -5.85
CA ALA C 93 -8.41 -35.55 -5.41
C ALA C 93 -9.64 -34.70 -5.18
N ASN C 94 -9.53 -33.76 -4.22
CA ASN C 94 -10.60 -32.86 -3.85
C ASN C 94 -11.88 -33.63 -3.51
N PRO C 95 -11.94 -34.32 -2.37
CA PRO C 95 -13.15 -35.09 -2.04
C PRO C 95 -14.39 -34.24 -1.94
N LYS C 96 -14.27 -32.93 -1.70
CA LYS C 96 -15.43 -32.05 -1.72
C LYS C 96 -16.17 -32.13 -3.04
N LEU C 97 -15.45 -32.35 -4.14
CA LEU C 97 -16.11 -32.53 -5.42
C LEU C 97 -16.90 -33.83 -5.47
N ASN C 98 -16.43 -34.86 -4.75
CA ASN C 98 -17.08 -36.18 -4.74
C ASN C 98 -17.20 -36.72 -6.17
N MET C 99 -16.16 -36.50 -6.98
CA MET C 99 -16.21 -36.84 -8.39
C MET C 99 -16.31 -38.35 -8.61
N VAL C 100 -15.57 -39.14 -7.82
CA VAL C 100 -15.60 -40.58 -8.00
C VAL C 100 -17.00 -41.13 -7.71
N LYS C 101 -17.64 -40.64 -6.65
CA LYS C 101 -18.99 -41.10 -6.35
C LYS C 101 -19.99 -40.58 -7.37
N PHE C 102 -19.78 -39.38 -7.89
CA PHE C 102 -20.66 -38.87 -8.95
C PHE C 102 -20.60 -39.75 -10.18
N LEU C 103 -19.38 -40.11 -10.61
CA LEU C 103 -19.23 -40.98 -11.76
C LEU C 103 -19.65 -42.41 -11.46
N GLN C 104 -19.65 -42.81 -10.19
CA GLN C 104 -20.17 -44.13 -9.84
C GLN C 104 -21.69 -44.16 -9.92
N VAL C 105 -22.35 -43.14 -9.38
CA VAL C 105 -23.82 -43.12 -9.37
C VAL C 105 -24.36 -42.86 -10.76
N GLU C 106 -23.66 -42.07 -11.58
CA GLU C 106 -24.10 -41.79 -12.94
C GLU C 106 -23.23 -42.56 -13.92
N GLY C 107 -23.86 -43.43 -14.70
CA GLY C 107 -23.14 -44.21 -15.68
C GLY C 107 -23.65 -45.62 -15.84
N ARG C 108 -24.58 -46.02 -14.98
CA ARG C 108 -25.13 -47.37 -15.04
C ARG C 108 -25.90 -47.56 -16.34
N GLY C 109 -25.59 -48.64 -17.06
CA GLY C 109 -26.28 -48.96 -18.29
C GLY C 109 -25.80 -48.22 -19.52
N CYS C 110 -24.82 -47.33 -19.38
CA CYS C 110 -24.31 -46.57 -20.52
C CYS C 110 -23.47 -47.49 -21.39
N ASP C 111 -24.10 -48.07 -22.42
CA ASP C 111 -23.46 -49.14 -23.18
C ASP C 111 -22.24 -48.64 -23.94
N TYR C 112 -22.34 -47.50 -24.61
CA TYR C 112 -21.26 -46.96 -25.40
C TYR C 112 -20.73 -45.69 -24.74
N ILE C 113 -19.41 -45.49 -24.80
CA ILE C 113 -18.76 -44.32 -24.22
C ILE C 113 -17.92 -43.65 -25.29
N VAL C 114 -18.05 -42.33 -25.40
CA VAL C 114 -17.18 -41.50 -26.24
C VAL C 114 -16.59 -40.43 -25.35
N LEU C 115 -15.30 -40.14 -25.54
CA LEU C 115 -14.53 -39.36 -24.60
C LEU C 115 -13.99 -38.10 -25.29
N TRP C 116 -14.23 -36.95 -24.67
CA TRP C 116 -13.96 -35.64 -25.27
C TRP C 116 -12.97 -34.84 -24.43
N LEU C 117 -11.89 -35.46 -23.99
CA LEU C 117 -10.89 -34.72 -23.25
C LEU C 117 -9.87 -34.12 -24.22
N ASP C 118 -9.00 -33.27 -23.68
CA ASP C 118 -7.98 -32.63 -24.52
C ASP C 118 -7.00 -33.66 -25.06
N CYS C 119 -6.57 -33.46 -26.30
CA CYS C 119 -5.75 -34.44 -27.00
C CYS C 119 -4.26 -34.32 -26.70
N ASP C 120 -3.85 -33.31 -25.94
CA ASP C 120 -2.44 -33.15 -25.60
C ASP C 120 -2.08 -34.06 -24.43
N LYS C 121 -0.89 -33.85 -23.87
CA LYS C 121 -0.50 -34.58 -22.68
C LYS C 121 -1.36 -34.14 -21.49
N GLU C 122 -1.13 -34.76 -20.34
CA GLU C 122 -1.82 -34.47 -19.09
C GLU C 122 -3.33 -34.69 -19.19
N GLY C 123 -3.82 -35.24 -20.29
CA GLY C 123 -5.22 -35.55 -20.43
C GLY C 123 -5.43 -37.04 -20.54
N GLU C 124 -4.37 -37.76 -20.92
CA GLU C 124 -4.46 -39.21 -21.02
C GLU C 124 -4.61 -39.85 -19.65
N ASN C 125 -3.92 -39.30 -18.65
CA ASN C 125 -4.16 -39.73 -17.27
C ASN C 125 -5.64 -39.67 -16.95
N ILE C 126 -6.27 -38.53 -17.25
CA ILE C 126 -7.65 -38.32 -16.88
C ILE C 126 -8.57 -39.24 -17.67
N CYS C 127 -8.29 -39.42 -18.96
CA CYS C 127 -9.16 -40.25 -19.78
C CYS C 127 -9.12 -41.69 -19.30
N PHE C 128 -7.93 -42.22 -19.02
CA PHE C 128 -7.86 -43.59 -18.57
C PHE C 128 -8.39 -43.75 -17.15
N GLU C 129 -8.26 -42.70 -16.32
CA GLU C 129 -8.86 -42.76 -14.98
C GLU C 129 -10.37 -42.84 -15.08
N VAL C 130 -10.97 -41.99 -15.91
CA VAL C 130 -12.42 -42.05 -16.11
C VAL C 130 -12.84 -43.39 -16.66
N LEU C 131 -12.08 -43.92 -17.62
CA LEU C 131 -12.39 -45.22 -18.20
C LEU C 131 -12.38 -46.31 -17.14
N ASP C 132 -11.30 -46.40 -16.37
CA ASP C 132 -11.19 -47.44 -15.35
C ASP C 132 -12.24 -47.24 -14.26
N ALA C 133 -12.71 -46.01 -14.05
CA ALA C 133 -13.77 -45.79 -13.08
C ALA C 133 -15.11 -46.27 -13.63
N VAL C 134 -15.36 -46.09 -14.92
CA VAL C 134 -16.68 -46.38 -15.46
C VAL C 134 -16.84 -47.81 -15.96
N LEU C 135 -15.75 -48.53 -16.24
CA LEU C 135 -15.89 -49.92 -16.68
C LEU C 135 -16.71 -50.81 -15.75
N PRO C 136 -16.60 -50.73 -14.42
CA PRO C 136 -17.43 -51.60 -13.60
C PRO C 136 -18.84 -51.08 -13.40
N VAL C 137 -19.27 -50.13 -14.23
CA VAL C 137 -20.51 -49.41 -13.99
C VAL C 137 -21.57 -49.70 -15.05
N MET C 138 -21.19 -49.85 -16.32
CA MET C 138 -22.18 -49.96 -17.37
C MET C 138 -22.76 -51.37 -17.41
N ASN C 139 -23.50 -51.68 -18.47
CA ASN C 139 -24.29 -52.90 -18.60
C ASN C 139 -23.54 -54.02 -19.30
N LYS C 140 -22.21 -54.07 -19.18
CA LYS C 140 -21.38 -55.14 -19.72
C LYS C 140 -21.33 -55.11 -21.25
N ALA C 141 -20.18 -55.47 -21.82
CA ALA C 141 -19.98 -55.43 -23.26
C ALA C 141 -20.40 -56.76 -23.89
N HIS C 142 -21.73 -56.98 -23.90
CA HIS C 142 -22.27 -58.17 -24.54
C HIS C 142 -22.01 -58.15 -26.03
N GLY C 143 -22.19 -57.00 -26.67
CA GLY C 143 -21.94 -56.90 -28.10
C GLY C 143 -20.47 -57.03 -28.41
N GLY C 144 -20.14 -57.78 -29.45
CA GLY C 144 -18.75 -57.99 -29.83
C GLY C 144 -18.04 -56.71 -30.22
N GLU C 145 -18.77 -55.71 -30.69
CA GLU C 145 -18.16 -54.43 -31.02
C GLU C 145 -17.68 -53.74 -29.75
N LYS C 146 -16.50 -53.12 -29.84
CA LYS C 146 -15.95 -52.39 -28.72
C LYS C 146 -16.74 -51.10 -28.46
N THR C 147 -16.69 -50.63 -27.23
CA THR C 147 -17.44 -49.45 -26.82
C THR C 147 -16.58 -48.27 -26.43
N VAL C 148 -15.27 -48.46 -26.21
CA VAL C 148 -14.38 -47.39 -25.81
C VAL C 148 -13.96 -46.64 -27.08
N PHE C 149 -14.43 -45.41 -27.23
CA PHE C 149 -14.08 -44.57 -28.36
C PHE C 149 -13.45 -43.28 -27.86
N ARG C 150 -12.42 -42.83 -28.58
CA ARG C 150 -11.70 -41.61 -28.24
C ARG C 150 -11.94 -40.58 -29.33
N ALA C 151 -12.24 -39.35 -28.93
CA ALA C 151 -12.46 -38.26 -29.87
C ALA C 151 -11.20 -37.44 -30.01
N ARG C 152 -10.73 -37.25 -31.24
CA ARG C 152 -9.50 -36.52 -31.52
C ARG C 152 -9.88 -35.22 -32.23
N PHE C 153 -10.13 -34.18 -31.45
CA PHE C 153 -10.42 -32.86 -31.99
C PHE C 153 -9.19 -31.98 -31.82
N SER C 154 -8.81 -31.29 -32.90
CA SER C 154 -7.59 -30.49 -32.90
C SER C 154 -7.85 -29.08 -32.38
N SER C 155 -8.74 -28.35 -33.03
CA SER C 155 -9.06 -26.98 -32.65
C SER C 155 -10.51 -26.89 -32.20
N ILE C 156 -10.77 -25.97 -31.28
CA ILE C 156 -12.13 -25.79 -30.74
C ILE C 156 -12.84 -24.83 -31.68
N THR C 157 -13.34 -25.39 -32.78
CA THR C 157 -14.11 -24.63 -33.77
C THR C 157 -15.24 -25.51 -34.27
N ASP C 158 -16.24 -24.87 -34.87
CA ASP C 158 -17.47 -25.57 -35.25
C ASP C 158 -17.20 -26.67 -36.27
N THR C 159 -16.52 -26.32 -37.37
CA THR C 159 -16.25 -27.32 -38.41
C THR C 159 -15.33 -28.42 -37.89
N ASP C 160 -14.34 -28.05 -37.06
CA ASP C 160 -13.43 -29.04 -36.53
C ASP C 160 -14.16 -30.04 -35.64
N ILE C 161 -15.07 -29.58 -34.78
CA ILE C 161 -15.80 -30.52 -33.96
C ILE C 161 -16.81 -31.31 -34.79
N CYS C 162 -17.31 -30.71 -35.88
CA CYS C 162 -18.13 -31.48 -36.81
C CYS C 162 -17.36 -32.67 -37.35
N ASN C 163 -16.16 -32.43 -37.86
CA ASN C 163 -15.31 -33.54 -38.29
C ASN C 163 -15.00 -34.47 -37.13
N ALA C 164 -14.92 -33.93 -35.91
CA ALA C 164 -14.59 -34.73 -34.74
C ALA C 164 -15.65 -35.80 -34.49
N MET C 165 -16.93 -35.39 -34.41
CA MET C 165 -17.89 -36.48 -34.19
C MET C 165 -18.17 -37.22 -35.48
N ALA C 166 -17.75 -36.69 -36.64
CA ALA C 166 -17.80 -37.48 -37.86
C ALA C 166 -16.88 -38.69 -37.78
N CYS C 167 -15.67 -38.50 -37.24
CA CYS C 167 -14.71 -39.60 -37.15
C CYS C 167 -14.05 -39.62 -35.77
N LEU C 168 -14.10 -40.78 -35.12
CA LEU C 168 -13.56 -40.98 -33.78
C LEU C 168 -12.36 -41.92 -33.84
N GLY C 169 -11.78 -42.19 -32.67
CA GLY C 169 -10.59 -43.00 -32.56
C GLY C 169 -10.50 -43.77 -31.26
N GLU C 170 -9.28 -44.05 -30.83
CA GLU C 170 -8.99 -44.93 -29.70
C GLU C 170 -7.76 -44.38 -28.98
N PRO C 171 -7.73 -44.45 -27.63
CA PRO C 171 -6.65 -43.78 -26.89
C PRO C 171 -5.30 -44.48 -26.98
N ASP C 172 -4.30 -43.96 -26.26
CA ASP C 172 -2.91 -44.41 -26.40
C ASP C 172 -2.32 -44.65 -25.01
N HIS C 173 -2.41 -45.90 -24.57
CA HIS C 173 -1.94 -46.28 -23.23
C HIS C 173 -0.43 -46.13 -23.12
N ASN C 174 0.30 -46.37 -24.21
CA ASN C 174 1.75 -46.31 -24.15
C ASN C 174 2.23 -44.92 -23.78
N GLU C 175 1.64 -43.88 -24.37
CA GLU C 175 2.03 -42.52 -24.02
C GLU C 175 1.30 -41.99 -22.79
N ALA C 176 0.18 -42.60 -22.41
CA ALA C 176 -0.39 -42.29 -21.09
C ALA C 176 0.59 -42.68 -19.99
N LEU C 177 1.17 -43.88 -20.10
CA LEU C 177 2.16 -44.33 -19.14
C LEU C 177 3.52 -43.78 -19.50
N SER C 178 3.57 -42.48 -19.82
CA SER C 178 4.79 -41.69 -19.81
C SER C 178 4.63 -40.46 -18.93
N VAL C 179 3.53 -39.73 -19.10
CA VAL C 179 3.16 -38.71 -18.15
C VAL C 179 2.87 -39.34 -16.79
N ASP C 180 2.32 -40.56 -16.76
CA ASP C 180 2.24 -41.28 -15.49
C ASP C 180 3.61 -41.41 -14.86
N ALA C 181 4.61 -41.81 -15.65
CA ALA C 181 5.96 -41.99 -15.15
C ALA C 181 6.52 -40.68 -14.61
N ARG C 182 6.33 -39.60 -15.36
CA ARG C 182 6.89 -38.32 -14.92
C ARG C 182 6.26 -37.87 -13.62
N GLN C 183 4.94 -38.03 -13.49
CA GLN C 183 4.27 -37.63 -12.25
C GLN C 183 4.76 -38.45 -11.07
N GLU C 184 4.85 -39.77 -11.25
CA GLU C 184 5.28 -40.60 -10.12
C GLU C 184 6.72 -40.30 -9.74
N LEU C 185 7.60 -40.10 -10.74
CA LEU C 185 9.00 -39.83 -10.44
C LEU C 185 9.15 -38.53 -9.67
N ASP C 186 8.43 -37.49 -10.10
CA ASP C 186 8.45 -36.23 -9.34
C ASP C 186 7.95 -36.44 -7.93
N LEU C 187 6.89 -37.23 -7.78
CA LEU C 187 6.33 -37.48 -6.45
C LEU C 187 7.37 -38.10 -5.52
N ARG C 188 8.01 -39.19 -5.97
CA ARG C 188 9.00 -39.84 -5.10
C ARG C 188 10.16 -38.92 -4.80
N ILE C 189 10.66 -38.21 -5.82
CA ILE C 189 11.83 -37.34 -5.60
C ILE C 189 11.50 -36.29 -4.54
N GLY C 190 10.35 -35.63 -4.67
CA GLY C 190 9.99 -34.63 -3.68
C GLY C 190 9.79 -35.23 -2.31
N CYS C 191 8.96 -36.27 -2.21
CA CYS C 191 8.61 -36.85 -0.91
C CYS C 191 9.83 -37.44 -0.21
N ALA C 192 10.91 -37.70 -0.94
CA ALA C 192 12.15 -38.12 -0.29
C ALA C 192 13.03 -36.93 0.10
N PHE C 193 13.41 -36.11 -0.89
CA PHE C 193 14.39 -35.06 -0.65
C PHE C 193 13.86 -34.01 0.33
N THR C 194 12.64 -33.52 0.09
CA THR C 194 12.10 -32.47 0.95
C THR C 194 11.95 -32.98 2.38
N ARG C 195 11.46 -34.20 2.55
CA ARG C 195 11.30 -34.77 3.88
C ARG C 195 12.63 -34.90 4.59
N PHE C 196 13.64 -35.43 3.90
CA PHE C 196 14.95 -35.59 4.55
C PHE C 196 15.53 -34.24 4.93
N GLN C 197 15.40 -33.25 4.05
CA GLN C 197 15.97 -31.93 4.33
C GLN C 197 15.28 -31.29 5.52
N THR C 198 13.94 -31.31 5.54
CA THR C 198 13.24 -30.67 6.65
C THR C 198 13.44 -31.42 7.95
N LYS C 199 13.74 -32.73 7.88
CA LYS C 199 14.07 -33.47 9.10
C LYS C 199 15.46 -33.10 9.60
N TYR C 200 16.42 -32.95 8.70
CA TYR C 200 17.80 -32.73 9.13
C TYR C 200 18.01 -31.28 9.56
N PHE C 201 17.82 -30.33 8.64
CA PHE C 201 18.26 -28.96 8.90
C PHE C 201 17.60 -28.37 10.13
N GLN C 202 16.39 -28.80 10.46
CA GLN C 202 15.74 -28.35 11.69
C GLN C 202 16.14 -29.20 12.89
N GLY C 203 16.98 -30.21 12.70
CA GLY C 203 17.34 -31.09 13.80
C GLY C 203 18.08 -30.39 14.92
N LYS C 204 19.05 -29.53 14.57
CA LYS C 204 19.87 -28.87 15.57
C LYS C 204 19.84 -27.35 15.48
N TYR C 205 19.75 -26.79 14.28
CA TYR C 205 19.68 -25.33 14.15
C TYR C 205 18.30 -24.86 14.55
N GLY C 206 18.19 -24.22 15.72
CA GLY C 206 16.89 -23.89 16.27
C GLY C 206 16.16 -22.80 15.52
N ASP C 207 16.91 -21.93 14.83
CA ASP C 207 16.27 -20.84 14.11
C ASP C 207 15.38 -21.34 12.97
N LEU C 208 15.65 -22.54 12.46
CA LEU C 208 14.86 -23.12 11.38
C LEU C 208 13.53 -23.70 11.84
N ASP C 209 13.11 -23.38 13.06
CA ASP C 209 11.83 -23.84 13.56
C ASP C 209 10.68 -23.06 12.90
N SER C 210 9.51 -23.69 12.88
CA SER C 210 8.30 -23.09 12.30
C SER C 210 8.51 -22.71 10.84
N SER C 211 9.26 -23.54 10.11
CA SER C 211 9.51 -23.32 8.71
C SER C 211 9.72 -24.65 8.02
N LEU C 212 9.49 -24.67 6.71
CA LEU C 212 9.61 -25.87 5.90
C LEU C 212 10.70 -25.68 4.85
N ILE C 213 11.59 -26.65 4.75
CA ILE C 213 12.64 -26.66 3.74
C ILE C 213 12.21 -27.61 2.63
N SER C 214 12.25 -27.13 1.39
CA SER C 214 11.74 -27.88 0.26
C SER C 214 12.81 -28.09 -0.80
N PHE C 215 12.65 -29.17 -1.56
CA PHE C 215 13.50 -29.47 -2.70
C PHE C 215 12.69 -30.27 -3.70
N GLY C 216 13.04 -30.14 -4.97
CA GLY C 216 12.32 -30.83 -6.01
C GLY C 216 12.83 -30.52 -7.40
N PRO C 217 12.01 -30.82 -8.41
CA PRO C 217 12.47 -30.68 -9.80
C PRO C 217 12.32 -29.27 -10.35
N CYS C 218 11.36 -28.51 -9.84
CA CYS C 218 11.10 -27.15 -10.33
C CYS C 218 11.41 -26.06 -9.32
N GLN C 219 11.13 -26.31 -8.03
CA GLN C 219 11.37 -25.29 -7.02
C GLN C 219 12.86 -24.93 -6.95
N THR C 220 13.73 -25.94 -6.98
CA THR C 220 15.16 -25.67 -6.92
C THR C 220 15.65 -24.84 -8.10
N PRO C 221 15.31 -25.16 -9.35
CA PRO C 221 15.76 -24.27 -10.45
C PRO C 221 15.14 -22.90 -10.41
N THR C 222 13.86 -22.77 -10.05
CA THR C 222 13.27 -21.44 -10.04
C THR C 222 13.86 -20.58 -8.92
N LEU C 223 14.35 -21.20 -7.84
CA LEU C 223 15.14 -20.43 -6.89
C LEU C 223 16.53 -20.12 -7.43
N GLY C 224 17.16 -21.10 -8.08
CA GLY C 224 18.53 -20.93 -8.52
C GLY C 224 18.69 -19.86 -9.58
N PHE C 225 17.62 -19.58 -10.34
CA PHE C 225 17.68 -18.48 -11.29
C PHE C 225 17.98 -17.16 -10.58
N CYS C 226 17.12 -16.79 -9.62
CA CYS C 226 17.36 -15.57 -8.85
C CYS C 226 18.66 -15.66 -8.06
N VAL C 227 19.05 -16.86 -7.65
CA VAL C 227 20.29 -17.02 -6.91
C VAL C 227 21.49 -16.64 -7.77
N GLU C 228 21.53 -17.14 -9.00
CA GLU C 228 22.61 -16.79 -9.91
C GLU C 228 22.59 -15.31 -10.23
N ARG C 229 21.39 -14.73 -10.36
CA ARG C 229 21.29 -13.30 -10.58
C ARG C 229 21.92 -12.53 -9.44
N HIS C 230 21.63 -12.92 -8.21
CA HIS C 230 22.21 -12.24 -7.05
C HIS C 230 23.73 -12.44 -7.00
N ASP C 231 24.21 -13.63 -7.33
CA ASP C 231 25.64 -13.88 -7.34
C ASP C 231 26.35 -12.97 -8.34
N LYS C 232 25.78 -12.85 -9.54
CA LYS C 232 26.36 -11.95 -10.54
C LYS C 232 26.30 -10.50 -10.07
N ILE C 233 25.21 -10.11 -9.40
CA ILE C 233 25.08 -8.75 -8.91
C ILE C 233 26.17 -8.46 -7.88
N GLN C 234 26.40 -9.38 -6.96
CA GLN C 234 27.42 -9.16 -5.93
C GLN C 234 28.82 -9.15 -6.54
N SER C 235 29.12 -10.11 -7.40
CA SER C 235 30.46 -10.23 -7.99
C SER C 235 30.54 -9.30 -9.20
N PHE C 236 31.01 -8.08 -8.98
CA PHE C 236 31.07 -7.08 -10.04
C PHE C 236 32.17 -6.08 -9.72
N LYS C 237 32.86 -5.62 -10.76
CA LYS C 237 33.96 -4.67 -10.63
C LYS C 237 33.61 -3.37 -11.35
N PRO C 238 33.21 -2.33 -10.62
CA PRO C 238 32.82 -1.07 -11.29
C PRO C 238 33.99 -0.42 -12.01
N GLU C 239 33.67 0.25 -13.10
CA GLU C 239 34.64 0.98 -13.91
C GLU C 239 34.04 2.32 -14.28
N THR C 240 34.75 3.09 -15.12
CA THR C 240 34.33 4.44 -15.47
C THR C 240 34.35 4.62 -16.99
N TYR C 241 33.45 5.47 -17.48
CA TYR C 241 33.34 5.78 -18.89
C TYR C 241 34.03 7.10 -19.21
N TRP C 242 34.11 7.43 -20.49
CA TRP C 242 34.61 8.72 -20.96
C TRP C 242 33.91 9.02 -22.27
N VAL C 243 33.00 10.00 -22.27
CA VAL C 243 32.21 10.34 -23.45
C VAL C 243 32.35 11.84 -23.72
N LEU C 244 32.47 12.19 -25.00
CA LEU C 244 32.56 13.58 -25.41
C LEU C 244 31.21 14.05 -25.95
N GLN C 245 30.83 15.27 -25.58
CA GLN C 245 29.52 15.82 -25.89
C GLN C 245 29.69 17.10 -26.70
N ALA C 246 28.76 17.33 -27.63
CA ALA C 246 28.79 18.50 -28.49
C ALA C 246 27.45 19.23 -28.43
N LYS C 247 27.52 20.56 -28.40
CA LYS C 247 26.34 21.40 -28.24
C LYS C 247 26.34 22.46 -29.33
N VAL C 248 25.21 22.60 -30.03
CA VAL C 248 25.10 23.53 -31.15
C VAL C 248 23.75 24.23 -31.12
N ASN C 249 23.65 25.31 -31.89
CA ASN C 249 22.43 26.05 -32.11
C ASN C 249 22.22 26.24 -33.61
N THR C 250 20.97 26.21 -34.05
CA THR C 250 20.68 26.27 -35.49
C THR C 250 20.42 27.70 -35.96
N ASP C 251 19.34 28.32 -35.48
CA ASP C 251 19.03 29.69 -35.82
C ASP C 251 18.95 30.59 -34.60
N LYS C 252 18.09 30.27 -33.63
CA LYS C 252 17.91 31.05 -32.43
C LYS C 252 16.99 30.28 -31.48
N ASP C 253 17.31 30.32 -30.19
CA ASP C 253 16.52 29.65 -29.16
C ASP C 253 16.33 28.16 -29.47
N ARG C 254 17.30 27.56 -30.16
CA ARG C 254 17.26 26.15 -30.51
C ARG C 254 18.56 25.51 -30.07
N SER C 255 18.45 24.46 -29.25
CA SER C 255 19.60 23.76 -28.70
C SER C 255 19.61 22.33 -29.21
N LEU C 256 20.71 21.92 -29.82
CA LEU C 256 20.89 20.57 -30.31
C LEU C 256 22.11 19.94 -29.64
N LEU C 257 21.94 18.69 -29.22
CA LEU C 257 23.00 17.93 -28.57
C LEU C 257 23.44 16.81 -29.50
N LEU C 258 24.72 16.81 -29.87
CA LEU C 258 25.23 15.81 -30.79
C LEU C 258 25.56 14.52 -30.04
N ASP C 259 25.91 13.49 -30.80
CA ASP C 259 26.28 12.19 -30.24
C ASP C 259 27.51 11.67 -30.97
N TRP C 260 28.47 11.16 -30.19
CA TRP C 260 29.69 10.61 -30.75
C TRP C 260 29.42 9.23 -31.33
N ASP C 261 29.91 8.99 -32.55
CA ASP C 261 29.81 7.67 -33.15
C ASP C 261 30.54 6.65 -32.30
N ARG C 262 31.74 7.00 -31.85
CA ARG C 262 32.45 6.21 -30.84
C ARG C 262 31.82 6.55 -29.49
N VAL C 263 30.91 5.69 -29.04
CA VAL C 263 30.03 6.06 -27.94
C VAL C 263 30.80 6.20 -26.62
N ARG C 264 31.89 5.45 -26.45
CA ARG C 264 32.64 5.57 -25.21
C ARG C 264 34.08 5.10 -25.42
N VAL C 265 34.98 5.62 -24.59
CA VAL C 265 36.38 5.23 -24.57
C VAL C 265 36.77 4.97 -23.13
N PHE C 266 37.49 3.88 -22.88
CA PHE C 266 37.84 3.48 -21.52
C PHE C 266 39.28 3.85 -21.17
N ASP C 267 39.55 5.16 -21.17
CA ASP C 267 40.85 5.66 -20.72
C ASP C 267 40.85 7.17 -20.53
N ARG C 268 41.30 7.62 -19.36
CA ARG C 268 41.27 9.04 -19.03
C ARG C 268 42.15 9.85 -19.98
N GLU C 269 43.41 9.46 -20.16
CA GLU C 269 44.31 10.28 -20.95
C GLU C 269 43.99 10.17 -22.44
N ILE C 270 43.50 9.02 -22.90
CA ILE C 270 43.08 8.92 -24.29
C ILE C 270 41.87 9.80 -24.55
N ALA C 271 40.93 9.85 -23.60
CA ALA C 271 39.81 10.77 -23.73
C ALA C 271 40.30 12.22 -23.73
N GLN C 272 41.31 12.51 -22.90
CA GLN C 272 41.86 13.87 -22.88
C GLN C 272 42.48 14.23 -24.22
N MET C 273 43.19 13.30 -24.85
CA MET C 273 43.77 13.58 -26.16
C MET C 273 42.68 13.77 -27.22
N PHE C 274 41.63 12.95 -27.18
CA PHE C 274 40.51 13.16 -28.09
C PHE C 274 39.91 14.54 -27.91
N LEU C 275 39.75 14.98 -26.66
CA LEU C 275 39.27 16.33 -26.41
C LEU C 275 40.25 17.38 -26.92
N ASN C 276 41.54 17.11 -26.77
CA ASN C 276 42.57 18.05 -27.24
C ASN C 276 42.47 18.26 -28.74
N MET C 277 42.27 17.18 -29.50
CA MET C 277 42.14 17.32 -30.95
C MET C 277 40.81 17.94 -31.35
N THR C 278 39.84 17.97 -30.44
CA THR C 278 38.47 18.37 -30.79
C THR C 278 38.19 19.84 -30.51
N LYS C 279 38.67 20.36 -29.37
CA LYS C 279 38.25 21.68 -28.92
C LYS C 279 38.66 22.78 -29.89
N LEU C 280 39.78 22.61 -30.59
CA LEU C 280 40.30 23.64 -31.49
C LEU C 280 39.47 23.64 -32.78
N GLU C 281 38.25 24.13 -32.67
CA GLU C 281 37.38 24.31 -33.82
C GLU C 281 36.21 25.21 -33.43
N LYS C 282 35.56 25.77 -34.46
CA LYS C 282 34.41 26.64 -34.24
C LYS C 282 33.28 26.36 -35.22
N GLU C 283 33.47 25.47 -36.20
CA GLU C 283 32.49 25.23 -37.24
C GLU C 283 32.19 23.75 -37.36
N ALA C 284 31.00 23.43 -37.84
CA ALA C 284 30.58 22.06 -38.11
C ALA C 284 29.86 22.00 -39.45
N GLN C 285 30.12 20.94 -40.21
CA GLN C 285 29.59 20.80 -41.56
C GLN C 285 28.75 19.54 -41.66
N VAL C 286 27.62 19.64 -42.35
CA VAL C 286 26.74 18.50 -42.57
C VAL C 286 27.31 17.63 -43.68
N GLU C 287 27.31 16.31 -43.47
CA GLU C 287 27.83 15.37 -44.44
C GLU C 287 26.76 14.45 -45.00
N ALA C 288 25.98 13.79 -44.13
CA ALA C 288 24.97 12.85 -44.57
C ALA C 288 23.63 13.18 -43.91
N THR C 289 22.58 13.24 -44.71
CA THR C 289 21.23 13.46 -44.24
C THR C 289 20.36 12.26 -44.61
N SER C 290 19.37 11.97 -43.77
CA SER C 290 18.53 10.80 -43.95
C SER C 290 17.06 11.19 -43.92
N ARG C 291 16.26 10.44 -44.67
CA ARG C 291 14.81 10.62 -44.72
C ARG C 291 14.14 9.25 -44.73
N LYS C 292 14.68 8.31 -43.95
CA LYS C 292 14.22 6.92 -43.97
C LYS C 292 13.13 6.71 -42.94
N GLU C 293 12.12 5.94 -43.32
CA GLU C 293 10.98 5.65 -42.46
C GLU C 293 10.95 4.17 -42.11
N LYS C 294 10.43 3.86 -40.93
CA LYS C 294 10.29 2.50 -40.43
C LYS C 294 8.89 2.34 -39.86
N ALA C 295 8.60 1.14 -39.34
CA ALA C 295 7.29 0.83 -38.80
C ALA C 295 7.45 0.07 -37.49
N LYS C 296 6.43 0.16 -36.65
CA LYS C 296 6.39 -0.54 -35.37
C LYS C 296 5.48 -1.74 -35.49
N GLN C 297 5.87 -2.84 -34.83
CA GLN C 297 5.15 -4.09 -34.95
C GLN C 297 3.99 -4.14 -33.98
N ARG C 298 2.81 -4.51 -34.49
CA ARG C 298 1.63 -4.70 -33.64
C ARG C 298 1.72 -6.02 -32.90
N PRO C 299 1.20 -6.08 -31.68
CA PRO C 299 1.37 -7.28 -30.86
C PRO C 299 0.54 -8.45 -31.37
N LEU C 300 0.96 -9.65 -30.97
CA LEU C 300 0.24 -10.87 -31.30
C LEU C 300 -0.98 -10.99 -30.39
N ALA C 301 -1.66 -12.13 -30.44
CA ALA C 301 -2.71 -12.39 -29.48
C ALA C 301 -2.11 -12.54 -28.08
N LEU C 302 -2.89 -12.18 -27.07
CA LEU C 302 -2.38 -12.12 -25.71
C LEU C 302 -2.29 -13.54 -25.15
N ASN C 303 -1.08 -14.08 -25.14
CA ASN C 303 -0.82 -15.38 -24.54
C ASN C 303 -0.90 -15.28 -23.02
N THR C 304 -1.01 -16.44 -22.37
CA THR C 304 -1.10 -16.46 -20.91
C THR C 304 0.17 -15.93 -20.26
N VAL C 305 1.33 -16.34 -20.75
CA VAL C 305 2.60 -15.87 -20.18
C VAL C 305 2.75 -14.37 -20.37
N GLU C 306 2.42 -13.86 -21.56
CA GLU C 306 2.52 -12.42 -21.81
C GLU C 306 1.54 -11.65 -20.96
N MET C 307 0.33 -12.18 -20.78
CA MET C 307 -0.65 -11.51 -19.93
C MET C 307 -0.16 -11.43 -18.49
N LEU C 308 0.39 -12.53 -17.98
CA LEU C 308 0.97 -12.49 -16.63
C LEU C 308 2.10 -11.46 -16.55
N ARG C 309 2.95 -11.43 -17.58
CA ARG C 309 4.09 -10.54 -17.59
C ARG C 309 3.65 -9.08 -17.52
N VAL C 310 2.69 -8.70 -18.37
CA VAL C 310 2.26 -7.31 -18.41
C VAL C 310 1.48 -6.95 -17.16
N ALA C 311 0.69 -7.88 -16.62
CA ALA C 311 -0.03 -7.63 -15.39
C ALA C 311 0.95 -7.38 -14.24
N SER C 312 2.05 -8.14 -14.21
CA SER C 312 3.05 -7.94 -13.16
C SER C 312 3.78 -6.62 -13.34
N SER C 313 4.23 -6.34 -14.57
CA SER C 313 5.10 -5.18 -14.80
C SER C 313 4.32 -3.88 -14.67
N SER C 314 3.15 -3.78 -15.31
CA SER C 314 2.44 -2.52 -15.39
C SER C 314 1.43 -2.34 -14.27
N LEU C 315 0.68 -3.40 -13.93
CA LEU C 315 -0.41 -3.28 -12.98
C LEU C 315 0.01 -3.53 -11.54
N GLY C 316 1.25 -3.93 -11.31
CA GLY C 316 1.73 -4.16 -9.95
C GLY C 316 0.96 -5.25 -9.23
N MET C 317 0.73 -6.37 -9.91
CA MET C 317 -0.04 -7.47 -9.37
C MET C 317 0.80 -8.74 -9.37
N GLY C 318 0.69 -9.51 -8.29
CA GLY C 318 1.37 -10.78 -8.20
C GLY C 318 0.77 -11.80 -9.15
N PRO C 319 1.58 -12.77 -9.58
CA PRO C 319 1.06 -13.78 -10.53
C PRO C 319 -0.13 -14.55 -10.00
N GLN C 320 -0.12 -14.93 -8.73
CA GLN C 320 -1.24 -15.68 -8.17
C GLN C 320 -2.51 -14.83 -8.15
N HIS C 321 -2.37 -13.57 -7.74
CA HIS C 321 -3.52 -12.67 -7.73
C HIS C 321 -4.06 -12.46 -9.15
N ALA C 322 -3.17 -12.30 -10.12
CA ALA C 322 -3.60 -12.12 -11.50
C ALA C 322 -4.35 -13.34 -12.02
N MET C 323 -3.83 -14.54 -11.73
CA MET C 323 -4.51 -15.75 -12.16
C MET C 323 -5.87 -15.89 -11.50
N GLN C 324 -5.96 -15.56 -10.21
CA GLN C 324 -7.25 -15.64 -9.52
C GLN C 324 -8.24 -14.66 -10.10
N THR C 325 -7.82 -13.43 -10.38
CA THR C 325 -8.72 -12.46 -10.98
C THR C 325 -9.19 -12.91 -12.36
N ALA C 326 -8.27 -13.47 -13.15
CA ALA C 326 -8.65 -13.98 -14.46
C ALA C 326 -9.67 -15.10 -14.33
N GLU C 327 -9.46 -15.99 -13.36
CA GLU C 327 -10.40 -17.08 -13.14
C GLU C 327 -11.78 -16.55 -12.74
N ARG C 328 -11.81 -15.52 -11.90
CA ARG C 328 -13.09 -14.95 -11.50
C ARG C 328 -13.81 -14.32 -12.69
N LEU C 329 -13.08 -13.55 -13.50
CA LEU C 329 -13.69 -12.97 -14.69
C LEU C 329 -14.18 -14.04 -15.65
N TYR C 330 -13.45 -15.14 -15.75
CA TYR C 330 -13.86 -16.22 -16.64
C TYR C 330 -15.13 -16.90 -16.14
N THR C 331 -15.17 -17.24 -14.85
CA THR C 331 -16.33 -17.93 -14.32
C THR C 331 -17.56 -17.03 -14.27
N GLN C 332 -17.38 -15.71 -14.24
CA GLN C 332 -18.52 -14.81 -14.33
C GLN C 332 -19.02 -14.65 -15.76
N GLY C 333 -18.26 -15.07 -16.76
CA GLY C 333 -18.71 -15.03 -18.14
C GLY C 333 -18.42 -13.74 -18.86
N TYR C 334 -17.19 -13.25 -18.79
CA TYR C 334 -16.79 -12.04 -19.49
C TYR C 334 -15.70 -12.30 -20.52
N ILE C 335 -14.61 -12.93 -20.13
CA ILE C 335 -13.52 -13.25 -21.04
C ILE C 335 -13.44 -14.76 -21.20
N SER C 336 -12.95 -15.20 -22.37
CA SER C 336 -12.88 -16.62 -22.67
C SER C 336 -11.63 -17.25 -22.07
N PRO C 338 -8.64 -18.54 -19.52
CA PRO C 338 -7.44 -17.86 -19.03
C PRO C 338 -6.14 -18.57 -19.40
N ARG C 339 -6.03 -19.85 -19.05
CA ARG C 339 -4.78 -20.60 -19.23
C ARG C 339 -4.77 -21.21 -20.62
N THR C 340 -4.20 -20.47 -21.58
CA THR C 340 -4.07 -20.94 -22.95
C THR C 340 -2.68 -20.60 -23.47
N GLU C 341 -2.24 -21.35 -24.46
CA GLU C 341 -0.92 -21.17 -25.07
C GLU C 341 -0.98 -20.78 -26.53
N THR C 342 -2.03 -21.17 -27.25
CA THR C 342 -2.12 -20.89 -28.68
C THR C 342 -2.17 -19.39 -28.94
N THR C 343 -1.52 -18.97 -30.01
CA THR C 343 -1.47 -17.57 -30.41
C THR C 343 -2.37 -17.26 -31.60
N HIS C 344 -2.27 -18.06 -32.66
CA HIS C 344 -3.03 -17.78 -33.88
C HIS C 344 -4.52 -17.89 -33.62
N TYR C 345 -5.28 -16.92 -34.12
CA TYR C 345 -6.72 -16.98 -34.02
C TYR C 345 -7.28 -18.08 -34.91
N PRO C 346 -8.42 -18.67 -34.55
CA PRO C 346 -9.08 -19.61 -35.45
C PRO C 346 -9.46 -18.91 -36.75
N GLU C 347 -9.35 -19.65 -37.86
CA GLU C 347 -9.68 -19.07 -39.15
C GLU C 347 -11.15 -18.73 -39.25
N ASN C 348 -12.02 -19.57 -38.68
CA ASN C 348 -13.45 -19.37 -38.75
C ASN C 348 -13.99 -18.56 -37.58
N PHE C 349 -13.12 -18.06 -36.71
CA PHE C 349 -13.57 -17.22 -35.61
C PHE C 349 -14.09 -15.90 -36.16
N ASP C 350 -15.21 -15.44 -35.60
CA ASP C 350 -15.85 -14.20 -36.06
C ASP C 350 -15.15 -13.02 -35.39
N LEU C 351 -14.06 -12.58 -36.01
CA LEU C 351 -13.31 -11.44 -35.47
C LEU C 351 -14.16 -10.17 -35.48
N LYS C 352 -14.91 -9.95 -36.55
CA LYS C 352 -15.71 -8.74 -36.65
C LYS C 352 -16.77 -8.67 -35.56
N GLY C 353 -17.42 -9.79 -35.27
CA GLY C 353 -18.50 -9.78 -34.30
C GLY C 353 -18.06 -9.35 -32.92
N SER C 354 -16.91 -9.83 -32.47
CA SER C 354 -16.41 -9.46 -31.15
C SER C 354 -16.13 -7.97 -31.08
N LEU C 355 -15.51 -7.41 -32.12
CA LEU C 355 -15.26 -5.98 -32.16
C LEU C 355 -16.56 -5.19 -32.22
N ARG C 356 -17.59 -5.76 -32.86
CA ARG C 356 -18.87 -5.06 -32.96
C ARG C 356 -19.52 -4.87 -31.59
N GLN C 357 -19.47 -5.91 -30.76
CA GLN C 357 -20.16 -5.86 -29.47
C GLN C 357 -19.58 -4.75 -28.58
N GLN C 358 -18.25 -4.61 -28.57
CA GLN C 358 -17.60 -3.62 -27.71
C GLN C 358 -17.44 -2.33 -28.50
N ALA C 359 -18.53 -1.56 -28.57
CA ALA C 359 -18.51 -0.30 -29.27
C ALA C 359 -19.25 0.80 -28.52
N ASN C 360 -19.71 0.54 -27.29
CA ASN C 360 -20.46 1.52 -26.54
C ASN C 360 -19.73 2.04 -25.31
N HIS C 361 -18.61 1.45 -24.94
CA HIS C 361 -17.84 1.96 -23.82
C HIS C 361 -17.20 3.28 -24.22
N PRO C 362 -17.43 4.36 -23.46
CA PRO C 362 -16.95 5.68 -23.90
C PRO C 362 -15.46 5.76 -24.10
N TYR C 363 -14.67 4.95 -23.40
CA TYR C 363 -13.22 5.04 -23.50
C TYR C 363 -12.70 4.76 -24.89
N TRP C 364 -13.50 4.10 -25.75
CA TRP C 364 -13.03 3.75 -27.08
C TRP C 364 -14.00 4.08 -28.19
N ALA C 365 -15.12 4.75 -27.89
CA ALA C 365 -16.18 4.92 -28.88
C ALA C 365 -15.69 5.60 -30.14
N ASP C 366 -14.72 6.50 -30.02
CA ASP C 366 -14.18 7.16 -31.20
C ASP C 366 -13.30 6.21 -32.01
N THR C 367 -12.41 5.47 -31.34
CA THR C 367 -11.45 4.65 -32.07
C THR C 367 -12.07 3.37 -32.61
N VAL C 368 -13.02 2.76 -31.89
CA VAL C 368 -13.63 1.54 -32.39
C VAL C 368 -14.51 1.83 -33.59
N LYS C 369 -15.19 2.98 -33.60
CA LYS C 369 -16.02 3.34 -34.74
C LYS C 369 -15.18 3.56 -35.98
N ARG C 370 -14.03 4.24 -35.83
CA ARG C 370 -13.16 4.49 -36.97
C ARG C 370 -12.61 3.18 -37.52
N LEU C 371 -12.19 2.27 -36.65
CA LEU C 371 -11.59 1.02 -37.11
C LEU C 371 -12.59 0.19 -37.91
N LEU C 372 -13.87 0.25 -37.54
CA LEU C 372 -14.89 -0.51 -38.24
C LEU C 372 -15.06 -0.04 -39.68
N ALA C 373 -14.59 1.17 -40.02
CA ALA C 373 -14.83 1.71 -41.35
C ALA C 373 -13.99 1.01 -42.40
N GLU C 374 -12.66 1.11 -42.29
CA GLU C 374 -11.79 0.60 -43.34
C GLU C 374 -11.71 -0.92 -43.36
N GLY C 375 -12.27 -1.60 -42.36
CA GLY C 375 -12.16 -3.05 -42.30
C GLY C 375 -11.03 -3.51 -41.43
N ILE C 376 -11.26 -4.54 -40.63
CA ILE C 376 -10.24 -5.00 -39.68
C ILE C 376 -9.05 -5.55 -40.45
N ASN C 377 -7.86 -5.16 -40.01
CA ASN C 377 -6.65 -5.73 -40.57
C ASN C 377 -6.51 -7.19 -40.15
N ARG C 378 -5.93 -7.99 -41.02
CA ARG C 378 -5.78 -9.41 -40.71
C ARG C 378 -4.84 -9.59 -39.53
N PRO C 379 -5.12 -10.52 -38.63
CA PRO C 379 -4.24 -10.72 -37.46
C PRO C 379 -2.91 -11.31 -37.88
N ARG C 380 -1.90 -11.07 -37.04
CA ARG C 380 -0.56 -11.54 -37.34
C ARG C 380 -0.51 -13.06 -37.35
N LYS C 381 0.23 -13.62 -38.32
CA LYS C 381 0.38 -15.06 -38.42
C LYS C 381 1.35 -15.54 -37.34
N GLY C 382 0.81 -15.87 -36.16
CA GLY C 382 1.64 -16.27 -35.05
C GLY C 382 1.94 -17.75 -35.00
N HIS C 383 1.67 -18.37 -33.86
CA HIS C 383 1.98 -19.77 -33.63
C HIS C 383 0.77 -20.47 -33.06
N ASP C 384 0.66 -21.77 -33.35
CA ASP C 384 -0.44 -22.59 -32.87
C ASP C 384 0.13 -23.78 -32.10
N ALA C 385 -0.64 -24.27 -31.13
CA ALA C 385 -0.20 -25.40 -30.32
C ALA C 385 -1.30 -26.41 -30.07
N GLY C 386 -2.47 -26.27 -30.70
CA GLY C 386 -3.54 -27.23 -30.51
C GLY C 386 -4.30 -27.09 -29.21
N ASP C 387 -4.04 -26.06 -28.42
CA ASP C 387 -4.73 -25.83 -27.17
C ASP C 387 -5.93 -24.91 -27.40
N HIS C 388 -6.50 -24.40 -26.31
CA HIS C 388 -7.69 -23.60 -26.37
C HIS C 388 -7.41 -22.25 -27.02
N PRO C 389 -8.44 -21.58 -27.54
CA PRO C 389 -8.24 -20.29 -28.21
C PRO C 389 -7.68 -19.24 -27.26
N PRO C 390 -7.00 -18.23 -27.79
CA PRO C 390 -6.36 -17.24 -26.93
C PRO C 390 -7.36 -16.34 -26.23
N ILE C 391 -6.86 -15.58 -25.26
CA ILE C 391 -7.71 -14.75 -24.41
C ILE C 391 -8.30 -13.62 -25.24
N THR C 392 -9.59 -13.41 -25.11
CA THR C 392 -10.31 -12.34 -25.78
C THR C 392 -11.55 -11.99 -24.99
N PRO C 393 -11.97 -10.73 -24.96
CA PRO C 393 -13.26 -10.39 -24.37
C PRO C 393 -14.38 -11.04 -25.16
N MET C 394 -15.44 -11.43 -24.44
CA MET C 394 -16.56 -12.11 -25.07
C MET C 394 -17.83 -11.27 -25.16
N LYS C 395 -18.07 -10.37 -24.21
CA LYS C 395 -19.21 -9.47 -24.31
C LYS C 395 -18.91 -8.19 -23.54
N SER C 396 -19.58 -7.12 -23.94
CA SER C 396 -19.30 -5.80 -23.42
C SER C 396 -19.64 -5.72 -21.94
N ALA C 397 -18.95 -4.82 -21.23
CA ALA C 397 -19.20 -4.64 -19.81
C ALA C 397 -18.74 -3.25 -19.41
N THR C 398 -19.67 -2.43 -18.94
CA THR C 398 -19.29 -1.12 -18.45
C THR C 398 -18.67 -1.24 -17.06
N GLU C 399 -18.07 -0.15 -16.59
CA GLU C 399 -17.34 -0.24 -15.30
C GLU C 399 -18.29 -0.54 -14.15
N ALA C 400 -19.57 -0.21 -14.29
CA ALA C 400 -20.48 -0.31 -13.14
C ALA C 400 -20.43 -1.70 -12.53
N GLU C 401 -20.45 -2.70 -13.40
CA GLU C 401 -20.49 -4.10 -12.90
C GLU C 401 -19.08 -4.55 -12.58
N LEU C 402 -18.08 -3.71 -12.85
CA LEU C 402 -16.70 -4.19 -12.62
C LEU C 402 -16.08 -3.33 -11.52
N GLY C 403 -15.06 -3.84 -10.84
CA GLY C 403 -14.48 -3.08 -9.72
C GLY C 403 -13.00 -3.30 -9.57
N GLY C 404 -12.25 -2.24 -9.28
CA GLY C 404 -10.80 -2.37 -9.04
C GLY C 404 -10.13 -3.35 -9.96
N ASP C 405 -9.69 -4.49 -9.42
CA ASP C 405 -8.89 -5.45 -10.24
C ASP C 405 -9.64 -5.66 -11.54
N ALA C 406 -10.93 -5.31 -11.56
CA ALA C 406 -11.75 -5.51 -12.77
C ALA C 406 -11.26 -4.56 -13.86
N TRP C 407 -11.63 -3.28 -13.79
CA TRP C 407 -11.24 -2.38 -14.91
C TRP C 407 -9.72 -2.38 -14.98
N ARG C 408 -9.07 -3.14 -14.11
CA ARG C 408 -7.61 -3.25 -14.25
C ARG C 408 -7.32 -4.36 -15.25
N LEU C 409 -7.52 -5.62 -14.85
CA LEU C 409 -7.13 -6.71 -15.73
C LEU C 409 -7.97 -6.73 -17.00
N TYR C 410 -9.29 -6.57 -16.85
CA TYR C 410 -10.16 -6.59 -18.01
C TYR C 410 -9.85 -5.46 -18.98
N GLU C 411 -9.43 -4.30 -18.46
CA GLU C 411 -9.09 -3.18 -19.33
C GLU C 411 -7.93 -3.54 -20.25
N TYR C 412 -6.91 -4.22 -19.72
CA TYR C 412 -5.81 -4.61 -20.58
C TYR C 412 -6.23 -5.70 -21.57
N ILE C 413 -7.09 -6.62 -21.12
CA ILE C 413 -7.51 -7.72 -21.99
C ILE C 413 -8.16 -7.17 -23.25
N THR C 414 -8.99 -6.13 -23.11
CA THR C 414 -9.65 -5.58 -24.28
C THR C 414 -8.71 -4.73 -25.12
N ARG C 415 -7.96 -3.82 -24.49
CA ARG C 415 -7.06 -2.95 -25.24
C ARG C 415 -6.09 -3.75 -26.09
N HIS C 416 -5.72 -4.94 -25.61
CA HIS C 416 -4.83 -5.81 -26.38
C HIS C 416 -5.52 -6.33 -27.64
N PHE C 417 -6.83 -6.55 -27.58
CA PHE C 417 -7.54 -7.11 -28.73
C PHE C 417 -7.79 -6.07 -29.81
N ILE C 418 -8.23 -4.87 -29.45
CA ILE C 418 -8.41 -3.83 -30.46
C ILE C 418 -7.09 -3.55 -31.17
N ALA C 419 -5.99 -3.52 -30.42
CA ALA C 419 -4.69 -3.31 -31.04
C ALA C 419 -4.30 -4.49 -31.92
N THR C 420 -4.84 -5.67 -31.64
CA THR C 420 -4.45 -6.85 -32.41
C THR C 420 -4.92 -6.76 -33.86
N VAL C 421 -6.13 -6.28 -34.10
CA VAL C 421 -6.69 -6.20 -35.44
C VAL C 421 -6.57 -4.80 -36.03
N SER C 422 -5.84 -3.90 -35.36
CA SER C 422 -5.68 -2.54 -35.86
C SER C 422 -4.52 -2.49 -36.85
N HIS C 423 -4.23 -1.30 -37.36
CA HIS C 423 -3.12 -1.09 -38.27
C HIS C 423 -1.83 -0.88 -37.48
N ASP C 424 -0.77 -0.48 -38.17
CA ASP C 424 0.52 -0.22 -37.55
C ASP C 424 0.80 1.27 -37.53
N CYS C 425 1.76 1.67 -36.68
CA CYS C 425 2.14 3.06 -36.53
C CYS C 425 3.32 3.37 -37.43
N LYS C 426 3.20 4.43 -38.22
CA LYS C 426 4.24 4.84 -39.16
C LYS C 426 5.00 6.01 -38.57
N TYR C 427 6.32 5.86 -38.44
CA TYR C 427 7.17 6.89 -37.87
C TYR C 427 8.39 7.10 -38.76
N LEU C 428 8.88 8.34 -38.78
CA LEU C 428 10.01 8.74 -39.60
C LEU C 428 11.20 9.05 -38.70
N GLN C 429 12.35 8.44 -39.02
CA GLN C 429 13.59 8.68 -38.30
C GLN C 429 14.56 9.39 -39.21
N SER C 430 15.01 10.57 -38.80
CA SER C 430 15.94 11.38 -39.57
C SER C 430 17.23 11.55 -38.80
N THR C 431 18.34 11.20 -39.44
CA THR C 431 19.66 11.31 -38.84
C THR C 431 20.51 12.27 -39.66
N ILE C 432 21.08 13.28 -39.00
CA ILE C 432 21.93 14.27 -39.63
C ILE C 432 23.29 14.19 -38.97
N SER C 433 24.34 14.03 -39.77
CA SER C 433 25.69 13.83 -39.28
C SER C 433 26.53 15.09 -39.50
N PHE C 434 27.24 15.50 -38.46
CA PHE C 434 28.10 16.67 -38.52
C PHE C 434 29.57 16.25 -38.38
N ARG C 435 30.44 17.09 -38.93
CA ARG C 435 31.88 16.88 -38.86
C ARG C 435 32.48 17.89 -37.89
N ILE C 436 33.01 17.40 -36.78
CA ILE C 436 33.74 18.22 -35.82
C ILE C 436 35.18 17.77 -35.86
N GLY C 437 36.04 18.59 -36.45
CA GLY C 437 37.41 18.21 -36.69
C GLY C 437 37.47 16.97 -37.57
N PRO C 438 38.39 16.06 -37.25
CA PRO C 438 38.46 14.80 -38.01
C PRO C 438 37.41 13.78 -37.61
N GLU C 439 36.65 14.03 -36.55
CA GLU C 439 35.71 13.06 -36.01
C GLU C 439 34.36 13.14 -36.71
N LEU C 440 33.42 12.31 -36.25
CA LEU C 440 32.08 12.22 -36.82
C LEU C 440 31.06 12.29 -35.69
N PHE C 441 30.07 13.15 -35.83
CA PHE C 441 28.99 13.27 -34.86
C PHE C 441 27.67 13.37 -35.60
N THR C 442 26.59 12.91 -34.96
CA THR C 442 25.29 12.88 -35.59
C THR C 442 24.20 13.03 -34.55
N CYS C 443 23.01 13.43 -35.01
CA CYS C 443 21.83 13.56 -34.18
C CYS C 443 20.72 12.69 -34.76
N SER C 444 19.90 12.13 -33.87
CA SER C 444 18.81 11.24 -34.27
C SER C 444 17.50 11.73 -33.69
N GLY C 445 16.44 11.57 -34.46
CA GLY C 445 15.11 11.99 -34.02
C GLY C 445 14.03 11.21 -34.73
N LYS C 446 12.85 11.18 -34.12
CA LYS C 446 11.70 10.46 -34.64
C LYS C 446 10.47 11.35 -34.61
N THR C 447 9.51 11.04 -35.46
CA THR C 447 8.26 11.77 -35.52
C THR C 447 7.15 10.82 -35.94
N VAL C 448 5.91 11.24 -35.70
CA VAL C 448 4.73 10.42 -35.97
C VAL C 448 4.14 10.84 -37.31
N LEU C 449 3.69 9.85 -38.09
CA LEU C 449 3.06 10.10 -39.38
C LEU C 449 1.58 9.73 -39.35
N SER C 450 1.25 8.50 -38.96
CA SER C 450 -0.13 8.04 -38.87
C SER C 450 -0.18 6.96 -37.81
N PRO C 451 -0.57 7.30 -36.58
CA PRO C 451 -0.55 6.31 -35.50
C PRO C 451 -1.48 5.15 -35.81
N GLY C 452 -1.03 3.96 -35.45
CA GLY C 452 -1.81 2.75 -35.64
C GLY C 452 -2.38 2.23 -34.34
N PHE C 453 -1.77 1.20 -33.77
CA PHE C 453 -2.20 0.69 -32.49
C PHE C 453 -1.85 1.62 -31.34
N THR C 454 -1.05 2.66 -31.58
CA THR C 454 -0.71 3.59 -30.52
C THR C 454 -1.87 4.47 -30.09
N GLU C 455 -2.94 4.54 -30.87
CA GLU C 455 -4.10 5.34 -30.49
C GLU C 455 -5.03 4.60 -29.55
N VAL C 456 -4.74 3.34 -29.23
CA VAL C 456 -5.53 2.58 -28.27
C VAL C 456 -4.73 2.10 -27.07
N MET C 457 -3.40 1.98 -27.19
CA MET C 457 -2.54 1.54 -26.09
C MET C 457 -1.56 2.66 -25.78
N PRO C 458 -1.88 3.54 -24.84
CA PRO C 458 -1.01 4.71 -24.61
C PRO C 458 0.41 4.38 -24.20
N TRP C 459 0.62 3.34 -23.39
CA TRP C 459 1.95 3.10 -22.85
C TRP C 459 2.92 2.61 -23.92
N GLN C 460 2.44 1.88 -24.92
CA GLN C 460 3.28 1.45 -26.03
C GLN C 460 3.19 2.43 -27.19
N SER C 461 3.55 3.68 -26.90
CA SER C 461 3.53 4.75 -27.88
C SER C 461 4.92 5.29 -28.12
N VAL C 462 5.16 5.76 -29.33
CA VAL C 462 6.46 6.33 -29.68
C VAL C 462 6.68 7.60 -28.86
N PRO C 463 7.85 7.78 -28.23
CA PRO C 463 8.09 9.00 -27.46
C PRO C 463 8.10 10.22 -28.37
N LEU C 464 7.66 11.35 -27.81
CA LEU C 464 7.57 12.59 -28.56
C LEU C 464 8.81 13.44 -28.30
N GLU C 465 9.46 13.87 -29.37
CA GLU C 465 10.64 14.72 -29.29
C GLU C 465 10.57 15.76 -30.40
N GLU C 466 11.31 16.85 -30.20
CA GLU C 466 11.35 17.90 -31.21
C GLU C 466 12.05 17.40 -32.47
N SER C 467 11.43 17.62 -33.62
CA SER C 467 12.00 17.15 -34.88
C SER C 467 13.21 17.99 -35.26
N LEU C 468 14.21 17.34 -35.84
CA LEU C 468 15.40 18.05 -36.28
C LEU C 468 15.04 19.01 -37.42
N PRO C 469 15.58 20.22 -37.40
CA PRO C 469 15.32 21.14 -38.52
C PRO C 469 15.95 20.65 -39.80
N THR C 470 15.33 21.02 -40.91
CA THR C 470 15.84 20.59 -42.21
C THR C 470 17.23 21.16 -42.46
N CYS C 471 18.05 20.37 -43.16
CA CYS C 471 19.42 20.76 -43.45
C CYS C 471 19.74 20.47 -44.91
N GLN C 472 20.71 21.21 -45.44
CA GLN C 472 21.15 21.06 -46.81
C GLN C 472 22.67 20.99 -46.84
N ARG C 473 23.20 20.22 -47.79
CA ARG C 473 24.63 19.95 -47.84
C ARG C 473 25.42 21.22 -48.09
N GLY C 474 26.48 21.42 -47.31
CA GLY C 474 27.39 22.53 -47.51
C GLY C 474 27.25 23.70 -46.58
N ASP C 475 26.39 23.62 -45.57
CA ASP C 475 26.25 24.71 -44.62
C ASP C 475 27.07 24.45 -43.37
N ALA C 476 27.44 25.53 -42.68
CA ALA C 476 28.29 25.48 -41.50
C ALA C 476 27.51 26.07 -40.33
N PHE C 477 26.89 25.20 -39.53
CA PHE C 477 26.14 25.66 -38.37
C PHE C 477 27.11 26.23 -37.33
N PRO C 478 26.68 27.26 -36.58
CA PRO C 478 27.50 27.74 -35.47
C PRO C 478 27.68 26.66 -34.42
N VAL C 479 28.88 26.62 -33.82
CA VAL C 479 29.25 25.60 -32.86
C VAL C 479 29.30 26.24 -31.47
N GLY C 480 28.55 25.67 -30.54
CA GLY C 480 28.57 26.14 -29.17
C GLY C 480 29.73 25.56 -28.38
N GLU C 481 29.44 25.04 -27.19
CA GLU C 481 30.45 24.52 -26.30
C GLU C 481 30.49 22.99 -26.37
N VAL C 482 31.54 22.42 -25.75
CA VAL C 482 31.68 20.99 -25.59
C VAL C 482 32.00 20.72 -24.14
N LYS C 483 31.79 19.47 -23.72
CA LYS C 483 32.05 19.08 -22.35
C LYS C 483 32.24 17.57 -22.29
N MET C 484 33.41 17.14 -21.82
CA MET C 484 33.65 15.73 -21.56
C MET C 484 32.95 15.31 -20.28
N LEU C 485 32.41 14.08 -20.28
CA LEU C 485 31.67 13.57 -19.14
C LEU C 485 32.34 12.33 -18.58
N GLU C 486 32.37 12.23 -17.26
CA GLU C 486 32.83 11.05 -16.55
C GLU C 486 31.63 10.26 -16.08
N LYS C 487 31.58 8.98 -16.41
CA LYS C 487 30.47 8.12 -16.03
C LYS C 487 31.02 6.90 -15.30
N GLN C 488 30.11 6.01 -14.90
CA GLN C 488 30.47 4.81 -14.16
C GLN C 488 29.67 3.64 -14.74
N THR C 489 30.26 2.45 -14.65
CA THR C 489 29.60 1.24 -15.12
C THR C 489 28.51 0.86 -14.14
N ASN C 490 27.26 0.96 -14.56
CA ASN C 490 26.14 0.64 -13.68
C ASN C 490 26.04 -0.86 -13.46
N PRO C 491 26.07 -1.33 -12.21
CA PRO C 491 25.91 -2.76 -11.97
C PRO C 491 24.49 -3.20 -12.30
N PRO C 492 24.30 -4.45 -12.67
CA PRO C 492 22.94 -4.93 -12.95
C PRO C 492 22.05 -4.85 -11.72
N ASP C 493 20.80 -4.50 -11.94
CA ASP C 493 19.84 -4.35 -10.85
C ASP C 493 19.26 -5.71 -10.47
N TYR C 494 18.40 -5.70 -9.46
CA TYR C 494 17.76 -6.93 -9.01
C TYR C 494 16.81 -7.47 -10.07
N LEU C 495 16.69 -8.80 -10.11
CA LEU C 495 15.86 -9.44 -11.13
C LEU C 495 14.41 -9.04 -10.98
N THR C 496 13.77 -8.76 -12.11
CA THR C 496 12.35 -8.41 -12.14
C THR C 496 11.52 -9.64 -12.47
N GLU C 497 10.23 -9.56 -12.12
CA GLU C 497 9.33 -10.69 -12.37
C GLU C 497 9.22 -10.98 -13.86
N ALA C 498 9.27 -9.94 -14.69
CA ALA C 498 9.16 -10.13 -16.12
C ALA C 498 10.33 -10.96 -16.65
N GLU C 499 11.53 -10.70 -16.17
CA GLU C 499 12.69 -11.46 -16.64
C GLU C 499 12.64 -12.91 -16.16
N LEU C 500 12.01 -13.16 -15.01
CA LEU C 500 11.90 -14.53 -14.52
C LEU C 500 11.06 -15.39 -15.46
N ILE C 501 10.02 -14.81 -16.04
CA ILE C 501 9.19 -15.55 -16.99
C ILE C 501 10.01 -15.94 -18.21
N THR C 502 10.85 -15.02 -18.71
CA THR C 502 11.74 -15.37 -19.81
C THR C 502 12.65 -16.52 -19.44
N LEU C 503 13.22 -16.47 -18.23
CA LEU C 503 14.10 -17.54 -17.79
C LEU C 503 13.32 -18.81 -17.48
N MET C 504 11.99 -18.72 -17.39
CA MET C 504 11.18 -19.90 -17.11
C MET C 504 10.73 -20.57 -18.40
N GLU C 505 10.07 -19.82 -19.28
CA GLU C 505 9.54 -20.42 -20.51
C GLU C 505 10.65 -20.91 -21.42
N LYS C 506 11.74 -20.15 -21.54
CA LYS C 506 12.78 -20.52 -22.48
C LYS C 506 13.46 -21.82 -22.09
N HIS C 507 13.65 -22.07 -20.80
CA HIS C 507 14.19 -23.34 -20.32
C HIS C 507 13.12 -24.37 -20.02
N GLY C 508 11.84 -23.99 -20.06
CA GLY C 508 10.76 -24.94 -19.87
C GLY C 508 10.73 -25.60 -18.51
N ILE C 509 10.89 -24.80 -17.44
CA ILE C 509 10.87 -25.36 -16.09
C ILE C 509 9.49 -25.91 -15.76
N GLY C 510 8.43 -25.16 -16.08
CA GLY C 510 7.08 -25.55 -15.75
C GLY C 510 6.16 -25.44 -16.95
N THR C 511 4.89 -25.68 -16.69
CA THR C 511 3.84 -25.64 -17.72
C THR C 511 3.16 -24.28 -17.69
N ASP C 512 2.08 -24.15 -18.46
CA ASP C 512 1.36 -22.88 -18.54
C ASP C 512 0.75 -22.51 -17.20
N ALA C 513 0.15 -23.47 -16.51
CA ALA C 513 -0.48 -23.22 -15.22
C ALA C 513 0.45 -23.46 -14.05
N SER C 514 1.57 -24.16 -14.27
CA SER C 514 2.50 -24.41 -13.17
C SER C 514 3.31 -23.18 -12.79
N ILE C 515 3.54 -22.27 -13.74
CA ILE C 515 4.38 -21.10 -13.47
C ILE C 515 3.82 -20.24 -12.35
N PRO C 516 2.54 -19.83 -12.35
CA PRO C 516 2.06 -19.01 -11.23
C PRO C 516 2.11 -19.72 -9.90
N VAL C 517 1.93 -21.04 -9.88
CA VAL C 517 1.95 -21.78 -8.63
C VAL C 517 3.36 -21.78 -8.04
N HIS C 518 4.36 -22.11 -8.86
CA HIS C 518 5.73 -22.22 -8.36
C HIS C 518 6.23 -20.89 -7.82
N ILE C 519 5.94 -19.79 -8.52
CA ILE C 519 6.38 -18.48 -8.05
C ILE C 519 5.75 -18.16 -6.71
N ASN C 520 4.49 -18.53 -6.53
CA ASN C 520 3.85 -18.37 -5.22
C ASN C 520 4.50 -19.27 -4.19
N ASN C 521 4.89 -20.48 -4.59
CA ASN C 521 5.48 -21.43 -3.65
C ASN C 521 6.80 -20.90 -3.09
N ILE C 522 7.71 -20.45 -3.98
CA ILE C 522 9.00 -20.00 -3.51
C ILE C 522 8.87 -18.75 -2.65
N CYS C 523 7.93 -17.87 -2.98
CA CYS C 523 7.72 -16.68 -2.18
C CYS C 523 7.16 -17.02 -0.81
N GLN C 524 6.31 -18.05 -0.73
CA GLN C 524 5.63 -18.35 0.52
C GLN C 524 6.56 -19.00 1.54
N ARG C 525 7.55 -19.75 1.08
CA ARG C 525 8.45 -20.45 1.99
C ARG C 525 9.58 -19.57 2.52
N ASN C 526 9.44 -18.25 2.39
CA ASN C 526 10.41 -17.28 2.91
C ASN C 526 11.79 -17.42 2.27
N TYR C 527 11.87 -18.06 1.10
CA TYR C 527 13.14 -18.14 0.39
C TYR C 527 13.53 -16.80 -0.21
N VAL C 528 12.58 -16.13 -0.86
CA VAL C 528 12.81 -14.86 -1.52
C VAL C 528 11.67 -13.91 -1.17
N THR C 529 12.00 -12.69 -0.78
CA THR C 529 11.00 -11.68 -0.45
C THR C 529 10.95 -10.63 -1.55
N VAL C 530 9.74 -10.34 -2.03
CA VAL C 530 9.57 -9.29 -3.02
C VAL C 530 9.74 -7.93 -2.38
N GLU C 531 10.07 -6.95 -3.20
CA GLU C 531 10.34 -5.60 -2.73
C GLU C 531 9.71 -4.61 -3.70
N SER C 532 10.09 -3.33 -3.56
CA SER C 532 9.56 -2.30 -4.43
C SER C 532 9.95 -2.54 -5.87
N GLY C 533 9.04 -2.23 -6.79
CA GLY C 533 9.28 -2.49 -8.20
C GLY C 533 9.07 -3.92 -8.63
N ARG C 534 8.44 -4.74 -7.79
CA ARG C 534 8.20 -6.15 -8.09
C ARG C 534 9.50 -6.88 -8.43
N ARG C 535 10.55 -6.57 -7.68
CA ARG C 535 11.82 -7.28 -7.81
C ARG C 535 11.95 -8.33 -6.71
N LEU C 536 12.70 -9.37 -7.02
CA LEU C 536 12.87 -10.51 -6.11
C LEU C 536 14.25 -10.43 -5.47
N LYS C 537 14.29 -10.36 -4.15
CA LYS C 537 15.54 -10.36 -3.40
C LYS C 537 15.65 -11.64 -2.59
N PRO C 538 16.65 -12.46 -2.83
CA PRO C 538 16.79 -13.70 -2.04
C PRO C 538 17.06 -13.41 -0.58
N THR C 539 16.52 -14.25 0.29
CA THR C 539 16.73 -14.11 1.72
C THR C 539 18.05 -14.75 2.13
N ASN C 540 18.48 -14.43 3.36
CA ASN C 540 19.71 -15.01 3.88
C ASN C 540 19.60 -16.53 3.96
N LEU C 541 18.46 -17.03 4.43
CA LEU C 541 18.25 -18.47 4.47
C LEU C 541 18.28 -19.07 3.07
N GLY C 542 17.68 -18.39 2.09
CA GLY C 542 17.68 -18.90 0.74
C GLY C 542 19.08 -18.96 0.15
N ILE C 543 19.87 -17.91 0.36
CA ILE C 543 21.19 -17.82 -0.26
C ILE C 543 22.11 -18.92 0.26
N VAL C 544 22.07 -19.17 1.57
CA VAL C 544 23.02 -20.12 2.16
C VAL C 544 22.70 -21.55 1.72
N LEU C 545 21.42 -21.90 1.62
CA LEU C 545 21.06 -23.28 1.29
C LEU C 545 21.38 -23.60 -0.17
N VAL C 546 21.15 -22.65 -1.06
CA VAL C 546 21.33 -22.92 -2.49
C VAL C 546 22.81 -23.07 -2.84
N HIS C 547 23.67 -22.26 -2.22
CA HIS C 547 25.08 -22.27 -2.60
C HIS C 547 25.72 -23.62 -2.30
N GLY C 548 25.25 -24.32 -1.27
CA GLY C 548 25.80 -25.64 -0.97
C GLY C 548 25.59 -26.62 -2.10
N TYR C 549 24.44 -26.54 -2.77
CA TYR C 549 24.19 -27.42 -3.92
C TYR C 549 25.19 -27.18 -5.02
N TYR C 550 25.55 -25.92 -5.26
CA TYR C 550 26.52 -25.60 -6.32
C TYR C 550 27.86 -26.25 -6.04
N LYS C 551 28.32 -26.19 -4.79
CA LYS C 551 29.63 -26.72 -4.46
C LYS C 551 29.60 -28.21 -4.15
N ILE C 552 28.42 -28.81 -3.97
CA ILE C 552 28.34 -30.23 -3.68
C ILE C 552 28.06 -31.00 -4.96
N ASP C 553 26.93 -30.72 -5.61
CA ASP C 553 26.56 -31.45 -6.82
C ASP C 553 25.64 -30.53 -7.64
N ALA C 554 26.20 -29.94 -8.69
CA ALA C 554 25.42 -29.06 -9.56
C ALA C 554 24.38 -29.81 -10.37
N GLU C 555 24.45 -31.14 -10.44
CA GLU C 555 23.50 -31.92 -11.22
C GLU C 555 22.10 -31.94 -10.64
N LEU C 556 21.86 -31.21 -9.55
CA LEU C 556 20.53 -31.11 -8.97
C LEU C 556 19.94 -29.71 -9.08
N VAL C 557 20.70 -28.74 -9.57
CA VAL C 557 20.22 -27.36 -9.64
C VAL C 557 20.29 -26.76 -11.03
N LEU C 558 21.15 -27.23 -11.91
CA LEU C 558 21.27 -26.63 -13.23
C LEU C 558 19.93 -26.71 -13.96
N PRO C 559 19.52 -25.66 -14.64
CA PRO C 559 18.20 -25.63 -15.30
C PRO C 559 18.15 -26.46 -16.58
N THR C 560 18.62 -27.69 -16.50
CA THR C 560 18.58 -28.63 -17.63
C THR C 560 18.09 -30.02 -17.28
N ILE C 561 18.04 -30.41 -16.01
CA ILE C 561 17.54 -31.74 -15.64
C ILE C 561 16.08 -31.87 -16.04
N ARG C 562 15.30 -30.81 -15.87
CA ARG C 562 13.89 -30.87 -16.26
C ARG C 562 13.75 -31.14 -17.75
N SER C 563 14.59 -30.50 -18.57
CA SER C 563 14.60 -30.81 -19.99
C SER C 563 15.05 -32.24 -20.23
N ALA C 564 16.05 -32.70 -19.47
CA ALA C 564 16.58 -34.04 -19.66
C ALA C 564 15.53 -35.10 -19.34
N VAL C 565 14.85 -34.96 -18.20
CA VAL C 565 13.86 -35.97 -17.81
C VAL C 565 12.69 -35.95 -18.78
N GLU C 566 12.28 -34.75 -19.20
CA GLU C 566 11.19 -34.66 -20.17
C GLU C 566 11.57 -35.31 -21.49
N LYS C 567 12.82 -35.09 -21.94
CA LYS C 567 13.24 -35.65 -23.21
C LYS C 567 13.45 -37.16 -23.12
N GLN C 568 13.74 -37.67 -21.92
CA GLN C 568 13.97 -39.10 -21.78
C GLN C 568 12.70 -39.89 -21.49
N LEU C 569 11.57 -39.21 -21.25
CA LEU C 569 10.30 -39.90 -21.08
C LEU C 569 9.47 -39.94 -22.35
N ASN C 570 9.68 -38.99 -23.27
CA ASN C 570 8.97 -39.04 -24.55
C ASN C 570 9.31 -40.29 -25.33
N LEU C 571 10.48 -40.88 -25.08
CA LEU C 571 10.83 -42.15 -25.71
C LEU C 571 9.84 -43.23 -25.32
N ILE C 572 9.43 -43.25 -24.06
CA ILE C 572 8.37 -44.16 -23.63
C ILE C 572 7.06 -43.80 -24.30
N ALA C 573 6.79 -42.50 -24.45
CA ALA C 573 5.53 -42.05 -25.05
C ALA C 573 5.38 -42.58 -26.47
N GLN C 574 6.47 -42.70 -27.21
CA GLN C 574 6.45 -43.33 -28.53
C GLN C 574 6.76 -44.82 -28.47
N GLY C 575 6.90 -45.38 -27.28
CA GLY C 575 7.13 -46.81 -27.16
C GLY C 575 8.49 -47.27 -27.61
N LYS C 576 9.48 -46.37 -27.65
CA LYS C 576 10.81 -46.75 -28.09
C LYS C 576 11.59 -47.50 -27.03
N ALA C 577 11.09 -47.57 -25.80
CA ALA C 577 11.79 -48.26 -24.72
C ALA C 577 10.77 -48.98 -23.86
N ASP C 578 11.24 -49.57 -22.75
CA ASP C 578 10.39 -50.32 -21.84
C ASP C 578 9.97 -49.42 -20.68
N TYR C 579 8.67 -49.36 -20.42
CA TYR C 579 8.15 -48.45 -19.41
C TYR C 579 8.63 -48.84 -18.02
N ARG C 580 8.48 -50.11 -17.65
CA ARG C 580 8.94 -50.59 -16.34
C ARG C 580 10.44 -50.36 -16.17
N GLN C 581 11.25 -50.76 -17.15
CA GLN C 581 12.69 -50.78 -16.94
C GLN C 581 13.28 -49.37 -16.90
N VAL C 582 12.71 -48.44 -17.68
CA VAL C 582 13.24 -47.08 -17.70
C VAL C 582 13.08 -46.43 -16.33
N LEU C 583 11.94 -46.64 -15.68
CA LEU C 583 11.73 -46.08 -14.35
C LEU C 583 12.78 -46.57 -13.38
N GLY C 584 13.10 -47.87 -13.42
CA GLY C 584 14.14 -48.39 -12.56
C GLY C 584 15.49 -47.73 -12.83
N HIS C 585 15.82 -47.54 -14.11
CA HIS C 585 17.07 -46.87 -14.44
C HIS C 585 17.08 -45.44 -13.92
N THR C 586 15.97 -44.72 -14.11
CA THR C 586 15.87 -43.38 -13.55
C THR C 586 15.87 -43.41 -12.03
N LEU C 587 15.19 -44.38 -11.44
CA LEU C 587 15.20 -44.52 -9.98
C LEU C 587 16.59 -44.88 -9.48
N ASP C 588 17.30 -45.75 -10.20
CA ASP C 588 18.59 -46.24 -9.74
C ASP C 588 19.61 -45.11 -9.65
N VAL C 589 19.68 -44.27 -10.68
CA VAL C 589 20.66 -43.20 -10.68
C VAL C 589 20.34 -42.18 -9.59
N PHE C 590 19.06 -41.89 -9.39
CA PHE C 590 18.67 -40.94 -8.34
C PHE C 590 18.93 -41.53 -6.96
N LYS C 591 18.81 -42.85 -6.83
CA LYS C 591 19.11 -43.49 -5.54
C LYS C 591 20.56 -43.25 -5.15
N ARG C 592 21.48 -43.34 -6.11
CA ARG C 592 22.87 -43.03 -5.82
C ARG C 592 23.03 -41.57 -5.40
N LYS C 593 22.32 -40.67 -6.07
CA LYS C 593 22.42 -39.25 -5.75
C LYS C 593 21.94 -38.97 -4.33
N PHE C 594 20.85 -39.63 -3.92
CA PHE C 594 20.34 -39.41 -2.57
C PHE C 594 21.34 -39.84 -1.51
N HIS C 595 22.00 -40.98 -1.72
CA HIS C 595 23.03 -41.42 -0.79
C HIS C 595 24.19 -40.43 -0.74
N TYR C 596 24.60 -39.93 -1.90
CA TYR C 596 25.69 -38.96 -1.94
C TYR C 596 25.31 -37.68 -1.20
N PHE C 597 24.08 -37.22 -1.38
CA PHE C 597 23.64 -36.00 -0.70
C PHE C 597 23.68 -36.18 0.81
N VAL C 598 23.28 -37.34 1.30
CA VAL C 598 23.41 -37.63 2.73
C VAL C 598 24.88 -37.62 3.13
N ASP C 599 25.73 -38.24 2.31
CA ASP C 599 27.15 -38.28 2.63
C ASP C 599 27.77 -36.89 2.57
N SER C 600 27.39 -36.10 1.56
CA SER C 600 28.02 -34.81 1.29
C SER C 600 27.22 -33.64 1.87
N ILE C 601 26.60 -33.84 3.04
CA ILE C 601 25.81 -32.78 3.66
C ILE C 601 26.56 -32.04 4.74
N ALA C 602 27.65 -32.61 5.27
CA ALA C 602 28.36 -31.96 6.38
C ALA C 602 28.93 -30.61 5.95
N GLY C 603 29.50 -30.53 4.75
CA GLY C 603 30.04 -29.28 4.28
C GLY C 603 28.98 -28.20 4.16
N MET C 604 27.75 -28.59 3.81
CA MET C 604 26.67 -27.62 3.71
C MET C 604 26.33 -27.02 5.07
N ASP C 605 26.44 -27.83 6.14
CA ASP C 605 26.20 -27.33 7.47
C ASP C 605 27.21 -26.25 7.84
N GLU C 606 28.45 -26.39 7.39
CA GLU C 606 29.45 -25.34 7.60
C GLU C 606 29.04 -24.05 6.90
N LEU C 607 28.50 -24.16 5.69
CA LEU C 607 27.99 -22.98 5.01
C LEU C 607 26.76 -22.42 5.71
N MET C 608 25.94 -23.28 6.31
CA MET C 608 24.72 -22.82 6.97
C MET C 608 25.03 -21.98 8.20
N GLU C 609 26.05 -22.36 8.97
CA GLU C 609 26.29 -21.71 10.25
C GLU C 609 26.84 -20.30 10.10
N VAL C 610 27.36 -19.94 8.92
CA VAL C 610 27.88 -18.58 8.73
C VAL C 610 26.76 -17.57 8.89
N SER C 611 25.60 -17.83 8.28
CA SER C 611 24.46 -16.94 8.43
C SER C 611 23.94 -16.95 9.87
N PHE C 612 23.89 -18.11 10.49
CA PHE C 612 23.38 -18.22 11.85
C PHE C 612 24.26 -19.13 12.70
N MET D 1 76.11 -5.49 -51.97
CA MET D 1 77.11 -5.09 -50.99
C MET D 1 76.39 -4.81 -49.67
N ALA D 2 77.15 -4.84 -48.56
CA ALA D 2 76.54 -4.82 -47.23
C ALA D 2 75.75 -3.53 -46.99
N GLN D 3 76.37 -2.38 -47.27
CA GLN D 3 75.67 -1.12 -47.05
C GLN D 3 74.54 -0.92 -48.05
N VAL D 4 74.66 -1.48 -49.26
CA VAL D 4 73.55 -1.43 -50.21
C VAL D 4 72.36 -2.21 -49.67
N ALA D 5 72.60 -3.39 -49.11
CA ALA D 5 71.52 -4.16 -48.51
C ALA D 5 70.94 -3.44 -47.31
N GLY D 6 71.80 -2.82 -46.50
CA GLY D 6 71.31 -2.04 -45.37
C GLY D 6 70.42 -0.89 -45.81
N ALA D 7 70.80 -0.20 -46.88
CA ALA D 7 69.97 0.87 -47.41
C ALA D 7 68.67 0.33 -47.99
N ALA D 8 68.71 -0.85 -48.61
CA ALA D 8 67.48 -1.45 -49.13
C ALA D 8 66.52 -1.77 -47.99
N LEU D 9 67.03 -2.35 -46.91
CA LEU D 9 66.20 -2.61 -45.74
C LEU D 9 65.75 -1.33 -45.08
N SER D 10 66.55 -0.27 -45.17
CA SER D 10 66.13 1.03 -44.65
C SER D 10 64.97 1.59 -45.47
N GLN D 11 65.03 1.46 -46.79
CA GLN D 11 63.93 1.88 -47.64
C GLN D 11 62.68 1.04 -47.39
N ALA D 12 62.87 -0.25 -47.10
CA ALA D 12 61.77 -1.07 -46.61
C ALA D 12 61.40 -0.72 -45.17
N GLY D 13 62.20 0.12 -44.50
CA GLY D 13 61.96 0.52 -43.15
C GLY D 13 62.81 -0.20 -42.11
N TRP D 14 63.39 -1.34 -42.47
CA TRP D 14 63.99 -2.22 -41.48
C TRP D 14 65.28 -1.65 -40.94
N TYR D 15 65.32 -1.43 -39.62
CA TYR D 15 66.49 -0.93 -38.91
C TYR D 15 66.88 -1.95 -37.86
N LEU D 16 68.08 -2.50 -37.99
CA LEU D 16 68.54 -3.57 -37.10
C LEU D 16 69.99 -3.32 -36.69
N SER D 17 70.37 -3.87 -35.55
CA SER D 17 71.74 -3.84 -35.11
C SER D 17 72.59 -4.81 -35.94
N ASP D 18 73.88 -4.51 -36.03
CA ASP D 18 74.80 -5.46 -36.67
C ASP D 18 74.76 -6.79 -35.95
N GLU D 19 75.02 -6.78 -34.64
CA GLU D 19 74.97 -8.01 -33.86
C GLU D 19 73.65 -8.74 -34.09
N GLY D 20 72.56 -7.98 -34.25
CA GLY D 20 71.30 -8.60 -34.64
C GLY D 20 71.37 -9.31 -35.98
N ILE D 21 72.02 -8.70 -36.98
CA ILE D 21 72.01 -9.31 -38.30
C ILE D 21 72.87 -10.58 -38.33
N GLU D 22 74.03 -10.57 -37.66
CA GLU D 22 74.73 -11.86 -37.64
C GLU D 22 74.21 -12.82 -36.57
N ALA D 23 73.28 -12.39 -35.71
CA ALA D 23 72.65 -13.34 -34.81
C ALA D 23 71.45 -14.02 -35.46
N CYS D 24 70.67 -13.28 -36.25
CA CYS D 24 69.49 -13.86 -36.88
C CYS D 24 69.87 -14.90 -37.93
N THR D 25 70.91 -14.63 -38.72
CA THR D 25 71.26 -15.51 -39.82
C THR D 25 71.66 -16.89 -39.32
N SER D 26 71.29 -17.91 -40.08
CA SER D 26 71.72 -19.27 -39.76
C SER D 26 73.23 -19.42 -39.94
N SER D 27 73.82 -18.62 -40.82
CA SER D 27 75.26 -18.67 -41.06
C SER D 27 75.67 -17.36 -41.73
N PRO D 28 76.87 -16.86 -41.43
CA PRO D 28 77.35 -15.65 -42.13
C PRO D 28 77.78 -15.96 -43.56
N ASP D 29 76.82 -16.28 -44.41
CA ASP D 29 77.06 -16.66 -45.80
C ASP D 29 76.38 -15.64 -46.72
N LYS D 30 76.37 -15.94 -48.02
CA LYS D 30 75.68 -15.08 -48.97
C LYS D 30 74.22 -14.95 -48.59
N VAL D 31 73.70 -13.72 -48.66
CA VAL D 31 72.35 -13.43 -48.20
C VAL D 31 71.63 -12.59 -49.23
N ASN D 32 70.29 -12.67 -49.19
CA ASN D 32 69.42 -11.87 -50.03
C ASN D 32 68.37 -11.20 -49.15
N VAL D 33 67.74 -10.18 -49.72
CA VAL D 33 66.81 -9.35 -48.94
C VAL D 33 65.65 -10.19 -48.42
N ASN D 34 65.09 -11.07 -49.25
CA ASN D 34 63.93 -11.86 -48.82
C ASN D 34 64.29 -12.79 -47.68
N ASP D 35 65.42 -13.49 -47.80
CA ASP D 35 65.79 -14.44 -46.76
C ASP D 35 66.16 -13.75 -45.47
N ILE D 36 66.86 -12.61 -45.54
CA ILE D 36 67.19 -11.92 -44.30
C ILE D 36 65.92 -11.34 -43.67
N ILE D 37 64.99 -10.85 -44.48
CA ILE D 37 63.73 -10.35 -43.95
C ILE D 37 62.98 -11.46 -43.22
N LEU D 38 62.86 -12.63 -43.85
CA LEU D 38 62.11 -13.72 -43.21
C LEU D 38 62.81 -14.23 -41.96
N ILE D 39 64.15 -14.31 -41.99
CA ILE D 39 64.86 -14.83 -40.84
C ILE D 39 64.83 -13.85 -39.67
N ALA D 40 64.81 -12.54 -39.95
CA ALA D 40 64.64 -11.58 -38.88
C ALA D 40 63.20 -11.53 -38.39
N LEU D 41 62.25 -11.75 -39.29
CA LEU D 41 60.84 -11.84 -38.90
C LEU D 41 60.60 -13.03 -37.98
N ASN D 42 61.32 -14.13 -38.19
CA ASN D 42 61.22 -15.25 -37.26
C ASN D 42 61.70 -14.85 -35.87
N THR D 43 62.79 -14.09 -35.80
CA THR D 43 63.42 -13.77 -34.52
C THR D 43 62.61 -12.71 -33.76
N ASP D 44 62.88 -12.63 -32.46
CA ASP D 44 62.25 -11.63 -31.62
C ASP D 44 62.87 -10.25 -31.87
N LEU D 45 62.08 -9.22 -31.63
CA LEU D 45 62.56 -7.85 -31.81
C LEU D 45 63.33 -7.33 -30.61
N ARG D 46 63.18 -7.95 -29.44
CA ARG D 46 63.79 -7.41 -28.23
C ARG D 46 65.31 -7.31 -28.38
N THR D 47 65.94 -8.31 -28.97
CA THR D 47 67.38 -8.33 -29.11
C THR D 47 67.88 -7.77 -30.44
N ILE D 48 67.01 -7.64 -31.44
CA ILE D 48 67.45 -7.23 -32.76
C ILE D 48 67.11 -5.77 -33.09
N GLY D 49 66.20 -5.15 -32.34
CA GLY D 49 65.84 -3.77 -32.59
C GLY D 49 66.87 -2.80 -32.06
N LYS D 50 67.52 -2.05 -32.94
CA LYS D 50 68.53 -1.09 -32.54
C LYS D 50 67.85 0.21 -32.13
N LYS D 51 68.65 1.22 -31.81
CA LYS D 51 68.12 2.53 -31.40
C LYS D 51 67.77 3.30 -32.66
N PHE D 52 66.49 3.21 -33.07
CA PHE D 52 66.02 3.91 -34.25
C PHE D 52 64.85 4.83 -33.98
N LEU D 53 64.39 4.95 -32.74
CA LEU D 53 63.45 6.00 -32.44
C LEU D 53 64.14 7.15 -31.71
N PRO D 54 63.76 8.40 -31.98
CA PRO D 54 64.51 9.53 -31.44
C PRO D 54 64.20 9.82 -29.98
N SER D 55 63.56 8.86 -29.30
CA SER D 55 63.14 9.02 -27.91
C SER D 55 62.19 10.21 -27.80
N ASP D 56 61.95 10.68 -26.58
CA ASP D 56 61.00 11.76 -26.29
C ASP D 56 59.61 11.44 -26.81
N ILE D 57 59.33 10.17 -27.13
CA ILE D 57 58.09 9.82 -27.80
C ILE D 57 56.91 9.97 -26.85
N ASN D 58 57.09 9.60 -25.59
CA ASN D 58 55.99 9.67 -24.63
C ASN D 58 55.51 11.11 -24.43
N SER D 59 56.44 12.06 -24.35
CA SER D 59 56.06 13.44 -24.18
C SER D 59 55.51 14.02 -25.48
N GLY D 60 54.88 15.18 -25.37
CA GLY D 60 54.24 15.82 -26.49
C GLY D 60 55.14 16.60 -27.41
N LYS D 61 56.45 16.62 -27.14
CA LYS D 61 57.37 17.34 -28.01
C LYS D 61 57.39 16.74 -29.41
N VAL D 62 57.39 15.41 -29.51
CA VAL D 62 57.34 14.76 -30.82
C VAL D 62 56.02 15.05 -31.49
N GLU D 63 56.06 15.19 -32.82
CA GLU D 63 54.88 15.63 -33.57
C GLU D 63 54.58 14.81 -34.82
N LYS D 64 55.55 14.09 -35.39
CA LYS D 64 55.30 13.34 -36.60
C LYS D 64 56.49 12.43 -36.87
N LEU D 65 56.24 11.35 -37.62
CA LEU D 65 57.28 10.43 -38.04
C LEU D 65 57.28 10.32 -39.56
N GLU D 66 58.45 10.57 -40.16
CA GLU D 66 58.65 10.48 -41.60
C GLU D 66 59.26 9.14 -41.97
N GLY D 67 59.29 8.88 -43.28
CA GLY D 67 60.06 7.79 -43.83
C GLY D 67 59.55 6.42 -43.46
N PRO D 68 60.13 5.38 -44.08
CA PRO D 68 59.76 4.00 -43.73
C PRO D 68 60.40 3.59 -42.41
N CYS D 69 59.58 3.10 -41.50
CA CYS D 69 60.03 2.65 -40.20
C CYS D 69 59.41 1.29 -39.89
N VAL D 70 60.00 0.59 -38.93
CA VAL D 70 59.58 -0.76 -38.58
C VAL D 70 59.32 -0.82 -37.08
N LEU D 71 58.15 -1.32 -36.69
CA LEU D 71 57.78 -1.44 -35.30
C LEU D 71 57.12 -2.79 -35.07
N GLN D 72 56.75 -3.04 -33.80
CA GLN D 72 56.06 -4.26 -33.43
C GLN D 72 54.91 -3.90 -32.51
N ILE D 73 53.97 -4.83 -32.34
CA ILE D 73 52.87 -4.67 -31.39
C ILE D 73 52.92 -5.83 -30.41
N GLN D 74 52.96 -5.51 -29.12
CA GLN D 74 53.11 -6.56 -28.11
C GLN D 74 51.77 -7.00 -27.54
N LYS D 75 51.03 -6.09 -26.91
CA LYS D 75 49.69 -6.37 -26.41
C LYS D 75 48.69 -5.45 -27.09
N ILE D 76 47.48 -5.98 -27.32
CA ILE D 76 46.39 -5.26 -27.94
C ILE D 76 45.18 -5.37 -27.02
N ARG D 77 44.54 -4.23 -26.74
CA ARG D 77 43.30 -4.20 -25.99
C ARG D 77 42.36 -3.19 -26.62
N ASN D 78 41.06 -3.46 -26.52
CA ASN D 78 40.05 -2.55 -27.05
C ASN D 78 39.69 -1.56 -25.97
N VAL D 79 40.19 -0.32 -26.11
CA VAL D 79 39.87 0.74 -25.17
C VAL D 79 38.46 1.25 -25.36
N ALA D 80 37.80 0.90 -26.46
CA ALA D 80 36.45 1.38 -26.75
C ALA D 80 35.38 0.44 -26.21
N ALA D 81 35.76 -0.57 -25.46
CA ALA D 81 34.82 -1.55 -24.90
C ALA D 81 35.10 -1.76 -23.42
N PRO D 82 34.08 -2.15 -22.65
CA PRO D 82 34.32 -2.48 -21.24
C PRO D 82 35.20 -3.71 -21.06
N LYS D 83 35.47 -4.08 -19.82
CA LYS D 83 36.30 -5.25 -19.52
C LYS D 83 35.48 -6.49 -19.19
N ASP D 84 34.39 -6.34 -18.43
CA ASP D 84 33.54 -7.48 -18.14
C ASP D 84 32.88 -8.02 -19.41
N ASN D 85 32.35 -7.11 -20.25
CA ASN D 85 31.80 -7.50 -21.54
C ASN D 85 32.86 -7.26 -22.63
N GLU D 86 33.88 -8.11 -22.59
CA GLU D 86 35.04 -7.94 -23.46
C GLU D 86 34.69 -8.06 -24.93
N GLU D 87 33.57 -8.70 -25.26
CA GLU D 87 33.16 -8.90 -26.65
C GLU D 87 31.80 -8.28 -26.90
N SER D 88 31.59 -7.07 -26.41
CA SER D 88 30.35 -6.34 -26.65
C SER D 88 30.49 -5.46 -27.88
N GLN D 89 29.44 -5.45 -28.71
CA GLN D 89 29.43 -4.67 -29.94
C GLN D 89 28.63 -3.38 -29.79
N ALA D 90 28.54 -2.85 -28.57
CA ALA D 90 27.77 -1.63 -28.34
C ALA D 90 28.41 -0.40 -28.98
N ALA D 91 29.68 -0.48 -29.38
CA ALA D 91 30.39 0.64 -29.96
C ALA D 91 31.17 0.16 -31.18
N PRO D 92 31.43 1.06 -32.14
CA PRO D 92 32.36 0.72 -33.22
C PRO D 92 33.73 0.41 -32.65
N ARG D 93 34.38 -0.59 -33.24
CA ARG D 93 35.65 -1.06 -32.73
C ARG D 93 36.73 -0.02 -32.92
N MET D 94 37.53 0.21 -31.88
CA MET D 94 38.60 1.20 -31.92
C MET D 94 39.66 0.73 -30.92
N LEU D 95 40.74 0.16 -31.44
CA LEU D 95 41.76 -0.47 -30.63
C LEU D 95 42.87 0.51 -30.28
N ARG D 96 43.63 0.14 -29.24
CA ARG D 96 44.92 0.75 -28.97
C ARG D 96 45.95 -0.36 -28.91
N LEU D 97 47.12 -0.09 -29.47
CA LEU D 97 48.17 -1.09 -29.63
C LEU D 97 49.41 -0.62 -28.89
N GLN D 98 49.99 -1.53 -28.10
CA GLN D 98 51.22 -1.26 -27.37
C GLN D 98 52.38 -1.52 -28.33
N MET D 99 52.85 -0.46 -28.96
CA MET D 99 53.82 -0.55 -30.04
C MET D 99 55.23 -0.45 -29.47
N THR D 100 56.05 -1.43 -29.78
CA THR D 100 57.40 -1.54 -29.25
C THR D 100 58.44 -1.49 -30.37
N ASP D 101 59.66 -1.14 -29.97
CA ASP D 101 60.79 -1.05 -30.88
C ASP D 101 62.01 -1.80 -30.38
N GLY D 102 61.90 -2.53 -29.26
CA GLY D 102 63.06 -3.05 -28.57
C GLY D 102 63.66 -2.10 -27.55
N HIS D 103 63.15 -0.87 -27.46
CA HIS D 103 63.63 0.11 -26.52
C HIS D 103 62.52 0.74 -25.69
N ILE D 104 61.34 0.96 -26.27
CA ILE D 104 60.27 1.69 -25.60
C ILE D 104 58.93 1.20 -26.13
N SER D 105 57.90 1.29 -25.29
CA SER D 105 56.54 0.94 -25.66
C SER D 105 55.69 2.21 -25.64
N CYS D 106 55.02 2.48 -26.75
CA CYS D 106 54.15 3.63 -26.92
C CYS D 106 52.75 3.16 -27.29
N THR D 107 51.84 4.11 -27.47
CA THR D 107 50.44 3.82 -27.74
C THR D 107 50.08 4.26 -29.15
N ALA D 108 49.57 3.33 -29.95
CA ALA D 108 49.08 3.62 -31.29
C ALA D 108 47.57 3.36 -31.30
N VAL D 109 46.79 4.42 -31.47
CA VAL D 109 45.34 4.33 -31.47
C VAL D 109 44.86 4.16 -32.90
N GLU D 110 43.94 3.22 -33.11
CA GLU D 110 43.41 2.96 -34.45
C GLU D 110 42.39 4.03 -34.78
N PHE D 111 42.72 4.91 -35.72
CA PHE D 111 41.87 6.05 -36.05
C PHE D 111 40.94 5.78 -37.22
N SER D 112 41.27 4.82 -38.08
CA SER D 112 40.44 4.48 -39.22
C SER D 112 40.03 3.01 -39.13
N TYR D 113 38.82 2.72 -39.59
CA TYR D 113 38.32 1.35 -39.55
C TYR D 113 39.22 0.42 -40.35
N MET D 114 39.45 -0.77 -39.80
CA MET D 114 40.38 -1.72 -40.38
C MET D 114 39.99 -3.12 -39.96
N SER D 115 40.27 -4.10 -40.82
CA SER D 115 39.90 -5.49 -40.57
C SER D 115 41.05 -6.47 -40.69
N LYS D 116 42.15 -6.13 -41.34
CA LYS D 116 43.26 -7.07 -41.50
C LYS D 116 43.98 -7.39 -40.20
N ILE D 117 43.71 -6.67 -39.12
CA ILE D 117 44.20 -7.00 -37.80
C ILE D 117 43.05 -6.89 -36.81
N SER D 118 42.84 -7.91 -36.00
CA SER D 118 41.71 -8.00 -35.10
C SER D 118 42.18 -8.10 -33.66
N LEU D 119 41.22 -8.30 -32.75
CA LEU D 119 41.55 -8.45 -31.33
C LEU D 119 42.42 -9.69 -31.10
N ASN D 120 42.05 -10.80 -31.72
CA ASN D 120 42.81 -12.04 -31.57
C ASN D 120 44.00 -12.06 -32.53
N THR D 121 44.77 -10.98 -32.53
CA THR D 121 45.95 -10.87 -33.38
C THR D 121 47.14 -11.55 -32.70
N PRO D 122 47.92 -12.31 -33.46
CA PRO D 122 49.15 -12.89 -32.91
C PRO D 122 50.05 -11.80 -32.36
N PRO D 123 50.35 -11.83 -31.07
CA PRO D 123 51.19 -10.78 -30.48
C PRO D 123 52.62 -10.86 -31.00
N GLY D 124 53.28 -9.72 -30.97
CA GLY D 124 54.62 -9.61 -31.51
C GLY D 124 54.68 -9.53 -33.01
N THR D 125 53.55 -9.25 -33.66
CA THR D 125 53.51 -9.20 -35.12
C THR D 125 54.22 -7.95 -35.64
N LYS D 126 54.83 -8.08 -36.81
CA LYS D 126 55.62 -7.04 -37.41
C LYS D 126 54.77 -6.02 -38.15
N VAL D 127 55.10 -4.73 -38.00
CA VAL D 127 54.36 -3.66 -38.67
C VAL D 127 55.33 -2.66 -39.28
N LYS D 128 54.92 -2.08 -40.40
CA LYS D 128 55.69 -1.07 -41.13
C LYS D 128 54.92 0.22 -41.16
N LEU D 129 55.64 1.33 -41.04
CA LEU D 129 55.09 2.68 -40.88
C LEU D 129 55.65 3.61 -41.94
N SER D 130 55.61 3.19 -43.19
CA SER D 130 56.22 3.96 -44.27
C SER D 130 55.50 5.30 -44.47
N GLY D 131 56.29 6.34 -44.72
CA GLY D 131 55.75 7.63 -45.11
C GLY D 131 55.29 8.52 -43.97
N ILE D 132 53.99 8.67 -43.84
CA ILE D 132 53.38 9.61 -42.90
C ILE D 132 52.96 8.86 -41.65
N VAL D 133 53.41 9.33 -40.48
CA VAL D 133 52.92 8.82 -39.20
C VAL D 133 52.54 10.00 -38.34
N ASP D 134 51.26 10.10 -37.99
CA ASP D 134 50.73 11.23 -37.24
C ASP D 134 50.89 10.96 -35.75
N ILE D 135 51.85 11.64 -35.14
CA ILE D 135 52.08 11.56 -33.70
C ILE D 135 51.51 12.83 -33.09
N LYS D 136 50.32 12.72 -32.49
CA LYS D 136 49.61 13.94 -32.12
C LYS D 136 50.12 14.52 -30.80
N ASN D 137 49.97 13.78 -29.70
CA ASN D 137 50.40 14.25 -28.39
C ASN D 137 51.53 13.37 -27.86
N GLY D 138 52.37 12.89 -28.76
CA GLY D 138 53.29 11.83 -28.43
C GLY D 138 52.75 10.43 -28.65
N PHE D 139 51.47 10.31 -29.01
CA PHE D 139 50.85 9.04 -29.30
C PHE D 139 50.51 8.95 -30.78
N LEU D 140 50.61 7.75 -31.33
CA LEU D 140 50.53 7.53 -32.76
C LEU D 140 49.10 7.27 -33.17
N LEU D 141 48.73 7.73 -34.37
CA LEU D 141 47.42 7.46 -34.94
C LEU D 141 47.58 6.59 -36.17
N LEU D 142 46.87 5.47 -36.20
CA LEU D 142 46.98 4.52 -37.30
C LEU D 142 46.36 5.12 -38.57
N ASN D 143 46.65 4.45 -39.69
CA ASN D 143 46.01 4.77 -40.96
C ASN D 143 46.07 3.54 -41.83
N ASP D 144 45.20 3.51 -42.84
CA ASP D 144 45.11 2.37 -43.73
C ASP D 144 46.10 2.41 -44.88
N SER D 145 46.91 3.47 -44.98
CA SER D 145 47.86 3.62 -46.07
C SER D 145 49.32 3.49 -45.63
N ASN D 146 49.63 3.78 -44.38
CA ASN D 146 51.01 3.70 -43.88
C ASN D 146 51.22 2.55 -42.92
N THR D 147 50.40 2.45 -41.87
CA THR D 147 50.50 1.37 -40.90
C THR D 147 50.06 0.08 -41.58
N THR D 148 51.03 -0.76 -41.93
CA THR D 148 50.75 -2.02 -42.63
C THR D 148 51.40 -3.16 -41.85
N VAL D 149 50.59 -4.09 -41.37
CA VAL D 149 51.13 -5.25 -40.67
C VAL D 149 51.59 -6.29 -41.69
N LEU D 150 52.86 -6.68 -41.58
CA LEU D 150 53.48 -7.60 -42.52
C LEU D 150 53.39 -9.05 -42.08
N GLY D 151 52.76 -9.31 -40.95
CA GLY D 151 52.74 -10.65 -40.39
C GLY D 151 54.05 -10.98 -39.71
N GLY D 152 54.07 -12.15 -39.08
CA GLY D 152 55.28 -12.60 -38.42
C GLY D 152 54.99 -13.62 -37.35
N GLU D 153 56.03 -14.40 -37.03
CA GLU D 153 55.97 -15.38 -35.96
C GLU D 153 57.12 -15.15 -34.99
N VAL D 154 56.80 -15.11 -33.71
CA VAL D 154 57.78 -14.96 -32.63
C VAL D 154 57.44 -16.01 -31.58
N GLU D 155 58.40 -16.29 -30.70
CA GLU D 155 58.15 -17.18 -29.57
C GLU D 155 56.93 -16.68 -28.79
N HIS D 156 55.89 -17.49 -28.78
CA HIS D 156 54.58 -17.07 -28.27
C HIS D 156 54.59 -17.13 -26.74
N LEU D 157 55.06 -16.04 -26.13
CA LEU D 157 55.03 -15.92 -24.68
C LEU D 157 53.62 -15.75 -24.12
N ILE D 158 52.63 -15.50 -24.97
CA ILE D 158 51.30 -15.16 -24.47
C ILE D 158 50.44 -16.40 -24.27
N GLU D 159 50.58 -17.40 -25.16
CA GLU D 159 49.67 -18.55 -25.23
C GLU D 159 48.23 -18.13 -24.98
N LYS D 160 47.86 -16.94 -25.47
CA LYS D 160 46.53 -16.36 -25.33
C LYS D 160 46.26 -15.97 -23.88
N TRP D 161 47.18 -16.31 -22.98
CA TRP D 161 46.98 -16.04 -21.55
C TRP D 161 47.94 -14.99 -21.02
#